data_6GMQ
#
_entry.id   6GMQ
#
_cell.length_a   93.830
_cell.length_b   93.830
_cell.length_c   363.820
_cell.angle_alpha   90.000
_cell.angle_beta   90.000
_cell.angle_gamma   90.000
#
_symmetry.space_group_name_H-M   'P 41 2 2'
#
loop_
_entity.id
_entity.type
_entity.pdbx_description
1 polymer Elongin-B
2 polymer Elongin-C
3 polymer 'von Hippel-Lindau disease tumor suppressor'
4 polymer Elongin-C
5 non-polymer 'ACETATE ION'
6 non-polymer (4-pyrrol-1-ylphenyl)methanol
7 non-polymer 'ISOPROPYL ALCOHOL'
8 water water
#
loop_
_entity_poly.entity_id
_entity_poly.type
_entity_poly.pdbx_seq_one_letter_code
_entity_poly.pdbx_strand_id
1 'polypeptide(L)'
;MDVFLMIRRHKTTIFTDAKESSTVFELKRIVEGILKRPPDEQRLYKDDQLLDDGKTLGE(CAS)GFTSQTARPQAPATVG
LAFRADDTFEAL(CAS)IEPFSSPPELPDVMK
;
A,D,G,J
2 'polypeptide(L)'
;MMYVKLISSDGHEFIVKREHALTSGTIKAMLSGPGQFAENETNEVNFREIPSHVLSKVCMYFTYKVRYTNSSTEIPEFPI
APEIALELLMAANFLD(CAS)
;
B,E
3 'polypeptide(L)'
;GSMEAGRPRPVLRSVNSREPSQVIF(CAS)NRSPRVVLPVWLNFDGEPQPYPTLPPGTGRRIHSYRGHLWLFRDAGTHDG
LLVNQTELFVPSLNVDGQPIFANITLPVYTLKERCLQVVRSLVKPENYRRLDIVRSLYEDLEDHPNVQKDLERLTQERIA
HQRMGD
;
C,F,I,L
4 'polypeptide(L)'
;MMYVKLISSDGHEFIVKREHALTSGTIKAMLSGPGQFAENETNEVNFREIPSHVLSKVCMYFTYKVRYTNSSTEIPEFPI
APEIALELLMAANFLDC
;
H,K
#
loop_
_chem_comp.id
_chem_comp.type
_chem_comp.name
_chem_comp.formula
ACT non-polymer 'ACETATE ION' 'C2 H3 O2 -1'
F4K non-polymer (4-pyrrol-1-ylphenyl)methanol 'C11 H11 N O'
IPA non-polymer 'ISOPROPYL ALCOHOL' 'C3 H8 O'
#
# COMPACT_ATOMS: atom_id res chain seq x y z
N MET A 1 -3.26 -42.29 4.50
CA MET A 1 -3.74 -40.98 4.05
C MET A 1 -5.03 -41.13 3.23
N ASP A 2 -6.10 -40.43 3.66
CA ASP A 2 -7.37 -40.48 2.95
C ASP A 2 -7.40 -39.53 1.76
N VAL A 3 -7.97 -40.03 0.66
CA VAL A 3 -8.26 -39.25 -0.53
C VAL A 3 -9.78 -39.28 -0.68
N PHE A 4 -10.37 -38.17 -1.09
CA PHE A 4 -11.83 -38.05 -1.14
C PHE A 4 -12.30 -37.87 -2.57
N LEU A 5 -13.27 -38.68 -2.96
CA LEU A 5 -13.54 -38.90 -4.37
C LEU A 5 -15.02 -38.73 -4.67
N MET A 6 -15.29 -38.39 -5.92
CA MET A 6 -16.59 -38.54 -6.58
C MET A 6 -16.36 -39.50 -7.74
N ILE A 7 -16.93 -40.69 -7.66
CA ILE A 7 -16.92 -41.62 -8.78
C ILE A 7 -18.17 -41.32 -9.59
N ARG A 8 -17.98 -40.94 -10.85
CA ARG A 8 -19.06 -40.35 -11.65
C ARG A 8 -19.19 -41.05 -13.00
N ARG A 9 -20.40 -41.47 -13.28
CA ARG A 9 -20.77 -41.99 -14.59
C ARG A 9 -22.20 -41.54 -14.84
N HIS A 10 -22.46 -40.97 -16.01
CA HIS A 10 -23.82 -40.63 -16.46
C HIS A 10 -24.45 -39.61 -15.51
N LYS A 11 -25.52 -39.96 -14.80
CA LYS A 11 -26.11 -39.11 -13.77
C LYS A 11 -25.89 -39.71 -12.39
N THR A 12 -24.95 -40.64 -12.28
CA THR A 12 -24.57 -41.24 -11.00
C THR A 12 -23.32 -40.56 -10.46
N THR A 13 -23.31 -40.27 -9.15
CA THR A 13 -22.13 -39.73 -8.49
C THR A 13 -22.03 -40.37 -7.10
N ILE A 14 -20.96 -41.13 -6.88
CA ILE A 14 -20.70 -41.80 -5.60
C ILE A 14 -19.70 -40.95 -4.82
N PHE A 15 -20.06 -40.55 -3.61
CA PHE A 15 -19.12 -39.91 -2.69
C PHE A 15 -18.55 -40.98 -1.77
N THR A 16 -17.24 -41.23 -1.86
CA THR A 16 -16.58 -42.17 -0.95
C THR A 16 -15.15 -41.70 -0.73
N ASP A 17 -14.43 -42.40 0.15
CA ASP A 17 -13.02 -42.10 0.36
C ASP A 17 -12.24 -43.39 0.26
N ALA A 18 -10.92 -43.25 0.16
CA ALA A 18 -9.99 -44.39 0.07
C ALA A 18 -8.61 -43.92 0.48
N LYS A 19 -7.69 -44.86 0.54
CA LYS A 19 -6.30 -44.55 0.84
C LYS A 19 -5.54 -44.28 -0.46
N GLU A 20 -4.53 -43.41 -0.36
CA GLU A 20 -3.59 -43.29 -1.47
C GLU A 20 -2.99 -44.65 -1.85
N SER A 21 -2.78 -45.53 -0.86
CA SER A 21 -2.14 -46.84 -1.14
C SER A 21 -3.09 -47.86 -1.73
N SER A 22 -4.40 -47.69 -1.62
CA SER A 22 -5.37 -48.62 -2.21
C SER A 22 -5.31 -48.58 -3.74
N THR A 23 -5.80 -49.64 -4.35
CA THR A 23 -5.62 -49.74 -5.79
C THR A 23 -6.90 -49.46 -6.54
N VAL A 24 -6.71 -49.13 -7.82
CA VAL A 24 -7.82 -48.93 -8.73
C VAL A 24 -8.78 -50.11 -8.64
N PHE A 25 -8.23 -51.33 -8.61
CA PHE A 25 -9.08 -52.52 -8.52
C PHE A 25 -9.89 -52.49 -7.21
N GLU A 26 -9.21 -52.22 -6.10
CA GLU A 26 -9.95 -52.07 -4.85
C GLU A 26 -10.98 -50.95 -4.93
N LEU A 27 -10.70 -49.86 -5.65
CA LEU A 27 -11.74 -48.86 -5.84
C LEU A 27 -12.91 -49.45 -6.61
N LYS A 28 -12.61 -50.25 -7.65
CA LYS A 28 -13.67 -50.93 -8.40
C LYS A 28 -14.50 -51.87 -7.53
N ARG A 29 -13.86 -52.51 -6.53
CA ARG A 29 -14.63 -53.37 -5.62
C ARG A 29 -15.63 -52.56 -4.83
N ILE A 30 -15.22 -51.34 -4.42
CA ILE A 30 -16.13 -50.42 -3.75
C ILE A 30 -17.30 -50.06 -4.67
N VAL A 31 -17.00 -49.79 -5.95
CA VAL A 31 -18.09 -49.52 -6.89
C VAL A 31 -19.01 -50.73 -6.97
N GLU A 32 -18.43 -51.94 -6.91
CA GLU A 32 -19.25 -53.13 -7.01
C GLU A 32 -20.26 -53.20 -5.88
N GLY A 33 -19.82 -52.93 -4.65
CA GLY A 33 -20.74 -53.03 -3.53
C GLY A 33 -21.92 -52.09 -3.63
N ILE A 34 -21.80 -51.01 -4.40
CA ILE A 34 -22.84 -50.00 -4.44
C ILE A 34 -23.67 -50.21 -5.68
N LEU A 35 -23.05 -50.19 -6.84
CA LEU A 35 -23.83 -50.30 -8.08
C LEU A 35 -24.03 -51.74 -8.53
N LYS A 36 -23.51 -52.71 -7.79
CA LYS A 36 -23.69 -54.15 -8.09
C LYS A 36 -23.29 -54.49 -9.53
N ARG A 37 -22.02 -54.23 -9.84
CA ARG A 37 -21.46 -54.50 -11.16
C ARG A 37 -20.02 -54.94 -10.94
N PRO A 38 -19.58 -56.01 -11.60
CA PRO A 38 -18.28 -56.59 -11.29
C PRO A 38 -17.15 -55.72 -11.84
N PRO A 39 -15.96 -55.78 -11.23
CA PRO A 39 -14.81 -55.00 -11.74
C PRO A 39 -14.50 -55.19 -13.22
N ASP A 40 -14.60 -56.41 -13.74
CA ASP A 40 -14.27 -56.61 -15.15
C ASP A 40 -15.27 -55.97 -16.07
N GLU A 41 -16.35 -55.42 -15.53
CA GLU A 41 -17.35 -54.67 -16.28
C GLU A 41 -17.29 -53.18 -15.94
N GLN A 42 -16.15 -52.72 -15.41
CA GLN A 42 -15.90 -51.34 -15.03
C GLN A 42 -14.58 -50.87 -15.60
N ARG A 43 -14.56 -49.63 -16.10
CA ARG A 43 -13.32 -48.92 -16.39
C ARG A 43 -13.35 -47.60 -15.62
N LEU A 44 -12.24 -47.29 -14.95
CA LEU A 44 -12.10 -46.06 -14.19
C LEU A 44 -11.11 -45.13 -14.87
N TYR A 45 -11.45 -43.85 -14.90
CA TYR A 45 -10.66 -42.83 -15.57
C TYR A 45 -10.35 -41.71 -14.61
N LYS A 46 -9.17 -41.13 -14.78
CA LYS A 46 -8.82 -39.81 -14.27
C LYS A 46 -8.84 -38.94 -15.52
N ASP A 47 -9.86 -38.09 -15.63
CA ASP A 47 -10.17 -37.32 -16.85
C ASP A 47 -10.34 -38.33 -17.98
N ASP A 48 -9.62 -38.20 -19.09
CA ASP A 48 -9.79 -39.12 -20.20
C ASP A 48 -8.85 -40.32 -20.12
N GLN A 49 -8.04 -40.36 -19.08
CA GLN A 49 -6.98 -41.33 -18.92
C GLN A 49 -7.50 -42.61 -18.26
N LEU A 50 -7.37 -43.75 -18.96
CA LEU A 50 -7.84 -45.02 -18.42
C LEU A 50 -6.90 -45.52 -17.32
N LEU A 51 -7.47 -45.91 -16.18
CA LEU A 51 -6.68 -46.27 -15.00
C LEU A 51 -6.50 -47.79 -14.92
N ASP A 52 -5.25 -48.22 -14.68
CA ASP A 52 -4.87 -49.65 -14.54
C ASP A 52 -5.12 -50.19 -13.14
N ASP A 53 -5.69 -51.41 -13.09
CA ASP A 53 -6.13 -52.03 -11.83
C ASP A 53 -5.04 -52.04 -10.75
N GLY A 54 -3.80 -52.39 -11.10
CA GLY A 54 -2.76 -52.56 -10.09
C GLY A 54 -2.14 -51.29 -9.54
N LYS A 55 -2.45 -50.15 -10.14
CA LYS A 55 -1.85 -48.89 -9.72
C LYS A 55 -2.58 -48.32 -8.50
N THR A 56 -1.83 -47.65 -7.61
CA THR A 56 -2.48 -47.07 -6.45
C THR A 56 -3.05 -45.71 -6.82
N LEU A 57 -4.11 -45.34 -6.11
CA LEU A 57 -4.71 -44.05 -6.34
C LEU A 57 -3.68 -42.94 -6.24
N GLY A 58 -2.69 -43.08 -5.35
CA GLY A 58 -1.64 -42.09 -5.24
C GLY A 58 -0.83 -41.95 -6.52
N GLU A 59 -0.44 -43.07 -7.13
CA GLU A 59 0.32 -43.00 -8.37
C GLU A 59 -0.53 -42.37 -9.50
N CAS A 60 -1.85 -42.57 -9.45
CA CAS A 60 -2.73 -41.98 -10.45
CB CAS A 60 -4.05 -42.74 -10.63
C CAS A 60 -3.05 -40.57 -10.07
O CAS A 60 -3.96 -39.95 -10.67
SG CAS A 60 -3.69 -44.42 -11.03
AS CAS A 60 -2.44 -44.33 -12.96
CE1 CAS A 60 -0.44 -43.98 -12.99
CE2 CAS A 60 -3.22 -44.64 -14.76
N GLY A 61 -2.33 -40.06 -9.09
CA GLY A 61 -2.44 -38.67 -8.70
C GLY A 61 -3.63 -38.28 -7.87
N PHE A 62 -4.26 -39.23 -7.20
CA PHE A 62 -5.27 -38.92 -6.20
C PHE A 62 -4.54 -38.85 -4.88
N THR A 63 -4.30 -37.64 -4.41
CA THR A 63 -3.47 -37.35 -3.25
C THR A 63 -4.25 -36.55 -2.21
N SER A 64 -3.81 -36.62 -0.96
CA SER A 64 -4.46 -35.86 0.12
C SER A 64 -4.62 -34.38 -0.23
N GLN A 65 -3.75 -33.83 -1.09
CA GLN A 65 -3.78 -32.40 -1.34
C GLN A 65 -4.80 -32.02 -2.39
N THR A 66 -5.09 -32.92 -3.33
CA THR A 66 -6.01 -32.66 -4.45
C THR A 66 -7.38 -33.31 -4.31
N ALA A 67 -7.50 -34.36 -3.49
CA ALA A 67 -8.77 -35.03 -3.23
C ALA A 67 -9.21 -34.73 -1.79
N ARG A 68 -9.65 -33.51 -1.57
CA ARG A 68 -9.97 -33.07 -0.22
C ARG A 68 -11.46 -33.30 0.10
N PRO A 69 -11.85 -33.28 1.37
CA PRO A 69 -13.26 -33.58 1.70
C PRO A 69 -14.25 -32.53 1.19
N GLN A 70 -13.94 -31.25 1.33
CA GLN A 70 -14.76 -30.19 0.77
C GLN A 70 -14.57 -30.01 -0.73
N ALA A 71 -13.63 -30.73 -1.34
CA ALA A 71 -13.32 -30.57 -2.77
C ALA A 71 -12.80 -31.89 -3.32
N PRO A 72 -13.69 -32.86 -3.52
CA PRO A 72 -13.24 -34.20 -3.93
C PRO A 72 -12.79 -34.26 -5.38
N ALA A 73 -11.95 -35.24 -5.66
CA ALA A 73 -11.46 -35.49 -7.00
C ALA A 73 -12.43 -36.37 -7.75
N THR A 74 -12.56 -36.11 -9.03
CA THR A 74 -13.49 -36.87 -9.81
C THR A 74 -12.78 -38.09 -10.40
N VAL A 75 -13.45 -39.24 -10.32
CA VAL A 75 -13.02 -40.47 -10.98
C VAL A 75 -14.12 -40.84 -11.95
N GLY A 76 -13.78 -40.96 -13.24
CA GLY A 76 -14.76 -41.38 -14.22
C GLY A 76 -15.01 -42.88 -14.17
N LEU A 77 -16.24 -43.27 -14.48
CA LEU A 77 -16.70 -44.65 -14.45
C LEU A 77 -17.40 -44.96 -15.76
N ALA A 78 -17.08 -46.11 -16.33
CA ALA A 78 -17.65 -46.61 -17.58
C ALA A 78 -17.95 -48.08 -17.38
N PHE A 79 -19.17 -48.48 -17.74
CA PHE A 79 -19.61 -49.87 -17.75
C PHE A 79 -19.44 -50.52 -19.13
N ARG A 80 -19.45 -51.86 -19.15
CA ARG A 80 -19.64 -52.65 -20.36
C ARG A 80 -20.92 -53.47 -20.25
N ALA A 81 -21.60 -53.65 -21.38
CA ALA A 81 -22.86 -54.43 -21.36
C ALA A 81 -22.82 -55.58 -22.38
N ASP A 83 -21.45 -56.92 -24.41
CA ASP A 83 -20.06 -57.46 -24.36
C ASP A 83 -19.08 -56.35 -24.76
N THR A 84 -19.56 -55.12 -24.88
CA THR A 84 -18.67 -53.99 -25.30
C THR A 84 -18.74 -52.88 -24.25
N PHE A 85 -17.65 -52.14 -24.07
CA PHE A 85 -17.60 -51.03 -23.09
C PHE A 85 -18.12 -49.75 -23.72
N GLU A 86 -19.06 -49.11 -23.06
CA GLU A 86 -19.55 -47.82 -23.50
C GLU A 86 -18.42 -46.79 -23.43
N ALA A 87 -18.56 -45.70 -24.18
CA ALA A 87 -17.59 -44.63 -23.98
C ALA A 87 -17.79 -44.01 -22.61
N LEU A 88 -16.75 -43.34 -22.12
CA LEU A 88 -16.88 -42.66 -20.84
C LEU A 88 -17.77 -41.45 -21.01
N CAS A 89 -18.87 -41.42 -20.24
CA CAS A 89 -19.79 -40.30 -20.29
CB CAS A 89 -21.06 -40.70 -21.06
C CAS A 89 -20.14 -39.83 -18.91
O CAS A 89 -20.67 -40.64 -18.12
SG CAS A 89 -22.57 -40.08 -20.33
AS CAS A 89 -22.85 -38.41 -21.72
CE1 CAS A 89 -24.73 -37.92 -22.21
CE2 CAS A 89 -21.29 -37.43 -22.47
N ILE A 90 -19.90 -38.56 -18.61
CA ILE A 90 -20.32 -38.00 -17.31
C ILE A 90 -21.25 -36.77 -17.55
N GLU A 91 -22.50 -36.88 -17.17
CA GLU A 91 -23.42 -35.76 -17.38
C GLU A 91 -23.13 -34.65 -16.39
N PRO A 92 -22.95 -33.41 -16.84
CA PRO A 92 -22.61 -32.32 -15.92
C PRO A 92 -23.76 -31.92 -14.99
N PHE A 93 -23.38 -31.28 -13.89
CA PHE A 93 -24.41 -30.79 -12.99
C PHE A 93 -25.11 -29.59 -13.62
N SER A 94 -26.31 -29.30 -13.11
CA SER A 94 -27.09 -28.16 -13.60
C SER A 94 -26.28 -26.84 -13.47
N SER A 95 -26.73 -25.79 -14.20
CA SER A 95 -25.97 -24.55 -14.13
C SER A 95 -26.64 -23.54 -13.22
N PRO A 96 -25.86 -22.80 -12.44
CA PRO A 96 -26.47 -21.83 -11.51
C PRO A 96 -27.12 -20.69 -12.29
N PRO A 97 -28.15 -20.06 -11.71
CA PRO A 97 -28.76 -18.90 -12.38
C PRO A 97 -27.82 -17.71 -12.34
N GLU A 98 -28.08 -16.77 -13.27
CA GLU A 98 -27.39 -15.49 -13.33
C GLU A 98 -27.22 -14.90 -11.94
N LEU A 99 -26.07 -14.29 -11.69
CA LEU A 99 -25.81 -13.73 -10.37
C LEU A 99 -26.68 -12.48 -10.21
N PRO A 100 -27.57 -12.45 -9.23
CA PRO A 100 -28.49 -11.31 -9.11
C PRO A 100 -27.75 -9.98 -8.92
N ASP A 101 -28.28 -8.94 -9.59
CA ASP A 101 -27.89 -7.56 -9.31
C ASP A 101 -28.07 -7.33 -7.82
N VAL A 102 -26.95 -7.31 -7.09
CA VAL A 102 -26.86 -7.18 -5.65
C VAL A 102 -25.53 -7.83 -5.33
N MET A 103 -25.38 -9.07 -5.78
CA MET A 103 -24.12 -9.78 -5.66
C MET A 103 -23.32 -9.58 -6.96
N MET B 2 -25.75 -49.31 4.22
CA MET B 2 -24.53 -48.47 4.30
C MET B 2 -24.63 -47.16 3.48
N TYR B 3 -25.21 -47.22 2.28
CA TYR B 3 -25.33 -46.03 1.45
C TYR B 3 -26.82 -45.68 1.21
N VAL B 4 -27.05 -44.42 0.85
CA VAL B 4 -28.37 -43.93 0.48
C VAL B 4 -28.23 -43.10 -0.78
N LYS B 5 -29.34 -42.87 -1.44
CA LYS B 5 -29.33 -42.16 -2.71
C LYS B 5 -30.14 -40.87 -2.56
N LEU B 6 -29.48 -39.73 -2.75
CA LEU B 6 -30.14 -38.43 -2.75
C LEU B 6 -30.24 -37.98 -4.19
N ILE B 7 -31.45 -37.73 -4.67
CA ILE B 7 -31.68 -37.42 -6.08
C ILE B 7 -32.04 -35.95 -6.21
N SER B 8 -31.33 -35.24 -7.09
CA SER B 8 -31.56 -33.83 -7.27
C SER B 8 -32.81 -33.59 -8.13
N SER B 9 -33.18 -32.32 -8.26
CA SER B 9 -34.38 -32.00 -9.04
C SER B 9 -34.21 -32.34 -10.52
N ASP B 10 -32.98 -32.34 -11.05
CA ASP B 10 -32.75 -32.67 -12.44
C ASP B 10 -32.31 -34.12 -12.67
N GLY B 11 -32.49 -35.01 -11.69
CA GLY B 11 -32.32 -36.43 -11.91
C GLY B 11 -30.93 -36.99 -11.65
N HIS B 12 -29.97 -36.16 -11.23
CA HIS B 12 -28.66 -36.65 -10.81
C HIS B 12 -28.78 -37.44 -9.52
N GLU B 13 -28.18 -38.61 -9.49
CA GLU B 13 -28.27 -39.48 -8.32
C GLU B 13 -26.95 -39.42 -7.54
N PHE B 14 -27.00 -38.80 -6.35
CA PHE B 14 -25.84 -38.73 -5.45
C PHE B 14 -25.95 -39.83 -4.41
N ILE B 15 -24.91 -40.64 -4.30
CA ILE B 15 -24.87 -41.78 -3.39
C ILE B 15 -23.79 -41.55 -2.33
N VAL B 16 -24.23 -41.47 -1.06
CA VAL B 16 -23.40 -41.17 0.09
C VAL B 16 -23.66 -42.21 1.18
N LYS B 17 -22.75 -42.28 2.15
CA LYS B 17 -22.91 -43.17 3.30
C LYS B 17 -24.12 -42.78 4.16
N ARG B 18 -24.77 -43.79 4.76
CA ARG B 18 -25.98 -43.50 5.54
C ARG B 18 -25.66 -42.53 6.66
N GLU B 19 -24.57 -42.82 7.40
CA GLU B 19 -24.11 -41.95 8.48
C GLU B 19 -23.97 -40.49 8.05
N HIS B 20 -23.39 -40.23 6.87
CA HIS B 20 -23.27 -38.85 6.40
C HIS B 20 -24.64 -38.24 6.20
N ALA B 21 -25.54 -39.01 5.59
CA ALA B 21 -26.86 -38.49 5.27
C ALA B 21 -27.68 -38.18 6.53
N LEU B 22 -27.44 -38.91 7.62
CA LEU B 22 -28.19 -38.68 8.85
C LEU B 22 -27.74 -37.45 9.65
N THR B 23 -26.64 -36.78 9.29
CA THR B 23 -26.33 -35.51 9.95
C THR B 23 -27.47 -34.52 9.81
N SER B 24 -28.25 -34.64 8.75
CA SER B 24 -29.49 -33.89 8.65
C SER B 24 -30.58 -34.67 9.37
N GLY B 25 -31.18 -34.03 10.39
CA GLY B 25 -32.41 -34.57 10.94
C GLY B 25 -33.48 -34.71 9.88
N THR B 26 -33.59 -33.72 8.98
CA THR B 26 -34.59 -33.75 7.92
C THR B 26 -34.44 -34.97 7.01
N ILE B 27 -33.22 -35.34 6.63
CA ILE B 27 -33.05 -36.51 5.78
C ILE B 27 -33.38 -37.79 6.56
N LYS B 28 -32.99 -37.85 7.84
CA LYS B 28 -33.35 -39.01 8.65
C LYS B 28 -34.86 -39.22 8.63
N ALA B 29 -35.61 -38.11 8.64
CA ALA B 29 -37.07 -38.21 8.64
C ALA B 29 -37.59 -38.69 7.30
N MET B 30 -36.98 -38.20 6.22
CA MET B 30 -37.37 -38.61 4.88
C MET B 30 -37.03 -40.06 4.59
N LEU B 31 -36.03 -40.63 5.28
CA LEU B 31 -35.61 -41.99 4.93
C LEU B 31 -36.44 -43.08 5.61
N SER B 32 -37.13 -42.75 6.70
CA SER B 32 -38.04 -43.68 7.33
C SER B 32 -39.48 -43.43 6.85
N THR B 42 -36.84 -48.82 -0.18
CA THR B 42 -35.85 -47.99 -0.85
C THR B 42 -35.17 -47.01 0.11
N ASN B 43 -33.84 -47.04 0.12
CA ASN B 43 -33.05 -46.03 0.83
C ASN B 43 -32.75 -44.87 -0.11
N GLU B 44 -33.81 -44.30 -0.70
CA GLU B 44 -33.72 -43.19 -1.63
C GLU B 44 -34.56 -42.03 -1.11
N VAL B 45 -34.14 -40.82 -1.47
CA VAL B 45 -34.85 -39.58 -1.15
C VAL B 45 -34.84 -38.69 -2.38
N ASN B 46 -36.00 -38.16 -2.77
CA ASN B 46 -36.12 -37.32 -3.95
C ASN B 46 -36.29 -35.87 -3.52
N PHE B 47 -35.43 -35.01 -4.00
CA PHE B 47 -35.48 -33.59 -3.69
C PHE B 47 -35.99 -32.83 -4.90
N ARG B 48 -37.30 -32.58 -4.93
CA ARG B 48 -37.97 -31.94 -6.06
C ARG B 48 -37.66 -30.46 -6.22
N GLU B 49 -36.97 -29.82 -5.26
CA GLU B 49 -36.61 -28.41 -5.38
C GLU B 49 -35.11 -28.12 -5.21
N ILE B 50 -34.25 -29.13 -5.12
CA ILE B 50 -32.83 -28.88 -4.94
C ILE B 50 -32.10 -29.38 -6.19
N PRO B 51 -31.52 -28.48 -6.99
CA PRO B 51 -30.82 -28.89 -8.21
C PRO B 51 -29.43 -29.47 -7.94
N SER B 52 -28.81 -29.93 -9.03
CA SER B 52 -27.56 -30.68 -8.96
C SER B 52 -26.41 -29.87 -8.41
N HIS B 53 -26.27 -28.61 -8.85
CA HIS B 53 -25.20 -27.77 -8.33
C HIS B 53 -25.39 -27.39 -6.86
N VAL B 54 -26.55 -27.62 -6.27
CA VAL B 54 -26.71 -27.40 -4.83
C VAL B 54 -26.49 -28.69 -4.06
N LEU B 55 -27.07 -29.80 -4.53
CA LEU B 55 -27.03 -31.05 -3.77
C LEU B 55 -25.64 -31.65 -3.73
N SER B 56 -24.85 -31.50 -4.79
CA SER B 56 -23.46 -31.96 -4.78
C SER B 56 -22.65 -31.20 -3.74
N LYS B 57 -22.87 -29.89 -3.62
CA LYS B 57 -22.21 -29.12 -2.56
C LYS B 57 -22.66 -29.59 -1.18
N VAL B 58 -23.95 -29.88 -1.02
CA VAL B 58 -24.45 -30.45 0.23
C VAL B 58 -23.67 -31.70 0.60
N CYS B 59 -23.51 -32.61 -0.35
CA CYS B 59 -22.78 -33.85 -0.09
C CYS B 59 -21.33 -33.59 0.28
N MET B 60 -20.69 -32.64 -0.39
CA MET B 60 -19.35 -32.26 0.00
C MET B 60 -19.31 -31.80 1.46
N TYR B 61 -20.35 -31.09 1.90
CA TYR B 61 -20.37 -30.65 3.29
C TYR B 61 -20.43 -31.82 4.27
N PHE B 62 -21.20 -32.86 3.94
CA PHE B 62 -21.21 -34.06 4.79
C PHE B 62 -19.80 -34.58 5.00
N THR B 63 -19.07 -34.76 3.89
CA THR B 63 -17.74 -35.32 4.02
C THR B 63 -16.83 -34.39 4.81
N TYR B 64 -17.01 -33.07 4.64
CA TYR B 64 -16.26 -32.06 5.38
C TYR B 64 -16.65 -32.01 6.85
N LYS B 65 -17.96 -32.08 7.17
CA LYS B 65 -18.38 -32.05 8.57
C LYS B 65 -17.87 -33.27 9.34
N VAL B 66 -17.97 -34.46 8.74
CA VAL B 66 -17.59 -35.69 9.44
C VAL B 66 -16.09 -35.73 9.68
N ARG B 67 -15.30 -35.20 8.74
CA ARG B 67 -13.85 -35.29 8.85
C ARG B 67 -13.30 -34.33 9.91
N TYR B 68 -13.85 -33.11 9.98
CA TYR B 68 -13.27 -32.01 10.75
C TYR B 68 -13.97 -31.75 12.06
N THR B 69 -15.08 -32.41 12.32
CA THR B 69 -15.64 -32.41 13.64
C THR B 69 -14.76 -33.27 14.55
N ASN B 70 -14.34 -32.71 15.69
CA ASN B 70 -13.46 -33.40 16.65
C ASN B 70 -12.09 -33.76 16.06
N SER B 71 -11.38 -32.79 15.48
CA SER B 71 -10.06 -33.16 14.96
C SER B 71 -8.90 -32.22 15.25
N SER B 72 -9.11 -30.93 15.58
CA SER B 72 -8.02 -30.05 16.04
C SER B 72 -6.91 -29.77 15.03
N THR B 73 -6.60 -30.72 14.14
CA THR B 73 -5.86 -30.36 12.95
C THR B 73 -6.53 -29.14 12.34
N GLU B 74 -5.76 -28.27 11.73
CA GLU B 74 -6.31 -26.98 11.37
C GLU B 74 -7.37 -27.14 10.29
N ILE B 75 -8.52 -26.54 10.52
CA ILE B 75 -9.72 -26.75 9.69
C ILE B 75 -9.77 -25.71 8.58
N PRO B 76 -10.04 -26.11 7.34
CA PRO B 76 -10.09 -25.15 6.23
C PRO B 76 -11.47 -24.56 6.01
N GLU B 77 -11.46 -23.42 5.32
CA GLU B 77 -12.71 -22.82 4.90
C GLU B 77 -13.49 -23.77 4.00
N PHE B 78 -14.80 -23.87 4.25
CA PHE B 78 -15.69 -24.57 3.31
C PHE B 78 -16.04 -23.64 2.16
N PRO B 79 -15.65 -23.93 0.94
CA PRO B 79 -15.84 -22.95 -0.15
C PRO B 79 -17.26 -22.94 -0.66
N ILE B 80 -17.78 -21.74 -0.91
CA ILE B 80 -19.09 -21.55 -1.51
C ILE B 80 -18.96 -20.46 -2.56
N ALA B 81 -19.13 -20.82 -3.81
CA ALA B 81 -19.06 -19.85 -4.86
C ALA B 81 -20.23 -18.87 -4.77
N PRO B 82 -20.01 -17.59 -5.02
CA PRO B 82 -21.11 -16.62 -4.97
C PRO B 82 -22.36 -17.04 -5.76
N GLU B 83 -22.21 -17.68 -6.92
CA GLU B 83 -23.35 -18.04 -7.77
C GLU B 83 -24.25 -19.10 -7.15
N ILE B 84 -23.74 -19.82 -6.15
CA ILE B 84 -24.38 -20.98 -5.55
C ILE B 84 -24.97 -20.67 -4.18
N ALA B 85 -24.61 -19.51 -3.60
CA ALA B 85 -24.89 -19.22 -2.20
C ALA B 85 -26.39 -19.13 -1.90
N LEU B 86 -27.16 -18.44 -2.75
CA LEU B 86 -28.59 -18.30 -2.47
C LEU B 86 -29.28 -19.64 -2.36
N GLU B 87 -29.11 -20.50 -3.36
CA GLU B 87 -29.78 -21.80 -3.36
C GLU B 87 -29.22 -22.74 -2.31
N LEU B 88 -27.90 -22.70 -2.08
CA LEU B 88 -27.33 -23.47 -0.98
C LEU B 88 -27.91 -23.04 0.37
N LEU B 89 -28.08 -21.72 0.56
CA LEU B 89 -28.74 -21.22 1.77
C LEU B 89 -30.14 -21.77 1.90
N MET B 90 -30.93 -21.74 0.82
CA MET B 90 -32.29 -22.27 0.89
C MET B 90 -32.28 -23.76 1.23
N ALA B 91 -31.39 -24.54 0.61
CA ALA B 91 -31.30 -25.97 0.94
C ALA B 91 -30.86 -26.17 2.37
N ALA B 92 -29.78 -25.50 2.78
CA ALA B 92 -29.29 -25.67 4.15
C ALA B 92 -30.38 -25.30 5.16
N ASN B 93 -31.12 -24.23 4.89
CA ASN B 93 -32.20 -23.82 5.78
C ASN B 93 -33.27 -24.91 5.87
N PHE B 94 -33.65 -25.49 4.73
CA PHE B 94 -34.72 -26.49 4.71
C PHE B 94 -34.28 -27.82 5.33
N LEU B 95 -33.01 -28.18 5.20
CA LEU B 95 -32.52 -29.45 5.71
C LEU B 95 -31.99 -29.35 7.13
N ASP B 96 -32.00 -28.15 7.71
CA ASP B 96 -31.47 -27.90 9.05
C ASP B 96 -30.06 -28.45 9.24
N CAS B 97 -29.09 -27.79 8.62
CA CAS B 97 -27.73 -28.24 8.72
CB CAS B 97 -27.56 -29.31 7.67
C CAS B 97 -26.70 -27.14 8.52
O CAS B 97 -27.08 -25.99 8.20
OXT CAS B 97 -25.49 -27.45 8.70
SG CAS B 97 -27.84 -28.54 6.11
AS CAS B 97 -27.19 -30.35 5.01
CE1 CAS B 97 -25.37 -30.28 4.19
CE2 CAS B 97 -28.28 -32.00 4.82
N LEU C 12 -19.49 -13.43 33.98
CA LEU C 12 -18.57 -13.71 32.85
C LEU C 12 -17.63 -12.51 32.66
N ARG C 13 -16.58 -12.45 33.46
CA ARG C 13 -15.62 -11.33 33.42
C ARG C 13 -14.24 -11.82 33.84
N SER C 14 -13.22 -10.98 33.68
CA SER C 14 -11.84 -11.36 34.02
C SER C 14 -11.60 -11.25 35.52
N VAL C 15 -11.03 -12.29 36.12
CA VAL C 15 -10.51 -12.20 37.47
C VAL C 15 -9.32 -11.24 37.52
N ASN C 16 -9.25 -10.43 38.57
CA ASN C 16 -8.17 -9.45 38.79
C ASN C 16 -7.00 -10.05 39.58
N SER C 17 -6.42 -11.14 39.08
CA SER C 17 -5.43 -11.84 39.88
C SER C 17 -4.15 -11.04 40.04
N ARG C 18 -3.84 -10.17 39.09
CA ARG C 18 -2.55 -9.47 38.98
C ARG C 18 -1.36 -10.43 38.95
N GLU C 19 -1.59 -11.70 38.59
CA GLU C 19 -0.58 -12.74 38.41
C GLU C 19 -0.25 -12.81 36.93
N PRO C 20 0.89 -12.30 36.49
CA PRO C 20 1.17 -12.20 35.06
C PRO C 20 1.18 -13.55 34.37
N SER C 21 0.78 -13.53 33.09
CA SER C 21 0.71 -14.74 32.28
C SER C 21 0.94 -14.37 30.83
N GLN C 22 1.93 -14.97 30.19
CA GLN C 22 2.23 -14.58 28.83
C GLN C 22 1.65 -15.61 27.88
N VAL C 23 1.10 -15.14 26.75
CA VAL C 23 0.37 -16.00 25.84
C VAL C 23 0.85 -15.71 24.43
N ILE C 24 0.67 -16.67 23.54
CA ILE C 24 0.90 -16.44 22.12
C ILE C 24 -0.42 -16.66 21.39
N PHE C 25 -0.85 -15.64 20.64
CA PHE C 25 -2.02 -15.72 19.79
C PHE C 25 -1.72 -16.31 18.44
N CAS C 26 -1.85 -17.62 18.31
CA CAS C 26 -1.57 -18.27 17.06
CB CAS C 26 -0.97 -19.65 17.38
C CAS C 26 -2.81 -18.32 16.19
O CAS C 26 -3.82 -18.99 16.53
SG CAS C 26 -0.43 -20.54 15.95
AS CAS C 26 1.07 -19.25 14.97
CE1 CAS C 26 2.15 -19.94 13.43
CE2 CAS C 26 1.44 -17.44 15.62
N ASN C 27 -2.80 -17.60 15.07
CA ASN C 27 -3.99 -17.56 14.21
C ASN C 27 -3.97 -18.67 13.13
N ARG C 28 -4.62 -19.79 13.43
CA ARG C 28 -4.78 -20.91 12.50
C ARG C 28 -6.04 -20.75 11.63
N SER C 29 -6.21 -19.61 10.97
CA SER C 29 -7.47 -19.33 10.31
C SER C 29 -7.20 -18.45 9.11
N PRO C 30 -8.07 -18.48 8.10
CA PRO C 30 -7.94 -17.57 6.96
C PRO C 30 -8.56 -16.21 7.20
N ARG C 31 -9.00 -15.94 8.42
CA ARG C 31 -9.65 -14.67 8.71
C ARG C 31 -8.69 -13.74 9.44
N VAL C 32 -8.92 -12.45 9.27
CA VAL C 32 -8.31 -11.48 10.18
C VAL C 32 -8.96 -11.65 11.54
N VAL C 33 -8.18 -12.02 12.54
CA VAL C 33 -8.73 -12.32 13.85
C VAL C 33 -8.72 -11.04 14.68
N LEU C 34 -9.84 -10.80 15.40
CA LEU C 34 -10.00 -9.72 16.37
C LEU C 34 -10.04 -10.35 17.76
N PRO C 35 -8.96 -10.29 18.53
CA PRO C 35 -9.02 -10.79 19.91
C PRO C 35 -9.81 -9.84 20.78
N VAL C 36 -10.50 -10.40 21.78
CA VAL C 36 -11.41 -9.63 22.62
C VAL C 36 -11.20 -10.01 24.08
N TRP C 37 -10.83 -9.03 24.90
CA TRP C 37 -10.61 -9.24 26.32
C TRP C 37 -11.85 -8.77 27.06
N LEU C 38 -12.35 -9.60 27.98
CA LEU C 38 -13.50 -9.25 28.79
C LEU C 38 -13.00 -8.65 30.09
N ASN C 39 -13.14 -7.34 30.23
CA ASN C 39 -12.55 -6.65 31.37
C ASN C 39 -13.27 -7.07 32.67
N PHE C 40 -12.92 -6.40 33.78
CA PHE C 40 -13.41 -6.79 35.10
C PHE C 40 -14.90 -6.51 35.28
N ASP C 41 -15.51 -5.68 34.42
CA ASP C 41 -16.94 -5.42 34.47
C ASP C 41 -17.74 -6.24 33.46
N GLY C 42 -17.09 -7.13 32.70
CA GLY C 42 -17.76 -7.90 31.67
C GLY C 42 -17.84 -7.24 30.30
N GLU C 43 -17.31 -6.02 30.15
CA GLU C 43 -17.33 -5.29 28.89
C GLU C 43 -16.26 -5.85 27.93
N PRO C 44 -16.57 -5.99 26.65
CA PRO C 44 -15.57 -6.50 25.69
C PRO C 44 -14.54 -5.43 25.32
N GLN C 45 -13.26 -5.79 25.40
CA GLN C 45 -12.19 -4.87 25.03
C GLN C 45 -11.53 -5.34 23.75
N PRO C 46 -11.64 -4.56 22.68
CA PRO C 46 -10.99 -4.92 21.42
C PRO C 46 -9.51 -4.59 21.41
N TYR C 47 -8.75 -5.52 20.85
CA TYR C 47 -7.31 -5.45 20.67
C TYR C 47 -6.98 -5.33 19.20
N PRO C 48 -5.73 -5.03 18.86
CA PRO C 48 -5.36 -4.94 17.44
C PRO C 48 -5.48 -6.29 16.77
N THR C 49 -5.71 -6.26 15.45
CA THR C 49 -6.01 -7.49 14.72
C THR C 49 -4.73 -8.22 14.30
N LEU C 50 -4.88 -9.57 14.11
CA LEU C 50 -3.94 -10.59 13.56
C LEU C 50 -4.32 -11.03 12.18
N PRO C 51 -3.45 -10.81 11.22
CA PRO C 51 -3.67 -11.32 9.88
C PRO C 51 -3.65 -12.84 9.89
N PRO C 52 -4.19 -13.48 8.85
CA PRO C 52 -4.47 -14.93 8.93
C PRO C 52 -3.33 -15.81 9.41
N GLY C 53 -2.18 -15.81 8.77
CA GLY C 53 -1.19 -16.77 9.23
C GLY C 53 -0.25 -16.30 10.31
N THR C 54 -0.48 -15.13 10.89
CA THR C 54 0.50 -14.39 11.67
C THR C 54 0.48 -14.76 13.14
N GLY C 55 1.43 -14.17 13.87
CA GLY C 55 1.56 -14.39 15.29
C GLY C 55 1.57 -13.12 16.12
N ARG C 56 1.50 -13.33 17.43
CA ARG C 56 1.68 -12.25 18.38
C ARG C 56 1.83 -12.75 19.80
N ARG C 57 2.86 -12.24 20.48
CA ARG C 57 3.11 -12.49 21.90
C ARG C 57 2.35 -11.43 22.69
N ILE C 58 1.58 -11.87 23.70
CA ILE C 58 0.70 -10.99 24.45
C ILE C 58 1.02 -11.12 25.93
N HIS C 59 0.96 -10.00 26.64
CA HIS C 59 1.11 -9.98 28.10
C HIS C 59 -0.28 -9.91 28.71
N SER C 60 -0.69 -10.97 29.39
CA SER C 60 -1.97 -10.98 30.10
C SER C 60 -1.73 -11.54 31.50
N TYR C 61 -2.80 -11.99 32.14
CA TYR C 61 -2.79 -12.39 33.53
C TYR C 61 -3.66 -13.62 33.70
N ARG C 62 -3.32 -14.44 34.68
CA ARG C 62 -4.11 -15.62 34.98
C ARG C 62 -5.54 -15.22 35.32
N GLY C 63 -6.50 -16.04 34.88
CA GLY C 63 -7.89 -15.81 35.18
C GLY C 63 -8.55 -14.76 34.32
N HIS C 64 -7.79 -14.10 33.44
CA HIS C 64 -8.42 -13.20 32.51
C HIS C 64 -9.11 -13.99 31.42
N LEU C 65 -10.08 -13.35 30.77
CA LEU C 65 -10.99 -14.01 29.87
C LEU C 65 -10.85 -13.40 28.49
N TRP C 66 -10.70 -14.27 27.48
CA TRP C 66 -10.46 -13.92 26.09
C TRP C 66 -11.35 -14.68 25.14
N LEU C 67 -11.82 -13.98 24.11
CA LEU C 67 -12.52 -14.65 23.01
C LEU C 67 -12.09 -13.98 21.71
N PHE C 68 -12.37 -14.65 20.58
CA PHE C 68 -11.81 -14.24 19.30
C PHE C 68 -12.84 -14.38 18.20
N ARG C 69 -12.87 -13.38 17.32
CA ARG C 69 -13.89 -13.23 16.29
C ARG C 69 -13.22 -12.74 14.99
N ASP C 70 -13.83 -13.06 13.86
CA ASP C 70 -13.47 -12.45 12.58
C ASP C 70 -13.58 -10.92 12.70
N ALA C 71 -12.49 -10.22 12.43
CA ALA C 71 -12.47 -8.79 12.73
C ALA C 71 -13.37 -7.99 11.79
N GLY C 72 -13.79 -8.56 10.67
CA GLY C 72 -14.59 -7.85 9.70
C GLY C 72 -16.08 -8.13 9.79
N THR C 73 -16.43 -9.33 10.21
CA THR C 73 -17.81 -9.77 10.26
C THR C 73 -18.25 -10.24 11.64
N HIS C 74 -17.33 -10.35 12.59
CA HIS C 74 -17.61 -10.77 13.96
C HIS C 74 -18.02 -12.22 14.05
N ASP C 75 -17.89 -12.97 12.95
CA ASP C 75 -18.09 -14.41 12.98
C ASP C 75 -17.33 -15.02 14.15
N GLY C 76 -17.91 -16.03 14.77
CA GLY C 76 -17.27 -16.65 15.93
C GLY C 76 -16.14 -17.60 15.51
N LEU C 77 -15.05 -17.56 16.26
CA LEU C 77 -13.91 -18.42 16.06
C LEU C 77 -13.62 -19.17 17.34
N LEU C 78 -12.88 -20.27 17.22
CA LEU C 78 -12.49 -21.00 18.41
C LEU C 78 -11.05 -20.66 18.83
N VAL C 79 -10.76 -20.93 20.10
CA VAL C 79 -9.43 -20.83 20.62
C VAL C 79 -9.23 -22.03 21.54
N ASN C 80 -8.30 -22.90 21.17
CA ASN C 80 -8.15 -24.23 21.76
C ASN C 80 -9.51 -24.93 21.92
N GLN C 81 -10.25 -24.96 20.79
CA GLN C 81 -11.45 -25.76 20.59
C GLN C 81 -12.58 -25.41 21.53
N THR C 82 -12.54 -24.22 22.10
CA THR C 82 -13.65 -23.69 22.85
C THR C 82 -13.76 -22.23 22.44
N GLU C 83 -14.72 -21.58 23.06
CA GLU C 83 -15.15 -20.23 22.79
C GLU C 83 -14.38 -19.22 23.62
N LEU C 84 -13.95 -19.66 24.83
CA LEU C 84 -13.27 -18.81 25.80
C LEU C 84 -11.96 -19.46 26.21
N PHE C 85 -10.95 -18.61 26.36
CA PHE C 85 -9.58 -18.97 26.67
C PHE C 85 -9.16 -18.24 27.94
N VAL C 86 -8.71 -18.99 28.95
CA VAL C 86 -8.32 -18.39 30.22
C VAL C 86 -6.85 -18.72 30.47
N PRO C 87 -5.98 -17.71 30.43
CA PRO C 87 -4.57 -17.93 30.76
C PRO C 87 -4.39 -18.57 32.12
N SER C 88 -3.56 -19.61 32.18
CA SER C 88 -3.24 -20.33 33.41
C SER C 88 -1.82 -19.97 33.88
N LEU C 89 -1.30 -20.74 34.82
CA LEU C 89 0.08 -20.55 35.28
C LEU C 89 1.05 -20.96 34.17
N ASN C 90 2.08 -20.15 33.95
CA ASN C 90 3.08 -20.48 32.93
C ASN C 90 4.02 -21.61 33.39
N PRO C 95 5.37 -19.64 27.84
CA PRO C 95 4.09 -19.00 27.50
C PRO C 95 2.97 -19.97 27.07
N ILE C 96 1.72 -19.57 27.34
CA ILE C 96 0.54 -20.37 27.00
C ILE C 96 0.15 -20.13 25.54
N PHE C 97 -0.05 -21.21 24.80
CA PHE C 97 -0.42 -21.15 23.39
C PHE C 97 -1.94 -21.05 23.22
N ALA C 98 -2.40 -20.02 22.51
CA ALA C 98 -3.81 -19.83 22.15
C ALA C 98 -4.01 -20.05 20.64
N ASN C 99 -4.48 -21.25 20.26
CA ASN C 99 -4.62 -21.60 18.85
C ASN C 99 -6.01 -21.20 18.35
N ILE C 100 -6.07 -20.15 17.52
CA ILE C 100 -7.33 -19.62 16.99
C ILE C 100 -7.67 -20.34 15.68
N THR C 101 -8.73 -21.15 15.69
CA THR C 101 -9.13 -21.91 14.51
C THR C 101 -10.51 -21.49 14.01
N LEU C 102 -10.80 -21.87 12.76
CA LEU C 102 -12.19 -21.93 12.32
C LEU C 102 -12.91 -23.05 13.05
N PRO C 103 -14.18 -22.85 13.43
CA PRO C 103 -15.04 -23.99 13.78
C PRO C 103 -15.57 -24.68 12.53
N VAL C 104 -16.08 -25.89 12.74
CA VAL C 104 -16.95 -26.46 11.71
C VAL C 104 -18.34 -25.81 11.78
N TYR C 105 -18.51 -24.69 11.07
CA TYR C 105 -19.79 -24.05 10.93
C TYR C 105 -20.83 -24.98 10.30
N THR C 106 -22.09 -24.80 10.72
CA THR C 106 -23.21 -25.34 9.98
C THR C 106 -23.23 -24.78 8.55
N LEU C 107 -23.74 -25.58 7.61
CA LEU C 107 -23.87 -25.11 6.23
C LEU C 107 -24.75 -23.87 6.15
N LYS C 108 -25.82 -23.80 6.96
CA LYS C 108 -26.69 -22.61 6.95
C LYS C 108 -25.92 -21.35 7.34
N GLU C 109 -25.22 -21.39 8.49
CA GLU C 109 -24.52 -20.20 8.96
C GLU C 109 -23.41 -19.80 8.00
N ARG C 110 -22.68 -20.77 7.45
CA ARG C 110 -21.63 -20.41 6.48
C ARG C 110 -22.22 -19.84 5.20
N CYS C 111 -23.40 -20.30 4.80
CA CYS C 111 -24.07 -19.70 3.65
C CYS C 111 -24.45 -18.25 3.93
N LEU C 112 -24.94 -17.98 5.14
CA LEU C 112 -25.24 -16.60 5.52
C LEU C 112 -23.98 -15.74 5.49
N GLN C 113 -22.85 -16.29 5.92
CA GLN C 113 -21.65 -15.46 5.87
C GLN C 113 -21.33 -15.10 4.43
N VAL C 114 -21.42 -16.07 3.52
CA VAL C 114 -21.09 -15.77 2.13
C VAL C 114 -22.09 -14.78 1.55
N VAL C 115 -23.38 -14.97 1.85
CA VAL C 115 -24.36 -14.03 1.33
C VAL C 115 -24.18 -12.65 1.95
N ARG C 116 -23.96 -12.59 3.27
CA ARG C 116 -23.74 -11.32 3.93
C ARG C 116 -22.58 -10.54 3.31
N SER C 117 -21.49 -11.23 3.01
CA SER C 117 -20.33 -10.59 2.40
C SER C 117 -20.57 -10.18 0.96
N LEU C 118 -21.68 -10.55 0.33
CA LEU C 118 -21.86 -10.28 -1.10
C LEU C 118 -22.88 -9.19 -1.39
N VAL C 119 -23.84 -8.98 -0.50
CA VAL C 119 -24.89 -7.97 -0.58
C VAL C 119 -24.98 -7.09 0.65
N LYS C 120 -25.25 -5.81 0.41
CA LYS C 120 -25.28 -4.81 1.46
C LYS C 120 -26.55 -4.95 2.30
N PRO C 121 -26.48 -4.68 3.61
CA PRO C 121 -27.66 -4.90 4.47
C PRO C 121 -28.93 -4.13 4.06
N GLU C 122 -28.81 -3.00 3.34
CA GLU C 122 -29.98 -2.33 2.76
C GLU C 122 -30.81 -3.30 1.91
N ASN C 123 -30.13 -4.14 1.14
CA ASN C 123 -30.73 -4.87 0.03
C ASN C 123 -31.02 -6.32 0.37
N TYR C 124 -30.78 -6.76 1.62
CA TYR C 124 -31.17 -8.10 2.01
C TYR C 124 -32.59 -8.36 1.55
N ARG C 125 -33.48 -7.39 1.79
CA ARG C 125 -34.90 -7.55 1.50
C ARG C 125 -35.20 -7.60 0.01
N ARG C 126 -34.24 -7.26 -0.86
CA ARG C 126 -34.48 -7.39 -2.30
C ARG C 126 -34.18 -8.78 -2.86
N LEU C 127 -33.58 -9.68 -2.08
CA LEU C 127 -33.27 -10.98 -2.65
C LEU C 127 -34.54 -11.81 -2.65
N ASP C 128 -34.52 -12.94 -3.34
CA ASP C 128 -35.74 -13.76 -3.42
C ASP C 128 -35.56 -15.03 -2.59
N ILE C 129 -35.77 -14.92 -1.28
CA ILE C 129 -35.77 -16.05 -0.37
C ILE C 129 -36.93 -15.86 0.61
N VAL C 130 -37.06 -16.83 1.52
CA VAL C 130 -38.13 -16.88 2.53
C VAL C 130 -38.18 -15.65 3.46
N ARG C 131 -39.32 -15.50 4.13
CA ARG C 131 -39.47 -14.60 5.26
C ARG C 131 -38.38 -14.87 6.31
N SER C 132 -38.36 -16.11 6.85
CA SER C 132 -37.43 -16.49 7.93
C SER C 132 -35.99 -16.13 7.61
N LEU C 133 -35.59 -16.21 6.35
CA LEU C 133 -34.17 -16.08 6.04
C LEU C 133 -33.71 -14.64 6.15
N TYR C 134 -34.65 -13.72 6.05
CA TYR C 134 -34.34 -12.30 6.03
C TYR C 134 -34.06 -11.82 7.46
N GLU C 135 -34.80 -12.40 8.38
CA GLU C 135 -34.52 -12.25 9.79
C GLU C 135 -33.24 -12.98 10.17
N ASP C 136 -32.98 -14.15 9.54
CA ASP C 136 -31.74 -14.86 9.79
C ASP C 136 -30.55 -14.12 9.23
N LEU C 137 -30.70 -13.51 8.04
CA LEU C 137 -29.62 -12.73 7.44
C LEU C 137 -29.37 -11.44 8.22
N GLU C 138 -30.41 -10.91 8.87
CA GLU C 138 -30.32 -9.65 9.60
C GLU C 138 -29.65 -9.80 10.96
N ASP C 139 -29.68 -11.01 11.53
CA ASP C 139 -29.11 -11.32 12.84
C ASP C 139 -27.61 -11.63 12.75
N HIS C 140 -26.83 -10.57 12.54
CA HIS C 140 -25.39 -10.73 12.45
C HIS C 140 -24.82 -11.31 13.74
N PRO C 141 -23.80 -12.18 13.67
CA PRO C 141 -23.11 -12.56 14.89
C PRO C 141 -22.69 -11.30 15.61
N ASN C 142 -22.89 -11.30 16.92
CA ASN C 142 -22.78 -10.09 17.73
C ASN C 142 -22.13 -10.48 19.04
N VAL C 143 -21.06 -9.78 19.40
CA VAL C 143 -20.33 -10.18 20.60
C VAL C 143 -21.23 -10.03 21.81
N GLN C 144 -21.97 -8.92 21.89
CA GLN C 144 -22.89 -8.72 23.00
C GLN C 144 -23.90 -9.86 23.10
N LYS C 145 -24.46 -10.29 21.97
CA LYS C 145 -25.43 -11.38 21.97
C LYS C 145 -24.81 -12.71 22.44
N ASP C 146 -23.69 -13.12 21.82
CA ASP C 146 -23.01 -14.36 22.19
C ASP C 146 -22.67 -14.41 23.68
N LEU C 147 -22.38 -13.25 24.27
CA LEU C 147 -22.08 -13.22 25.70
C LEU C 147 -23.30 -13.59 26.56
N GLU C 148 -24.48 -13.09 26.21
CA GLU C 148 -25.69 -13.39 26.98
C GLU C 148 -25.85 -14.89 27.23
N ARG C 149 -25.53 -15.71 26.22
CA ARG C 149 -25.65 -17.15 26.34
C ARG C 149 -24.86 -17.64 27.55
N LEU C 150 -25.57 -17.86 28.66
CA LEU C 150 -24.98 -18.22 29.96
C LEU C 150 -25.68 -19.44 30.62
N MET D 1 -10.16 0.31 -20.65
CA MET D 1 -11.40 0.58 -19.93
C MET D 1 -12.66 0.11 -20.72
N ASP D 2 -13.84 0.66 -20.38
CA ASP D 2 -15.08 0.37 -21.10
C ASP D 2 -15.24 1.25 -22.34
N VAL D 3 -15.79 0.68 -23.40
CA VAL D 3 -16.19 1.42 -24.58
C VAL D 3 -17.69 1.27 -24.72
N PHE D 4 -18.36 2.31 -25.20
CA PHE D 4 -19.82 2.36 -25.24
C PHE D 4 -20.29 2.48 -26.67
N LEU D 5 -21.22 1.61 -27.05
CA LEU D 5 -21.48 1.33 -28.44
C LEU D 5 -22.96 1.46 -28.76
N MET D 6 -23.22 1.83 -30.01
CA MET D 6 -24.51 1.65 -30.67
C MET D 6 -24.23 0.72 -31.83
N ILE D 7 -24.75 -0.50 -31.75
CA ILE D 7 -24.75 -1.42 -32.88
C ILE D 7 -26.03 -1.19 -33.66
N ARG D 8 -25.90 -0.84 -34.93
CA ARG D 8 -27.02 -0.36 -35.71
C ARG D 8 -27.13 -1.12 -37.03
N ARG D 9 -28.35 -1.59 -37.32
CA ARG D 9 -28.75 -2.19 -38.59
C ARG D 9 -30.17 -1.69 -38.88
N HIS D 10 -30.39 -1.17 -40.07
CA HIS D 10 -31.71 -0.69 -40.50
C HIS D 10 -32.11 0.50 -39.63
N LYS D 11 -33.24 0.39 -38.90
CA LYS D 11 -33.72 1.22 -37.78
C LYS D 11 -33.60 0.58 -36.42
N THR D 12 -32.80 -0.46 -36.27
CA THR D 12 -32.53 -1.11 -34.99
C THR D 12 -31.24 -0.52 -34.42
N THR D 13 -31.23 -0.23 -33.11
CA THR D 13 -30.04 0.34 -32.47
C THR D 13 -29.91 -0.24 -31.07
N ILE D 14 -28.83 -0.98 -30.83
CA ILE D 14 -28.56 -1.62 -29.54
C ILE D 14 -27.56 -0.78 -28.74
N PHE D 15 -27.94 -0.37 -27.53
CA PHE D 15 -27.01 0.29 -26.63
C PHE D 15 -26.43 -0.76 -25.72
N THR D 16 -25.12 -0.98 -25.84
CA THR D 16 -24.38 -1.90 -24.98
C THR D 16 -22.98 -1.35 -24.83
N ASP D 17 -22.20 -2.00 -23.97
CA ASP D 17 -20.82 -1.62 -23.76
C ASP D 17 -19.97 -2.88 -23.81
N ALA D 18 -18.66 -2.67 -23.93
CA ALA D 18 -17.70 -3.77 -23.98
C ALA D 18 -16.34 -3.25 -23.59
N LYS D 19 -15.39 -4.16 -23.49
CA LYS D 19 -14.03 -3.80 -23.19
C LYS D 19 -13.28 -3.62 -24.50
N GLU D 20 -12.29 -2.72 -24.45
CA GLU D 20 -11.37 -2.60 -25.57
C GLU D 20 -10.72 -3.93 -25.93
N SER D 21 -10.51 -4.80 -24.93
CA SER D 21 -9.83 -6.08 -25.15
C SER D 21 -10.75 -7.14 -25.74
N SER D 22 -12.07 -6.97 -25.61
CA SER D 22 -13.01 -7.92 -26.19
C SER D 22 -12.83 -7.95 -27.70
N THR D 23 -13.26 -9.03 -28.32
CA THR D 23 -13.02 -9.17 -29.74
C THR D 23 -14.33 -9.02 -30.50
N VAL D 24 -14.21 -8.67 -31.79
CA VAL D 24 -15.38 -8.54 -32.63
C VAL D 24 -16.26 -9.77 -32.51
N PHE D 25 -15.64 -10.95 -32.48
CA PHE D 25 -16.41 -12.18 -32.30
C PHE D 25 -17.14 -12.18 -30.96
N GLU D 26 -16.42 -11.86 -29.86
CA GLU D 26 -17.07 -11.76 -28.55
C GLU D 26 -18.21 -10.75 -28.56
N LEU D 27 -18.08 -9.68 -29.36
CA LEU D 27 -19.18 -8.76 -29.56
C LEU D 27 -20.30 -9.43 -30.36
N LYS D 28 -19.94 -10.24 -31.36
CA LYS D 28 -20.97 -10.89 -32.17
C LYS D 28 -21.84 -11.83 -31.33
N ARG D 29 -21.26 -12.49 -30.31
CA ARG D 29 -22.06 -13.29 -29.39
C ARG D 29 -23.02 -12.42 -28.57
N ILE D 30 -22.59 -11.20 -28.19
CA ILE D 30 -23.46 -10.28 -27.46
C ILE D 30 -24.67 -9.90 -28.31
N VAL D 31 -24.47 -9.67 -29.61
CA VAL D 31 -25.60 -9.46 -30.53
C VAL D 31 -26.49 -10.69 -30.58
N GLU D 32 -25.89 -11.89 -30.47
CA GLU D 32 -26.66 -13.13 -30.50
C GLU D 32 -27.65 -13.19 -29.36
N GLY D 33 -27.19 -12.87 -28.14
CA GLY D 33 -28.04 -12.87 -26.96
C GLY D 33 -29.22 -11.94 -27.06
N ILE D 34 -29.18 -10.98 -27.99
CA ILE D 34 -30.24 -9.99 -28.13
C ILE D 34 -31.12 -10.33 -29.33
N LEU D 35 -30.53 -10.40 -30.52
CA LEU D 35 -31.30 -10.58 -31.75
C LEU D 35 -31.51 -12.04 -32.13
N LYS D 36 -31.08 -12.98 -31.27
CA LYS D 36 -31.26 -14.41 -31.50
C LYS D 36 -30.71 -14.79 -32.88
N ARG D 37 -29.41 -14.52 -33.05
CA ARG D 37 -28.72 -14.73 -34.32
C ARG D 37 -27.28 -15.16 -34.11
N PRO D 38 -26.82 -16.23 -34.76
CA PRO D 38 -25.48 -16.74 -34.47
C PRO D 38 -24.42 -15.82 -35.07
N PRO D 39 -23.22 -15.79 -34.49
CA PRO D 39 -22.15 -14.94 -35.08
C PRO D 39 -21.95 -15.16 -36.57
N ASP D 40 -22.02 -16.41 -37.03
CA ASP D 40 -21.74 -16.78 -38.41
C ASP D 40 -22.71 -16.18 -39.37
N GLU D 41 -23.72 -15.49 -38.89
CA GLU D 41 -24.65 -14.86 -39.80
C GLU D 41 -24.64 -13.34 -39.58
N GLN D 42 -23.54 -12.81 -39.06
CA GLN D 42 -23.34 -11.38 -38.79
C GLN D 42 -22.03 -10.85 -39.40
N ARG D 43 -22.07 -9.63 -39.95
CA ARG D 43 -20.88 -8.86 -40.29
C ARG D 43 -20.92 -7.51 -39.59
N LEU D 44 -19.84 -7.16 -38.85
CA LEU D 44 -19.78 -5.91 -38.10
C LEU D 44 -18.82 -4.94 -38.76
N TYR D 45 -19.22 -3.67 -38.81
CA TYR D 45 -18.50 -2.63 -39.53
C TYR D 45 -18.17 -1.46 -38.62
N LYS D 46 -17.00 -0.84 -38.83
CA LYS D 46 -16.71 0.51 -38.36
C LYS D 46 -16.69 1.40 -39.60
N ASP D 47 -17.74 2.19 -39.79
CA ASP D 47 -17.98 2.92 -41.04
C ASP D 47 -18.05 1.84 -42.13
N ASP D 48 -17.33 1.99 -43.24
CA ASP D 48 -17.44 1.03 -44.33
C ASP D 48 -16.54 -0.19 -44.17
N GLN D 49 -15.74 -0.25 -43.12
CA GLN D 49 -14.71 -1.30 -42.98
C GLN D 49 -15.26 -2.55 -42.30
N LEU D 50 -15.07 -3.70 -42.93
CA LEU D 50 -15.48 -4.96 -42.31
C LEU D 50 -14.53 -5.31 -41.18
N LEU D 51 -15.09 -5.74 -40.06
CA LEU D 51 -14.30 -6.06 -38.87
C LEU D 51 -14.02 -7.55 -38.81
N ASP D 52 -12.74 -7.90 -38.65
CA ASP D 52 -12.35 -9.29 -38.51
C ASP D 52 -12.60 -9.76 -37.08
N ASP D 53 -13.14 -10.96 -36.94
CA ASP D 53 -13.55 -11.46 -35.62
C ASP D 53 -12.41 -11.34 -34.61
N GLY D 54 -11.21 -11.75 -34.99
CA GLY D 54 -10.12 -11.88 -34.03
C GLY D 54 -9.47 -10.61 -33.54
N LYS D 55 -9.81 -9.45 -34.13
CA LYS D 55 -9.25 -8.16 -33.71
C LYS D 55 -9.97 -7.63 -32.48
N THR D 56 -9.23 -6.90 -31.64
CA THR D 56 -9.86 -6.29 -30.48
C THR D 56 -10.51 -4.97 -30.88
N LEU D 57 -11.59 -4.62 -30.16
CA LEU D 57 -12.27 -3.36 -30.43
C LEU D 57 -11.28 -2.19 -30.40
N GLY D 58 -10.28 -2.26 -29.51
CA GLY D 58 -9.26 -1.22 -29.45
C GLY D 58 -8.46 -1.11 -30.73
N GLU D 59 -8.09 -2.26 -31.31
CA GLU D 59 -7.32 -2.34 -32.55
C GLU D 59 -8.13 -1.69 -33.64
N CAS D 60 -9.45 -1.91 -33.58
CA CAS D 60 -10.36 -1.34 -34.53
CB CAS D 60 -11.64 -2.17 -34.64
C CAS D 60 -10.72 0.07 -34.24
O CAS D 60 -11.61 0.61 -34.92
SG CAS D 60 -11.19 -3.79 -35.15
AS CAS D 60 -10.29 -3.55 -37.23
CE1 CAS D 60 -9.64 -1.78 -37.84
CE2 CAS D 60 -10.13 -5.10 -38.48
N GLY D 61 -10.06 0.67 -33.26
CA GLY D 61 -10.29 2.06 -32.95
C GLY D 61 -11.55 2.40 -32.17
N PHE D 62 -12.10 1.42 -31.46
CA PHE D 62 -13.12 1.70 -30.46
C PHE D 62 -12.35 1.87 -29.19
N THR D 63 -12.20 3.10 -28.76
CA THR D 63 -11.35 3.43 -27.64
C THR D 63 -12.18 4.06 -26.54
N SER D 64 -11.67 3.94 -25.33
CA SER D 64 -12.32 4.46 -24.13
C SER D 64 -12.80 5.88 -24.32
N GLN D 65 -12.04 6.67 -25.08
CA GLN D 65 -12.31 8.09 -25.20
C GLN D 65 -13.13 8.49 -26.42
N THR D 66 -13.27 7.63 -27.42
CA THR D 66 -14.13 7.98 -28.54
C THR D 66 -15.49 7.29 -28.46
N ALA D 67 -15.61 6.22 -27.71
CA ALA D 67 -16.90 5.54 -27.52
C ALA D 67 -17.35 5.77 -26.08
N ARG D 68 -17.69 6.99 -25.77
CA ARG D 68 -17.98 7.34 -24.38
C ARG D 68 -19.48 7.28 -24.12
N PRO D 69 -19.91 7.22 -22.84
CA PRO D 69 -21.35 6.95 -22.60
C PRO D 69 -22.30 8.02 -23.12
N GLN D 70 -21.95 9.30 -23.03
CA GLN D 70 -22.83 10.33 -23.59
C GLN D 70 -22.73 10.45 -25.10
N ALA D 71 -21.80 9.74 -25.71
CA ALA D 71 -21.54 9.85 -27.14
C ALA D 71 -20.97 8.52 -27.61
N PRO D 72 -21.81 7.50 -27.68
CA PRO D 72 -21.29 6.17 -28.02
C PRO D 72 -20.92 6.10 -29.49
N ALA D 73 -20.02 5.17 -29.79
CA ALA D 73 -19.56 4.90 -31.14
C ALA D 73 -20.44 3.89 -31.86
N THR D 74 -20.63 4.08 -33.16
CA THR D 74 -21.50 3.20 -33.94
C THR D 74 -20.75 2.01 -34.51
N VAL D 75 -21.35 0.84 -34.39
CA VAL D 75 -20.91 -0.38 -35.05
C VAL D 75 -22.03 -0.85 -35.99
N GLY D 76 -21.70 -1.00 -37.28
CA GLY D 76 -22.69 -1.51 -38.23
C GLY D 76 -22.89 -3.02 -38.12
N LEU D 77 -24.08 -3.47 -38.48
CA LEU D 77 -24.44 -4.88 -38.45
C LEU D 77 -25.16 -5.24 -39.75
N ALA D 78 -24.83 -6.42 -40.30
CA ALA D 78 -25.47 -6.92 -41.52
C ALA D 78 -25.73 -8.42 -41.44
N PHE D 79 -26.95 -8.78 -41.83
CA PHE D 79 -27.45 -10.14 -42.11
C PHE D 79 -26.44 -11.27 -42.32
N PHE D 85 -25.20 -12.12 -47.15
CA PHE D 85 -25.26 -10.80 -46.52
C PHE D 85 -25.73 -9.76 -47.52
N GLU D 86 -26.68 -8.91 -47.13
CA GLU D 86 -26.90 -7.72 -47.94
C GLU D 86 -25.90 -6.63 -47.55
N ALA D 87 -25.88 -5.55 -48.33
CA ALA D 87 -25.04 -4.42 -47.98
C ALA D 87 -25.46 -3.79 -46.65
N LEU D 88 -24.50 -3.10 -46.03
CA LEU D 88 -24.75 -2.36 -44.81
C LEU D 88 -25.37 -1.01 -45.09
N CAS D 89 -26.55 -0.85 -44.52
CA CAS D 89 -27.35 0.33 -44.60
CB CAS D 89 -28.45 0.05 -45.66
C CAS D 89 -27.78 0.60 -43.18
O CAS D 89 -28.07 -0.36 -42.42
SG CAS D 89 -30.13 0.37 -45.19
AS CAS D 89 -30.47 2.37 -46.12
CE1 CAS D 89 -29.03 3.44 -47.00
CE2 CAS D 89 -32.31 3.13 -46.08
N ILE D 90 -27.77 1.85 -42.78
CA ILE D 90 -28.26 2.29 -41.48
C ILE D 90 -29.18 3.47 -41.76
N GLU D 91 -30.50 3.41 -41.42
CA GLU D 91 -31.43 4.53 -41.64
C GLU D 91 -31.16 5.62 -40.62
N PRO D 92 -31.02 6.84 -41.05
CA PRO D 92 -30.77 7.96 -40.15
C PRO D 92 -31.98 8.34 -39.30
N PHE D 93 -31.69 9.03 -38.20
CA PHE D 93 -32.68 9.59 -37.30
C PHE D 93 -33.31 10.87 -37.87
N SER D 94 -34.47 11.22 -37.33
CA SER D 94 -35.24 12.39 -37.75
C SER D 94 -34.44 13.68 -37.56
N SER D 95 -34.92 14.77 -38.21
CA SER D 95 -34.29 16.08 -38.12
C SER D 95 -35.06 17.05 -37.24
N PRO D 96 -34.34 17.88 -36.48
CA PRO D 96 -34.98 18.89 -35.60
C PRO D 96 -35.50 20.09 -36.39
N PRO D 97 -36.45 20.86 -35.82
CA PRO D 97 -36.89 22.10 -36.50
C PRO D 97 -35.85 23.20 -36.50
N GLU D 98 -36.28 24.47 -36.54
CA GLU D 98 -35.34 25.59 -36.42
C GLU D 98 -35.33 26.18 -35.00
N LEU D 99 -36.50 26.62 -34.50
CA LEU D 99 -36.72 27.29 -33.21
C LEU D 99 -36.04 28.64 -33.17
N PRO D 100 -36.70 29.67 -32.65
CA PRO D 100 -36.28 31.02 -33.01
C PRO D 100 -36.14 31.96 -31.79
N ASP D 101 -35.50 31.45 -30.76
CA ASP D 101 -34.20 31.99 -30.37
C ASP D 101 -33.44 30.87 -29.70
N VAL D 102 -33.97 29.64 -29.80
CA VAL D 102 -33.48 28.39 -29.22
C VAL D 102 -34.59 27.37 -29.12
N MET E 2 -33.53 -9.13 -19.41
CA MET E 2 -32.24 -8.53 -19.77
C MET E 2 -32.44 -7.18 -20.45
N TYR E 3 -33.01 -7.19 -21.66
CA TYR E 3 -33.16 -5.99 -22.48
C TYR E 3 -34.64 -5.66 -22.66
N VAL E 4 -34.89 -4.42 -23.09
CA VAL E 4 -36.21 -3.93 -23.45
C VAL E 4 -36.03 -3.09 -24.71
N LYS E 5 -37.12 -2.87 -25.45
CA LYS E 5 -37.06 -2.14 -26.72
C LYS E 5 -37.93 -0.89 -26.65
N LEU E 6 -37.31 0.27 -26.81
CA LEU E 6 -38.02 1.55 -26.84
C LEU E 6 -38.07 2.01 -28.29
N ILE E 7 -39.30 2.20 -28.81
CA ILE E 7 -39.52 2.45 -30.22
C ILE E 7 -39.98 3.88 -30.41
N SER E 8 -39.30 4.63 -31.25
CA SER E 8 -39.66 6.03 -31.39
C SER E 8 -40.91 6.18 -32.23
N SER E 9 -41.36 7.43 -32.39
CA SER E 9 -42.57 7.73 -33.16
C SER E 9 -42.43 7.40 -34.65
N ASP E 10 -41.22 7.43 -35.21
CA ASP E 10 -40.98 7.10 -36.61
C ASP E 10 -40.43 5.69 -36.82
N GLY E 11 -40.58 4.80 -35.85
CA GLY E 11 -40.33 3.37 -36.02
C GLY E 11 -38.95 2.86 -35.66
N HIS E 12 -38.03 3.74 -35.26
CA HIS E 12 -36.69 3.32 -34.82
C HIS E 12 -36.78 2.52 -33.52
N GLU E 13 -36.13 1.36 -33.52
CA GLU E 13 -36.15 0.43 -32.39
C GLU E 13 -34.84 0.55 -31.63
N PHE E 14 -34.91 1.09 -30.41
CA PHE E 14 -33.78 1.18 -29.49
C PHE E 14 -33.87 0.07 -28.45
N ILE E 15 -32.80 -0.70 -28.28
CA ILE E 15 -32.77 -1.80 -27.32
C ILE E 15 -31.81 -1.41 -26.21
N VAL E 16 -32.33 -1.31 -25.00
CA VAL E 16 -31.54 -0.79 -23.90
C VAL E 16 -31.49 -1.85 -22.82
N LYS E 17 -30.52 -1.73 -21.90
CA LYS E 17 -30.49 -2.68 -20.81
C LYS E 17 -31.73 -2.36 -19.98
N ARG E 18 -32.33 -3.38 -19.39
CA ARG E 18 -33.60 -3.16 -18.70
C ARG E 18 -33.50 -2.29 -17.47
N GLU E 19 -32.49 -2.53 -16.65
CA GLU E 19 -32.23 -1.67 -15.50
C GLU E 19 -32.19 -0.21 -15.90
N HIS E 20 -31.63 0.07 -17.08
CA HIS E 20 -31.62 1.45 -17.57
C HIS E 20 -33.04 1.96 -17.79
N ALA E 21 -33.88 1.14 -18.43
CA ALA E 21 -35.22 1.61 -18.73
C ALA E 21 -36.02 1.84 -17.44
N LEU E 22 -35.75 1.07 -16.39
CA LEU E 22 -36.44 1.24 -15.13
C LEU E 22 -35.97 2.47 -14.37
N THR E 23 -34.94 3.15 -14.88
CA THR E 23 -34.55 4.46 -14.35
C THR E 23 -35.69 5.47 -14.45
N SER E 24 -36.54 5.34 -15.46
CA SER E 24 -37.77 6.10 -15.56
C SER E 24 -38.91 5.37 -14.86
N GLY E 25 -39.56 6.04 -13.90
CA GLY E 25 -40.81 5.52 -13.38
C GLY E 25 -41.84 5.33 -14.47
N THR E 26 -41.94 6.33 -15.36
CA THR E 26 -42.91 6.29 -16.45
C THR E 26 -42.71 5.04 -17.32
N ILE E 27 -41.45 4.69 -17.64
CA ILE E 27 -41.22 3.50 -18.44
C ILE E 27 -41.57 2.25 -17.64
N LYS E 28 -41.24 2.22 -16.34
CA LYS E 28 -41.61 1.07 -15.50
C LYS E 28 -43.10 0.82 -15.53
N ALA E 29 -43.91 1.88 -15.60
CA ALA E 29 -45.34 1.69 -15.65
C ALA E 29 -45.77 1.12 -16.98
N MET E 30 -45.18 1.61 -18.07
CA MET E 30 -45.54 1.13 -19.41
C MET E 30 -45.16 -0.34 -19.64
N LEU E 31 -44.12 -0.85 -18.94
CA LEU E 31 -43.75 -2.25 -19.08
C LEU E 31 -44.40 -3.16 -18.04
N SER E 32 -44.70 -2.65 -16.86
CA SER E 32 -45.43 -3.39 -15.81
C SER E 32 -46.51 -2.52 -15.17
N THR E 42 -44.79 -8.90 -24.05
CA THR E 42 -44.01 -7.95 -24.88
C THR E 42 -43.20 -7.02 -23.98
N ASN E 43 -41.88 -7.00 -24.19
CA ASN E 43 -40.95 -6.11 -23.48
C ASN E 43 -40.75 -4.90 -24.38
N GLU E 44 -41.84 -4.20 -24.73
CA GLU E 44 -41.72 -3.10 -25.69
C GLU E 44 -42.58 -1.92 -25.25
N VAL E 45 -42.17 -0.71 -25.62
CA VAL E 45 -42.90 0.52 -25.31
C VAL E 45 -42.86 1.43 -26.54
N ASN E 46 -44.03 1.92 -26.97
CA ASN E 46 -44.16 2.74 -28.17
C ASN E 46 -44.44 4.18 -27.76
N PHE E 47 -43.61 5.10 -28.21
CA PHE E 47 -43.71 6.52 -27.85
C PHE E 47 -44.24 7.28 -29.05
N ARG E 48 -45.54 7.40 -29.11
CA ARG E 48 -46.05 8.02 -30.31
C ARG E 48 -45.73 9.57 -30.41
N GLU E 49 -45.12 10.22 -29.40
CA GLU E 49 -44.84 11.64 -29.48
C GLU E 49 -43.36 11.96 -29.42
N ILE E 50 -42.49 10.94 -29.38
CA ILE E 50 -41.06 11.13 -29.25
C ILE E 50 -40.36 10.58 -30.49
N PRO E 51 -39.75 11.45 -31.31
CA PRO E 51 -39.00 10.98 -32.50
C PRO E 51 -37.70 10.27 -32.14
N SER E 52 -37.03 9.74 -33.17
CA SER E 52 -35.78 8.99 -33.00
C SER E 52 -34.62 9.90 -32.57
N HIS E 53 -34.57 11.14 -33.08
CA HIS E 53 -33.49 12.02 -32.66
C HIS E 53 -33.59 12.46 -31.20
N VAL E 54 -34.72 12.27 -30.53
CA VAL E 54 -34.83 12.52 -29.10
C VAL E 54 -34.63 11.25 -28.29
N LEU E 55 -35.25 10.15 -28.72
CA LEU E 55 -35.23 8.92 -27.94
C LEU E 55 -33.83 8.32 -27.89
N SER E 56 -33.06 8.49 -28.95
CA SER E 56 -31.66 8.03 -28.92
C SER E 56 -30.88 8.80 -27.87
N LYS E 57 -31.07 10.12 -27.81
CA LYS E 57 -30.44 10.93 -26.78
C LYS E 57 -30.90 10.45 -25.39
N VAL E 58 -32.18 10.09 -25.26
CA VAL E 58 -32.70 9.52 -24.02
C VAL E 58 -31.92 8.27 -23.64
N CYS E 59 -31.72 7.37 -24.60
CA CYS E 59 -30.95 6.17 -24.29
C CYS E 59 -29.50 6.50 -23.94
N MET E 60 -28.90 7.44 -24.66
CA MET E 60 -27.55 7.85 -24.30
C MET E 60 -27.50 8.35 -22.86
N TYR E 61 -28.54 9.10 -22.45
CA TYR E 61 -28.62 9.59 -21.08
C TYR E 61 -28.70 8.45 -20.08
N PHE E 62 -29.45 7.39 -20.40
CA PHE E 62 -29.51 6.23 -19.50
C PHE E 62 -28.11 5.74 -19.18
N THR E 63 -27.32 5.45 -20.23
CA THR E 63 -26.03 4.85 -19.97
C THR E 63 -25.09 5.85 -19.30
N TYR E 64 -25.25 7.14 -19.59
CA TYR E 64 -24.47 8.15 -18.89
C TYR E 64 -24.87 8.22 -17.41
N LYS E 65 -26.17 8.20 -17.11
CA LYS E 65 -26.61 8.22 -15.71
C LYS E 65 -26.09 6.99 -14.94
N VAL E 66 -26.14 5.81 -15.57
CA VAL E 66 -25.71 4.60 -14.87
C VAL E 66 -24.22 4.63 -14.60
N ARG E 67 -23.44 5.14 -15.55
CA ARG E 67 -21.99 5.10 -15.38
C ARG E 67 -21.54 6.12 -14.35
N TYR E 68 -22.15 7.30 -14.36
CA TYR E 68 -21.53 8.41 -13.64
C TYR E 68 -22.21 8.74 -12.31
N THR E 69 -23.39 8.21 -12.03
CA THR E 69 -23.89 8.24 -10.67
C THR E 69 -23.06 7.26 -9.85
N ASN E 70 -22.67 7.66 -8.64
CA ASN E 70 -21.79 6.88 -7.76
C ASN E 70 -20.38 6.78 -8.34
N SER E 71 -19.78 7.91 -8.68
CA SER E 71 -18.42 7.89 -9.21
C SER E 71 -17.56 8.94 -8.52
N SER E 72 -16.49 8.46 -7.88
CA SER E 72 -15.39 9.33 -7.43
C SER E 72 -14.64 9.98 -8.58
N THR E 73 -14.76 9.42 -9.78
CA THR E 73 -14.28 9.93 -11.05
C THR E 73 -14.73 11.39 -11.27
N GLU E 74 -14.02 12.09 -12.17
CA GLU E 74 -14.49 13.34 -12.72
C GLU E 74 -15.52 13.07 -13.81
N ILE E 75 -16.66 13.73 -13.69
CA ILE E 75 -17.82 13.50 -14.56
C ILE E 75 -17.91 14.54 -15.66
N PRO E 76 -18.20 14.15 -16.90
CA PRO E 76 -18.31 15.12 -17.99
C PRO E 76 -19.72 15.65 -18.20
N GLU E 77 -19.78 16.80 -18.85
CA GLU E 77 -21.05 17.39 -19.26
C GLU E 77 -21.85 16.43 -20.14
N PHE E 78 -23.15 16.39 -19.94
CA PHE E 78 -24.04 15.72 -20.88
C PHE E 78 -24.38 16.67 -22.02
N PRO E 79 -24.00 16.37 -23.26
CA PRO E 79 -24.26 17.33 -24.35
C PRO E 79 -25.69 17.25 -24.87
N ILE E 80 -26.27 18.42 -25.10
CA ILE E 80 -27.58 18.57 -25.72
C ILE E 80 -27.44 19.67 -26.76
N ALA E 81 -27.60 19.31 -28.02
CA ALA E 81 -27.54 20.32 -29.07
C ALA E 81 -28.73 21.27 -28.95
N PRO E 82 -28.50 22.59 -29.11
CA PRO E 82 -29.60 23.56 -28.97
C PRO E 82 -30.85 23.21 -29.76
N GLU E 83 -30.67 22.62 -30.94
CA GLU E 83 -31.78 22.34 -31.84
C GLU E 83 -32.67 21.23 -31.31
N ILE E 84 -32.20 20.46 -30.32
CA ILE E 84 -32.97 19.33 -29.79
C ILE E 84 -33.53 19.59 -28.40
N ALA E 85 -33.14 20.69 -27.74
CA ALA E 85 -33.46 20.85 -26.33
C ALA E 85 -34.98 20.86 -26.09
N LEU E 86 -35.72 21.63 -26.88
CA LEU E 86 -37.16 21.73 -26.61
C LEU E 86 -37.81 20.36 -26.58
N GLU E 87 -37.58 19.55 -27.61
CA GLU E 87 -38.20 18.24 -27.64
C GLU E 87 -37.61 17.32 -26.58
N LEU E 88 -36.29 17.39 -26.34
CA LEU E 88 -35.70 16.56 -25.30
C LEU E 88 -36.26 16.90 -23.94
N LEU E 89 -36.42 18.21 -23.64
CA LEU E 89 -37.03 18.65 -22.37
C LEU E 89 -38.42 18.08 -22.20
N MET E 90 -39.26 18.22 -23.22
CA MET E 90 -40.62 17.69 -23.14
C MET E 90 -40.62 16.19 -22.89
N ALA E 91 -39.74 15.44 -23.55
CA ALA E 91 -39.66 14.01 -23.29
C ALA E 91 -39.18 13.74 -21.86
N ALA E 92 -38.09 14.37 -21.44
CA ALA E 92 -37.59 14.15 -20.08
C ALA E 92 -38.64 14.51 -19.05
N ASN E 93 -39.38 15.58 -19.30
CA ASN E 93 -40.45 15.96 -18.38
C ASN E 93 -41.54 14.89 -18.32
N PHE E 94 -41.89 14.32 -19.46
CA PHE E 94 -42.97 13.35 -19.47
C PHE E 94 -42.57 12.04 -18.85
N LEU E 95 -41.29 11.67 -18.97
CA LEU E 95 -40.77 10.41 -18.44
C LEU E 95 -40.26 10.55 -17.03
N ASP E 96 -40.31 11.75 -16.45
CA ASP E 96 -39.87 12.00 -15.09
C ASP E 96 -38.46 11.55 -14.79
N CAS E 97 -37.49 12.27 -15.32
CA CAS E 97 -36.11 11.80 -15.20
CB CAS E 97 -35.92 10.68 -16.18
C CAS E 97 -35.09 12.85 -15.50
O CAS E 97 -35.48 14.05 -15.57
OXT CAS E 97 -33.92 12.45 -15.67
SG CAS E 97 -36.30 11.53 -17.67
AS CAS E 97 -35.54 9.84 -18.85
CE1 CAS E 97 -35.31 8.20 -17.76
CE2 CAS E 97 -35.16 10.09 -20.75
N LEU F 12 -28.09 26.22 9.81
CA LEU F 12 -27.05 26.09 8.78
C LEU F 12 -26.10 27.29 8.67
N ARG F 13 -25.06 27.30 9.51
CA ARG F 13 -24.10 28.40 9.57
C ARG F 13 -22.71 27.85 9.89
N SER F 14 -21.69 28.68 9.71
CA SER F 14 -20.35 28.33 10.16
C SER F 14 -20.22 28.35 11.68
N VAL F 15 -19.62 27.30 12.23
CA VAL F 15 -19.08 27.33 13.59
C VAL F 15 -17.91 28.31 13.63
N ASN F 16 -17.73 29.00 14.76
CA ASN F 16 -16.69 30.05 14.80
C ASN F 16 -15.29 29.49 15.08
N SER F 17 -15.19 28.33 15.74
CA SER F 17 -13.99 27.65 16.23
C SER F 17 -12.63 28.34 16.16
N ARG F 18 -12.39 29.18 15.13
CA ARG F 18 -11.07 29.79 14.89
C ARG F 18 -9.92 28.76 14.87
N GLU F 19 -10.22 27.47 14.61
CA GLU F 19 -9.24 26.38 14.52
C GLU F 19 -8.83 26.19 13.06
N PRO F 20 -7.63 26.65 12.69
CA PRO F 20 -7.29 26.70 11.26
C PRO F 20 -7.26 25.33 10.60
N SER F 21 -7.66 25.34 9.32
CA SER F 21 -7.70 24.16 8.48
C SER F 21 -7.50 24.64 7.05
N GLN F 22 -6.53 24.06 6.37
CA GLN F 22 -6.16 24.50 5.02
C GLN F 22 -6.83 23.57 4.03
N VAL F 23 -7.38 24.14 2.96
CA VAL F 23 -8.16 23.41 1.97
C VAL F 23 -7.69 23.87 0.60
N ILE F 24 -7.81 22.96 -0.38
CA ILE F 24 -7.56 23.26 -1.81
C ILE F 24 -8.88 23.00 -2.52
N PHE F 25 -9.38 24.01 -3.24
CA PHE F 25 -10.58 23.78 -4.07
C PHE F 25 -10.16 23.23 -5.42
N CAS F 26 -10.39 21.95 -5.69
CA CAS F 26 -10.01 21.42 -6.99
CB CAS F 26 -9.32 20.05 -6.79
C CAS F 26 -11.21 21.37 -7.91
O CAS F 26 -12.15 20.58 -7.67
SG CAS F 26 -8.70 19.30 -8.29
AS CAS F 26 -7.35 20.77 -9.30
CE1 CAS F 26 -6.19 20.22 -10.82
CE2 CAS F 26 -7.27 22.63 -8.70
N ASN F 27 -11.22 22.21 -8.95
CA ASN F 27 -12.37 22.26 -9.86
C ASN F 27 -12.30 21.19 -10.95
N ARG F 28 -12.90 20.06 -10.64
CA ARG F 28 -13.01 18.94 -11.57
C ARG F 28 -14.28 19.05 -12.42
N SER F 29 -14.48 20.19 -13.07
CA SER F 29 -15.74 20.54 -13.71
C SER F 29 -15.52 21.45 -14.91
N PRO F 30 -16.43 21.44 -15.88
CA PRO F 30 -16.31 22.36 -17.03
C PRO F 30 -16.88 23.72 -16.77
N ARG F 31 -17.35 24.01 -15.56
CA ARG F 31 -17.98 25.29 -15.26
C ARG F 31 -17.01 26.20 -14.53
N VAL F 32 -17.24 27.51 -14.69
CA VAL F 32 -16.65 28.50 -13.81
C VAL F 32 -17.32 28.35 -12.45
N VAL F 33 -16.55 27.97 -11.44
CA VAL F 33 -17.12 27.66 -10.12
C VAL F 33 -17.12 28.92 -9.24
N LEU F 34 -18.23 29.18 -8.57
CA LEU F 34 -18.31 30.24 -7.57
C LEU F 34 -18.41 29.57 -6.21
N PRO F 35 -17.33 29.52 -5.42
CA PRO F 35 -17.43 28.97 -4.07
C PRO F 35 -18.17 29.94 -3.17
N VAL F 36 -18.90 29.38 -2.21
CA VAL F 36 -19.81 30.19 -1.40
C VAL F 36 -19.68 29.76 0.07
N TRP F 37 -19.35 30.71 0.94
CA TRP F 37 -19.18 30.46 2.36
C TRP F 37 -20.44 30.85 3.14
N LEU F 38 -20.86 30.00 4.09
CA LEU F 38 -21.99 30.35 4.96
C LEU F 38 -21.42 30.98 6.22
N ASN F 39 -21.53 32.32 6.35
CA ASN F 39 -20.90 33.01 7.47
C ASN F 39 -21.59 32.70 8.79
N PHE F 40 -21.18 33.41 9.84
CA PHE F 40 -21.66 33.09 11.18
C PHE F 40 -23.13 33.44 11.38
N ASP F 41 -23.69 34.29 10.52
CA ASP F 41 -25.09 34.70 10.56
C ASP F 41 -25.96 33.92 9.60
N GLY F 42 -25.38 32.94 8.88
CA GLY F 42 -26.08 32.11 7.92
C GLY F 42 -26.18 32.66 6.51
N GLU F 43 -25.73 33.88 6.27
CA GLU F 43 -25.76 34.50 4.94
C GLU F 43 -24.65 33.92 4.05
N PRO F 44 -24.93 33.67 2.78
CA PRO F 44 -23.87 33.17 1.88
C PRO F 44 -22.90 34.28 1.47
N GLN F 45 -21.60 33.97 1.55
CA GLN F 45 -20.58 34.92 1.14
C GLN F 45 -19.92 34.42 -0.13
N PRO F 46 -20.06 35.18 -1.22
CA PRO F 46 -19.46 34.80 -2.51
C PRO F 46 -17.96 35.05 -2.52
N TYR F 47 -17.24 34.08 -3.09
CA TYR F 47 -15.79 34.09 -3.25
C TYR F 47 -15.38 34.28 -4.71
N PRO F 48 -14.13 34.65 -4.98
CA PRO F 48 -13.71 34.86 -6.37
C PRO F 48 -13.75 33.54 -7.11
N THR F 49 -14.01 33.63 -8.42
CA THR F 49 -14.38 32.45 -9.20
C THR F 49 -13.15 31.68 -9.64
N LEU F 50 -13.32 30.38 -9.89
CA LEU F 50 -12.15 29.68 -10.38
C LEU F 50 -12.51 29.27 -11.81
N PRO F 51 -11.63 29.41 -12.79
CA PRO F 51 -11.90 28.85 -14.15
C PRO F 51 -12.00 27.33 -14.12
N PRO F 52 -12.47 26.70 -15.20
CA PRO F 52 -12.74 25.25 -15.15
C PRO F 52 -11.63 24.32 -14.63
N GLY F 53 -10.41 24.37 -15.15
CA GLY F 53 -9.41 23.43 -14.69
C GLY F 53 -8.46 23.91 -13.61
N THR F 54 -8.73 25.07 -13.02
CA THR F 54 -7.80 25.79 -12.20
C THR F 54 -7.92 25.42 -10.73
N GLY F 55 -6.98 25.97 -9.95
CA GLY F 55 -6.82 25.60 -8.55
C GLY F 55 -6.84 26.76 -7.57
N ARG F 56 -6.83 26.39 -6.28
CA ARG F 56 -6.68 27.41 -5.25
C ARG F 56 -6.41 26.81 -3.87
N ARG F 57 -5.41 27.37 -3.18
CA ARG F 57 -5.13 27.12 -1.76
C ARG F 57 -5.97 28.11 -0.94
N ILE F 58 -6.74 27.62 0.03
CA ILE F 58 -7.66 28.47 0.80
C ILE F 58 -7.40 28.35 2.29
N HIS F 59 -7.53 29.49 3.02
CA HIS F 59 -7.43 29.49 4.47
C HIS F 59 -8.86 29.53 5.03
N SER F 60 -9.30 28.43 5.63
CA SER F 60 -10.57 28.43 6.35
C SER F 60 -10.33 27.69 7.66
N TYR F 61 -11.41 27.23 8.29
CA TYR F 61 -11.38 26.78 9.66
C TYR F 61 -12.26 25.54 9.83
N ARG F 62 -11.91 24.72 10.82
CA ARG F 62 -12.72 23.54 11.09
C ARG F 62 -14.13 23.99 11.43
N GLY F 63 -15.11 23.26 10.91
CA GLY F 63 -16.51 23.57 11.15
C GLY F 63 -17.10 24.68 10.30
N HIS F 64 -16.31 25.34 9.46
CA HIS F 64 -16.91 26.31 8.55
C HIS F 64 -17.69 25.59 7.45
N LEU F 65 -18.57 26.33 6.80
CA LEU F 65 -19.52 25.75 5.86
C LEU F 65 -19.32 26.35 4.48
N TRP F 66 -19.22 25.46 3.48
CA TRP F 66 -18.94 25.83 2.10
C TRP F 66 -19.87 25.11 1.14
N LEU F 67 -20.27 25.80 0.09
CA LEU F 67 -20.91 25.17 -1.06
C LEU F 67 -20.46 25.87 -2.33
N PHE F 68 -20.74 25.23 -3.47
CA PHE F 68 -20.21 25.64 -4.74
C PHE F 68 -21.28 25.53 -5.82
N ARG F 69 -21.34 26.56 -6.65
CA ARG F 69 -22.36 26.69 -7.68
C ARG F 69 -21.67 27.25 -8.93
N ASP F 70 -22.20 26.92 -10.11
CA ASP F 70 -21.76 27.53 -11.36
C ASP F 70 -21.83 29.05 -11.26
N ALA F 71 -20.72 29.73 -11.52
CA ALA F 71 -20.66 31.16 -11.23
C ALA F 71 -21.52 32.01 -12.16
N GLY F 72 -21.94 31.48 -13.30
CA GLY F 72 -22.73 32.28 -14.21
C GLY F 72 -24.21 32.01 -14.15
N THR F 73 -24.58 30.78 -13.82
CA THR F 73 -25.97 30.35 -13.86
C THR F 73 -26.47 29.84 -12.52
N HIS F 74 -25.59 29.71 -11.53
CA HIS F 74 -25.91 29.28 -10.18
C HIS F 74 -26.34 27.82 -10.11
N ASP F 75 -26.24 27.05 -11.21
CA ASP F 75 -26.48 25.61 -11.19
C ASP F 75 -25.71 25.01 -10.01
N GLY F 76 -26.31 24.01 -9.35
CA GLY F 76 -25.67 23.42 -8.19
C GLY F 76 -24.57 22.46 -8.60
N LEU F 77 -23.49 22.43 -7.80
CA LEU F 77 -22.38 21.50 -8.02
C LEU F 77 -22.07 20.71 -6.75
N LEU F 78 -21.46 19.54 -6.94
CA LEU F 78 -21.05 18.75 -5.79
C LEU F 78 -19.60 19.04 -5.41
N VAL F 79 -19.27 18.70 -4.17
CA VAL F 79 -17.89 18.75 -3.71
C VAL F 79 -17.70 17.58 -2.75
N ASN F 80 -16.79 16.67 -3.11
CA ASN F 80 -16.69 15.32 -2.53
C ASN F 80 -18.05 14.65 -2.42
N GLN F 81 -18.76 14.63 -3.56
CA GLN F 81 -19.98 13.85 -3.78
C GLN F 81 -21.13 14.24 -2.86
N THR F 82 -21.08 15.44 -2.28
CA THR F 82 -22.22 16.01 -1.57
C THR F 82 -22.31 17.48 -1.92
N GLU F 83 -23.27 18.14 -1.30
CA GLU F 83 -23.69 19.48 -1.64
C GLU F 83 -22.96 20.51 -0.78
N LEU F 84 -22.44 20.06 0.35
CA LEU F 84 -21.83 20.91 1.39
C LEU F 84 -20.46 20.41 1.83
N PHE F 85 -19.57 21.36 2.11
CA PHE F 85 -18.18 21.06 2.49
C PHE F 85 -17.81 21.64 3.85
N VAL F 86 -17.28 20.77 4.71
CA VAL F 86 -16.83 21.14 6.06
C VAL F 86 -15.34 20.80 6.22
N PRO F 87 -14.46 21.81 6.26
CA PRO F 87 -13.04 21.54 6.53
C PRO F 87 -12.86 20.79 7.85
N SER F 88 -12.09 19.71 7.80
CA SER F 88 -11.85 18.84 8.95
C SER F 88 -10.42 19.03 9.49
N LEU F 89 -10.01 18.08 10.32
CA LEU F 89 -8.68 18.12 10.92
C LEU F 89 -7.62 17.90 9.84
N ASN F 90 -6.59 18.75 9.82
CA ASN F 90 -5.46 18.55 8.92
C ASN F 90 -4.49 17.56 9.56
N VAL F 91 -4.26 16.43 8.88
CA VAL F 91 -3.47 15.33 9.44
C VAL F 91 -2.08 15.35 8.83
N ASP F 92 -1.06 15.45 9.69
CA ASP F 92 0.35 15.47 9.30
C ASP F 92 0.69 16.66 8.40
N GLY F 93 -0.18 17.69 8.39
CA GLY F 93 0.07 18.91 7.67
C GLY F 93 -0.48 18.97 6.26
N GLN F 94 -1.20 17.92 5.80
CA GLN F 94 -1.66 17.85 4.41
C GLN F 94 -3.04 18.51 4.27
N PRO F 95 -3.21 19.41 3.29
CA PRO F 95 -4.48 20.12 3.17
C PRO F 95 -5.60 19.18 2.73
N ILE F 96 -6.83 19.56 3.08
CA ILE F 96 -8.00 18.76 2.70
C ILE F 96 -8.40 19.10 1.28
N PHE F 97 -8.58 18.06 0.48
CA PHE F 97 -8.94 18.20 -0.92
C PHE F 97 -10.45 18.37 -1.03
N ALA F 98 -10.89 19.48 -1.64
CA ALA F 98 -12.29 19.76 -1.94
C ALA F 98 -12.47 19.58 -3.45
N ASN F 99 -12.99 18.42 -3.84
CA ASN F 99 -13.15 18.04 -5.24
C ASN F 99 -14.52 18.50 -5.75
N ILE F 100 -14.55 19.58 -6.51
CA ILE F 100 -15.79 20.14 -7.04
C ILE F 100 -16.06 19.46 -8.38
N THR F 101 -17.12 18.66 -8.46
CA THR F 101 -17.47 17.93 -9.68
C THR F 101 -18.81 18.42 -10.23
N LEU F 102 -19.09 18.06 -11.49
CA LEU F 102 -20.47 18.10 -11.97
C LEU F 102 -21.29 17.03 -11.24
N PRO F 103 -22.53 17.33 -10.89
CA PRO F 103 -23.45 16.26 -10.50
C PRO F 103 -24.00 15.60 -11.76
N VAL F 104 -24.51 14.39 -11.58
CA VAL F 104 -25.38 13.87 -12.62
C VAL F 104 -26.73 14.55 -12.47
N TYR F 105 -26.92 15.67 -13.18
CA TYR F 105 -28.22 16.29 -13.30
C TYR F 105 -29.24 15.31 -13.87
N THR F 106 -30.50 15.46 -13.46
CA THR F 106 -31.57 14.80 -14.19
C THR F 106 -31.56 15.31 -15.61
N LEU F 107 -32.06 14.47 -16.53
CA LEU F 107 -32.17 14.89 -17.92
C LEU F 107 -33.05 16.14 -18.04
N LYS F 108 -34.10 16.22 -17.23
CA LYS F 108 -34.96 17.41 -17.23
C LYS F 108 -34.20 18.66 -16.81
N GLU F 109 -33.48 18.60 -15.68
CA GLU F 109 -32.79 19.80 -15.23
C GLU F 109 -31.72 20.21 -16.23
N ARG F 110 -31.01 19.23 -16.76
CA ARG F 110 -30.01 19.54 -17.77
C ARG F 110 -30.66 20.17 -19.01
N CYS F 111 -31.85 19.70 -19.43
CA CYS F 111 -32.52 20.36 -20.55
C CYS F 111 -32.92 21.79 -20.20
N LEU F 112 -33.43 21.99 -18.99
CA LEU F 112 -33.77 23.33 -18.57
C LEU F 112 -32.53 24.22 -18.61
N GLN F 113 -31.36 23.67 -18.24
CA GLN F 113 -30.14 24.47 -18.29
C GLN F 113 -29.83 24.94 -19.71
N VAL F 114 -29.93 24.04 -20.70
CA VAL F 114 -29.55 24.43 -22.04
C VAL F 114 -30.52 25.47 -22.59
N VAL F 115 -31.83 25.27 -22.36
CA VAL F 115 -32.78 26.27 -22.84
C VAL F 115 -32.58 27.58 -22.09
N ARG F 116 -32.37 27.52 -20.77
CA ARG F 116 -32.13 28.74 -19.99
C ARG F 116 -30.96 29.55 -20.54
N SER F 117 -29.85 28.86 -20.87
CA SER F 117 -28.68 29.54 -21.40
C SER F 117 -28.89 30.08 -22.82
N LEU F 118 -29.97 29.70 -23.50
CA LEU F 118 -30.15 30.09 -24.90
C LEU F 118 -31.23 31.14 -25.12
N VAL F 119 -32.21 31.27 -24.24
CA VAL F 119 -33.28 32.25 -24.39
C VAL F 119 -33.31 33.16 -23.18
N LYS F 120 -33.58 34.44 -23.42
CA LYS F 120 -33.55 35.42 -22.35
C LYS F 120 -34.75 35.19 -21.45
N PRO F 121 -34.63 35.43 -20.14
CA PRO F 121 -35.77 35.16 -19.26
C PRO F 121 -37.02 35.92 -19.69
N GLU F 122 -36.81 37.07 -20.36
CA GLU F 122 -37.88 37.84 -20.97
C GLU F 122 -38.79 36.98 -21.84
N ASN F 123 -38.20 36.05 -22.60
CA ASN F 123 -38.87 35.38 -23.69
C ASN F 123 -39.14 33.89 -23.45
N TYR F 124 -38.81 33.35 -22.26
CA TYR F 124 -39.14 31.94 -21.98
C TYR F 124 -40.56 31.62 -22.42
N ARG F 125 -41.49 32.47 -22.03
CA ARG F 125 -42.92 32.26 -22.23
C ARG F 125 -43.36 32.41 -23.68
N ARG F 126 -42.46 32.81 -24.59
CA ARG F 126 -42.80 32.77 -26.00
C ARG F 126 -42.54 31.40 -26.60
N LEU F 127 -42.03 30.44 -25.82
CA LEU F 127 -41.72 29.10 -26.32
C LEU F 127 -42.99 28.24 -26.34
N ASP F 128 -42.98 27.21 -27.21
CA ASP F 128 -44.16 26.38 -27.47
C ASP F 128 -44.03 25.02 -26.78
N ILE F 129 -44.32 25.00 -25.49
CA ILE F 129 -44.22 23.80 -24.67
C ILE F 129 -45.38 23.76 -23.67
N VAL F 130 -45.35 22.75 -22.79
CA VAL F 130 -46.29 22.49 -21.70
C VAL F 130 -46.46 23.72 -20.81
N ARG F 131 -47.59 23.81 -20.07
CA ARG F 131 -47.76 24.81 -19.02
C ARG F 131 -46.68 24.69 -17.94
N SER F 132 -46.57 23.50 -17.33
CA SER F 132 -45.68 23.21 -16.22
C SER F 132 -44.27 23.71 -16.47
N LEU F 133 -43.83 23.66 -17.75
CA LEU F 133 -42.41 23.88 -18.08
C LEU F 133 -41.97 25.33 -18.05
N TYR F 134 -42.87 26.31 -18.26
CA TYR F 134 -42.40 27.69 -18.17
C TYR F 134 -42.14 28.12 -16.75
N GLU F 135 -42.91 27.60 -15.81
CA GLU F 135 -42.61 27.86 -14.41
C GLU F 135 -41.33 27.15 -13.98
N ASP F 136 -41.08 25.97 -14.55
CA ASP F 136 -39.85 25.24 -14.29
C ASP F 136 -38.63 26.00 -14.83
N LEU F 137 -38.80 26.70 -15.97
CA LEU F 137 -37.71 27.51 -16.52
C LEU F 137 -37.46 28.78 -15.71
N GLU F 138 -38.53 29.38 -15.18
CA GLU F 138 -38.38 30.64 -14.46
C GLU F 138 -37.85 30.44 -13.06
N ASP F 139 -37.95 29.22 -12.53
CA ASP F 139 -37.46 28.86 -11.20
C ASP F 139 -35.96 28.55 -11.29
N HIS F 140 -35.18 29.63 -11.46
CA HIS F 140 -33.74 29.54 -11.57
C HIS F 140 -33.12 28.96 -10.31
N PRO F 141 -32.03 28.21 -10.44
CA PRO F 141 -31.29 27.78 -9.25
C PRO F 141 -30.92 28.99 -8.40
N ASN F 142 -31.10 28.85 -7.09
CA ASN F 142 -31.02 29.95 -6.15
C ASN F 142 -30.38 29.42 -4.87
N VAL F 143 -29.35 30.10 -4.37
CA VAL F 143 -28.62 29.59 -3.21
C VAL F 143 -29.52 29.59 -1.97
N GLN F 144 -30.23 30.70 -1.71
CA GLN F 144 -31.13 30.76 -0.56
C GLN F 144 -32.16 29.64 -0.62
N LYS F 145 -32.73 29.38 -1.81
CA LYS F 145 -33.72 28.31 -1.94
C LYS F 145 -33.10 26.96 -1.57
N ASP F 146 -31.96 26.62 -2.17
CA ASP F 146 -31.28 25.37 -1.87
C ASP F 146 -31.05 25.23 -0.36
N LEU F 147 -30.67 26.33 0.27
CA LEU F 147 -30.43 26.32 1.71
C LEU F 147 -31.71 25.98 2.46
N GLU F 148 -32.81 26.64 2.11
CA GLU F 148 -34.09 26.32 2.70
C GLU F 148 -34.43 24.85 2.50
N ARG F 149 -34.26 24.34 1.27
CA ARG F 149 -34.52 22.92 1.02
C ARG F 149 -33.68 22.04 1.95
N LEU F 150 -32.43 22.44 2.19
CA LEU F 150 -31.50 21.67 2.99
C LEU F 150 -31.59 21.97 4.48
N THR F 151 -32.51 22.86 4.87
CA THR F 151 -32.81 23.03 6.30
C THR F 151 -33.31 21.72 6.90
N GLN F 152 -34.18 21.01 6.17
CA GLN F 152 -34.95 19.87 6.62
C GLN F 152 -34.03 18.71 6.99
N MET G 1 30.65 12.79 -9.20
CA MET G 1 29.89 14.01 -8.91
C MET G 1 28.51 13.89 -9.50
N ASP G 2 27.55 14.64 -8.95
CA ASP G 2 26.21 14.61 -9.50
C ASP G 2 26.12 15.61 -10.66
N VAL G 3 25.46 15.20 -11.71
CA VAL G 3 25.21 16.09 -12.82
C VAL G 3 23.69 16.18 -13.01
N PHE G 4 23.21 17.35 -13.42
CA PHE G 4 21.76 17.57 -13.49
C PHE G 4 21.30 17.83 -14.92
N LEU G 5 20.30 17.08 -15.34
CA LEU G 5 20.02 16.94 -16.75
C LEU G 5 18.57 17.21 -17.05
N MET G 6 18.34 17.70 -18.27
CA MET G 6 17.03 17.72 -18.91
C MET G 6 17.15 16.84 -20.14
N ILE G 7 16.54 15.66 -20.08
CA ILE G 7 16.40 14.82 -21.25
C ILE G 7 15.11 15.24 -21.93
N ARG G 8 15.21 15.66 -23.18
CA ARG G 8 14.12 16.34 -23.89
C ARG G 8 13.90 15.67 -25.24
N ARG G 9 12.64 15.39 -25.56
CA ARG G 9 12.23 14.98 -26.91
C ARG G 9 10.89 15.61 -27.19
N HIS G 10 10.81 16.36 -28.29
CA HIS G 10 9.56 16.97 -28.77
C HIS G 10 9.02 17.90 -27.69
N LYS G 11 7.89 17.55 -27.08
CA LYS G 11 7.37 18.32 -25.96
C LYS G 11 7.51 17.59 -24.63
N THR G 12 8.36 16.56 -24.58
CA THR G 12 8.65 15.80 -23.37
C THR G 12 9.97 16.27 -22.75
N THR G 13 9.97 16.42 -21.42
CA THR G 13 11.17 16.84 -20.72
C THR G 13 11.31 16.11 -19.40
N ILE G 14 12.37 15.32 -19.26
CA ILE G 14 12.66 14.56 -18.05
C ILE G 14 13.71 15.30 -17.24
N PHE G 15 13.39 15.62 -15.99
CA PHE G 15 14.37 16.13 -15.05
C PHE G 15 14.91 14.94 -14.26
N THR G 16 16.20 14.66 -14.41
CA THR G 16 16.85 13.62 -13.62
C THR G 16 18.30 14.03 -13.33
N ASP G 17 18.97 13.20 -12.54
CA ASP G 17 20.37 13.41 -12.19
C ASP G 17 21.14 12.11 -12.41
N ALA G 18 22.46 12.22 -12.46
CA ALA G 18 23.33 11.06 -12.62
C ALA G 18 24.73 11.45 -12.14
N LYS G 19 25.63 10.48 -12.16
CA LYS G 19 27.01 10.73 -11.77
C LYS G 19 27.85 11.05 -13.01
N GLU G 20 28.85 11.92 -12.84
CA GLU G 20 29.80 12.21 -13.92
C GLU G 20 30.44 10.93 -14.46
N SER G 21 30.63 9.93 -13.63
CA SER G 21 31.27 8.70 -14.08
C SER G 21 30.30 7.76 -14.79
N SER G 22 28.99 7.91 -14.57
CA SER G 22 27.99 7.08 -15.23
C SER G 22 28.02 7.31 -16.74
N THR G 23 27.55 6.31 -17.49
CA THR G 23 27.69 6.36 -18.94
C THR G 23 26.38 6.57 -19.65
N VAL G 24 26.51 6.97 -20.94
CA VAL G 24 25.36 7.19 -21.82
C VAL G 24 24.42 6.00 -21.79
N PHE G 25 24.97 4.78 -21.81
CA PHE G 25 24.09 3.61 -21.73
C PHE G 25 23.31 3.61 -20.41
N GLU G 26 23.99 3.82 -19.28
CA GLU G 26 23.27 3.90 -18.03
C GLU G 26 22.19 5.00 -18.06
N LEU G 27 22.41 6.06 -18.84
CA LEU G 27 21.39 7.09 -19.04
C LEU G 27 20.19 6.57 -19.85
N LYS G 28 20.45 5.82 -20.92
CA LYS G 28 19.33 5.26 -21.67
C LYS G 28 18.50 4.31 -20.81
N ARG G 29 19.13 3.66 -19.82
CA ARG G 29 18.37 2.80 -18.91
C ARG G 29 17.35 3.58 -18.07
N ILE G 30 17.76 4.73 -17.55
CA ILE G 30 16.80 5.55 -16.80
C ILE G 30 15.67 6.04 -17.71
N VAL G 31 15.99 6.39 -18.96
CA VAL G 31 14.92 6.76 -19.88
C VAL G 31 13.99 5.58 -20.10
N GLU G 32 14.56 4.37 -20.16
CA GLU G 32 13.76 3.17 -20.37
C GLU G 32 12.72 3.00 -19.27
N GLY G 33 13.13 3.26 -18.02
CA GLY G 33 12.18 3.21 -16.93
C GLY G 33 11.07 4.23 -17.01
N ILE G 34 11.29 5.35 -17.70
CA ILE G 34 10.27 6.41 -17.68
C ILE G 34 9.45 6.34 -18.96
N LEU G 35 10.10 6.45 -20.10
CA LEU G 35 9.38 6.54 -21.36
C LEU G 35 9.10 5.18 -21.97
N LYS G 36 9.50 4.12 -21.27
CA LYS G 36 9.20 2.72 -21.62
C LYS G 36 9.62 2.41 -23.06
N ARG G 37 10.93 2.60 -23.30
CA ARG G 37 11.56 2.38 -24.58
C ARG G 37 12.98 1.90 -24.30
N PRO G 38 13.42 0.83 -24.94
CA PRO G 38 14.74 0.21 -24.60
C PRO G 38 15.91 1.01 -25.16
N PRO G 39 17.10 0.87 -24.57
CA PRO G 39 18.27 1.61 -25.07
C PRO G 39 18.51 1.53 -26.57
N ASP G 40 18.36 0.36 -27.19
CA ASP G 40 18.69 0.24 -28.61
C ASP G 40 17.72 0.98 -29.52
N GLU G 41 16.65 1.54 -28.99
CA GLU G 41 15.72 2.32 -29.81
C GLU G 41 15.73 3.80 -29.44
N GLN G 42 16.80 4.28 -28.81
CA GLN G 42 16.94 5.69 -28.51
C GLN G 42 18.33 6.19 -28.88
N ARG G 43 18.39 7.44 -29.34
CA ARG G 43 19.63 8.16 -29.58
C ARG G 43 19.65 9.41 -28.69
N LEU G 44 20.77 9.61 -27.99
CA LEU G 44 20.95 10.76 -27.12
C LEU G 44 21.97 11.70 -27.72
N TYR G 45 21.69 13.01 -27.69
CA TYR G 45 22.55 14.01 -28.34
C TYR G 45 22.98 15.06 -27.33
N LYS G 46 24.25 15.49 -27.39
CA LYS G 46 24.62 16.72 -26.70
C LYS G 46 24.91 17.77 -27.76
N ASP G 47 23.92 18.66 -27.98
CA ASP G 47 23.96 19.66 -29.04
C ASP G 47 24.26 19.00 -30.38
N ASP G 48 23.29 18.30 -30.94
CA ASP G 48 23.47 17.64 -32.24
C ASP G 48 24.53 16.55 -32.29
N GLN G 49 25.35 16.37 -31.25
CA GLN G 49 26.39 15.34 -31.28
C GLN G 49 25.82 14.06 -30.67
N LEU G 50 25.84 12.97 -31.43
CA LEU G 50 25.33 11.69 -30.95
C LEU G 50 26.26 11.09 -29.91
N LEU G 51 25.69 10.59 -28.82
CA LEU G 51 26.46 10.14 -27.67
C LEU G 51 26.70 8.64 -27.75
N ASP G 52 27.96 8.23 -27.60
CA ASP G 52 28.36 6.84 -27.66
C ASP G 52 27.96 6.13 -26.37
N ASP G 53 27.47 4.91 -26.50
CA ASP G 53 26.96 4.19 -25.34
C ASP G 53 28.03 4.08 -24.25
N GLY G 54 29.26 3.76 -24.61
CA GLY G 54 30.27 3.50 -23.61
C GLY G 54 30.93 4.71 -22.97
N LYS G 55 30.66 5.91 -23.47
CA LYS G 55 31.30 7.12 -22.95
C LYS G 55 30.62 7.58 -21.66
N THR G 56 31.41 8.16 -20.75
CA THR G 56 30.84 8.72 -19.53
C THR G 56 30.30 10.13 -19.76
N LEU G 57 29.25 10.48 -19.00
CA LEU G 57 28.71 11.83 -19.06
C LEU G 57 29.79 12.86 -18.84
N GLY G 58 30.77 12.55 -17.98
CA GLY G 58 31.86 13.47 -17.75
C GLY G 58 32.72 13.74 -18.97
N GLU G 59 33.06 12.70 -19.73
CA GLU G 59 33.95 12.93 -20.89
C GLU G 59 33.21 13.72 -21.95
N CAS G 60 31.89 13.54 -21.99
CA CAS G 60 31.06 14.38 -22.83
CB CAS G 60 29.71 13.76 -23.07
C CAS G 60 31.08 15.62 -21.98
O CAS G 60 31.29 15.49 -20.77
SG CAS G 60 29.92 12.14 -23.79
AS CAS G 60 30.78 12.42 -25.84
CE1 CAS G 60 30.08 11.40 -27.40
CE2 CAS G 60 32.27 13.68 -26.14
N GLY G 61 30.91 16.80 -22.49
CA GLY G 61 30.97 17.92 -21.56
C GLY G 61 29.94 18.12 -20.43
N PHE G 62 29.40 17.05 -19.81
CA PHE G 62 28.46 17.22 -18.69
C PHE G 62 29.21 17.21 -17.36
N THR G 63 29.42 18.39 -16.77
CA THR G 63 30.19 18.55 -15.54
C THR G 63 29.35 19.23 -14.46
N SER G 64 29.70 18.95 -13.20
CA SER G 64 28.94 19.50 -12.06
C SER G 64 28.75 20.99 -12.17
N GLN G 65 29.68 21.67 -12.82
CA GLN G 65 29.61 23.11 -12.87
C GLN G 65 28.83 23.62 -14.09
N THR G 66 28.60 22.79 -15.11
CA THR G 66 27.73 23.19 -16.20
C THR G 66 26.34 22.57 -16.10
N ALA G 67 26.20 21.43 -15.41
CA ALA G 67 24.92 20.76 -15.27
C ALA G 67 24.46 20.89 -13.83
N ARG G 68 24.09 22.14 -13.45
CA ARG G 68 23.80 22.43 -12.06
C ARG G 68 22.32 22.19 -11.79
N PRO G 69 21.93 21.96 -10.53
CA PRO G 69 20.51 21.64 -10.29
C PRO G 69 19.59 22.80 -10.63
N GLN G 70 19.97 24.02 -10.28
CA GLN G 70 19.11 25.16 -10.61
C GLN G 70 19.18 25.53 -12.08
N ALA G 71 20.07 24.90 -12.85
CA ALA G 71 20.25 25.22 -14.26
C ALA G 71 20.77 23.98 -14.96
N PRO G 72 19.91 22.99 -15.16
CA PRO G 72 20.39 21.71 -15.72
C PRO G 72 20.78 21.79 -17.18
N ALA G 73 21.65 20.86 -17.59
CA ALA G 73 22.11 20.74 -18.97
C ALA G 73 21.20 19.84 -19.77
N THR G 74 21.01 20.19 -21.06
CA THR G 74 20.06 19.48 -21.92
C THR G 74 20.70 18.26 -22.58
N VAL G 75 19.97 17.16 -22.62
CA VAL G 75 20.34 15.99 -23.40
C VAL G 75 19.24 15.77 -24.44
N GLY G 76 19.62 15.71 -25.71
CA GLY G 76 18.67 15.42 -26.75
C GLY G 76 18.29 13.95 -26.74
N LEU G 77 17.04 13.68 -27.12
CA LEU G 77 16.52 12.32 -27.15
C LEU G 77 15.72 12.14 -28.42
N ALA G 78 15.98 11.03 -29.13
CA ALA G 78 15.26 10.65 -30.34
C ALA G 78 15.00 9.15 -30.26
N PHE G 79 13.75 8.76 -30.50
CA PHE G 79 13.38 7.34 -30.55
C PHE G 79 13.43 6.78 -31.97
N ARG G 80 13.64 5.48 -32.05
CA ARG G 80 13.41 4.72 -33.28
C ARG G 80 11.96 4.27 -33.30
N ALA G 81 11.24 4.66 -34.35
CA ALA G 81 9.87 4.20 -34.60
C ALA G 81 9.89 3.39 -35.88
N ASP G 82 9.62 2.08 -35.76
CA ASP G 82 9.76 1.14 -36.86
C ASP G 82 11.21 1.04 -37.35
N ASP G 83 11.46 1.12 -38.64
CA ASP G 83 12.78 0.72 -39.11
C ASP G 83 13.84 1.83 -39.04
N THR G 84 13.48 3.11 -38.88
CA THR G 84 14.47 4.19 -38.79
C THR G 84 14.19 5.13 -37.63
N PHE G 85 15.25 5.78 -37.19
CA PHE G 85 15.20 6.75 -36.11
C PHE G 85 14.60 8.06 -36.59
N GLU G 86 13.78 8.65 -35.74
CA GLU G 86 13.30 9.99 -36.01
C GLU G 86 14.43 11.00 -35.86
N ALA G 87 14.21 12.18 -36.45
CA ALA G 87 15.10 13.30 -36.26
C ALA G 87 15.07 13.77 -34.81
N LEU G 88 16.11 14.49 -34.42
CA LEU G 88 16.14 15.12 -33.12
C LEU G 88 15.24 16.35 -33.23
N CAS G 89 14.20 16.44 -32.41
CA CAS G 89 13.37 17.64 -32.44
CB CAS G 89 12.09 17.49 -33.28
C CAS G 89 13.04 17.98 -31.00
O CAS G 89 12.55 17.13 -30.23
SG CAS G 89 10.67 18.28 -32.57
AS CAS G 89 10.92 20.05 -33.89
CE1 CAS G 89 11.06 19.84 -35.87
CE2 CAS G 89 11.03 21.85 -33.06
N ILE G 90 13.29 19.23 -30.63
CA ILE G 90 12.94 19.70 -29.29
C ILE G 90 12.04 20.93 -29.39
N GLU G 91 10.82 20.79 -28.90
CA GLU G 91 9.92 21.95 -28.93
C GLU G 91 10.39 22.96 -27.91
N PRO G 92 10.59 24.21 -28.30
CA PRO G 92 10.99 25.22 -27.33
C PRO G 92 9.89 25.47 -26.31
N PHE G 93 10.29 26.02 -25.17
CA PHE G 93 9.29 26.40 -24.20
C PHE G 93 8.58 27.67 -24.68
N SER G 94 7.43 27.93 -24.07
CA SER G 94 6.63 29.08 -24.46
C SER G 94 7.45 30.35 -24.37
N SER G 95 6.96 31.38 -25.02
CA SER G 95 7.87 32.53 -24.92
C SER G 95 7.39 33.51 -23.85
N PRO G 96 8.30 34.14 -23.09
CA PRO G 96 7.87 35.04 -22.03
C PRO G 96 7.23 36.30 -22.60
N PRO G 97 6.21 36.83 -21.93
CA PRO G 97 5.49 38.02 -22.40
C PRO G 97 6.21 39.34 -22.23
N GLU G 98 7.45 39.41 -22.70
CA GLU G 98 8.13 40.69 -22.72
C GLU G 98 8.36 41.17 -21.28
N LEU G 99 8.68 42.46 -21.13
CA LEU G 99 8.96 43.09 -19.86
C LEU G 99 7.89 44.14 -19.61
N PRO G 100 7.15 44.08 -18.50
CA PRO G 100 6.22 45.18 -18.21
C PRO G 100 6.98 46.50 -18.11
N ASP G 101 6.26 47.59 -18.39
CA ASP G 101 6.88 48.90 -18.40
C ASP G 101 7.47 49.25 -17.05
N VAL G 102 6.99 48.61 -15.99
CA VAL G 102 7.41 48.88 -14.61
C VAL G 102 8.69 48.12 -14.25
N MET G 103 9.50 47.73 -15.25
CA MET G 103 10.69 46.92 -14.96
C MET G 103 11.91 47.40 -15.76
N MET H 2 7.44 6.32 -8.58
CA MET H 2 8.79 6.72 -9.00
C MET H 2 8.82 8.16 -9.56
N TYR H 3 8.06 8.43 -10.63
CA TYR H 3 8.01 9.72 -11.30
C TYR H 3 6.57 10.27 -11.38
N VAL H 4 6.44 11.56 -11.71
CA VAL H 4 5.14 12.21 -11.98
C VAL H 4 5.29 13.10 -13.21
N LYS H 5 4.15 13.50 -13.79
CA LYS H 5 4.12 14.30 -15.02
C LYS H 5 3.38 15.62 -14.77
N LEU H 6 4.06 16.73 -14.96
CA LEU H 6 3.45 18.05 -14.83
C LEU H 6 3.33 18.66 -16.23
N ILE H 7 2.12 19.02 -16.61
CA ILE H 7 1.83 19.44 -17.98
C ILE H 7 1.51 20.92 -18.01
N SER H 8 2.19 21.66 -18.87
CA SER H 8 1.98 23.10 -18.88
C SER H 8 0.70 23.42 -19.65
N SER H 9 0.32 24.69 -19.61
CA SER H 9 -0.88 25.13 -20.32
C SER H 9 -0.72 25.01 -21.83
N ASP H 10 0.52 25.04 -22.32
CA ASP H 10 0.83 24.89 -23.74
C ASP H 10 1.27 23.47 -24.06
N GLY H 11 0.97 22.50 -23.20
CA GLY H 11 1.09 21.09 -23.54
C GLY H 11 2.43 20.44 -23.30
N HIS H 12 3.41 21.17 -22.75
CA HIS H 12 4.70 20.55 -22.42
C HIS H 12 4.55 19.59 -21.25
N GLU H 13 5.11 18.39 -21.40
CA GLU H 13 5.09 17.35 -20.36
C GLU H 13 6.47 17.27 -19.69
N PHE H 14 6.54 17.73 -18.43
CA PHE H 14 7.74 17.65 -17.61
C PHE H 14 7.59 16.47 -16.66
N ILE H 15 8.57 15.58 -16.67
CA ILE H 15 8.57 14.40 -15.84
C ILE H 15 9.67 14.58 -14.81
N VAL H 16 9.29 14.57 -13.53
CA VAL H 16 10.13 14.86 -12.37
C VAL H 16 10.11 13.66 -11.44
N LYS H 17 11.16 13.41 -10.62
CA LYS H 17 10.92 12.38 -9.59
C LYS H 17 9.87 12.74 -8.58
N ARG H 18 9.20 11.69 -8.16
CA ARG H 18 8.04 11.80 -7.30
C ARG H 18 8.41 12.52 -6.03
N GLU H 19 9.48 12.07 -5.36
CA GLU H 19 9.95 12.75 -4.15
C GLU H 19 10.09 14.25 -4.38
N HIS H 20 10.62 14.64 -5.54
CA HIS H 20 10.83 16.06 -5.83
C HIS H 20 9.51 16.82 -5.89
N ALA H 21 8.51 16.25 -6.56
CA ALA H 21 7.26 16.98 -6.74
C ALA H 21 6.55 17.22 -5.41
N LEU H 22 6.79 16.35 -4.42
CA LEU H 22 6.16 16.54 -3.12
C LEU H 22 6.74 17.73 -2.36
N THR H 23 7.77 18.37 -2.91
CA THR H 23 8.28 19.62 -2.36
C THR H 23 7.18 20.67 -2.29
N SER H 24 6.24 20.64 -3.22
CA SER H 24 5.04 21.44 -3.13
C SER H 24 4.02 20.65 -2.30
N GLY H 25 3.54 21.25 -1.21
CA GLY H 25 2.41 20.67 -0.51
C GLY H 25 1.21 20.51 -1.42
N THR H 26 0.94 21.54 -2.23
CA THR H 26 -0.20 21.50 -3.14
C THR H 26 -0.13 20.35 -4.12
N ILE H 27 1.05 20.13 -4.74
CA ILE H 27 1.19 18.99 -5.63
C ILE H 27 1.11 17.71 -4.82
N LYS H 28 1.68 17.71 -3.60
CA LYS H 28 1.54 16.57 -2.69
C LYS H 28 0.08 16.29 -2.38
N ALA H 29 -0.75 17.34 -2.31
CA ALA H 29 -2.17 17.10 -2.10
C ALA H 29 -2.78 16.54 -3.37
N MET H 30 -2.49 17.16 -4.53
CA MET H 30 -3.06 16.72 -5.80
C MET H 30 -2.68 15.29 -6.18
N LEU H 31 -1.54 14.79 -5.67
CA LEU H 31 -1.15 13.41 -5.96
C LEU H 31 -1.69 12.48 -4.88
N ASN H 43 -1.64 10.53 -11.14
CA ASN H 43 -0.25 10.32 -11.59
C ASN H 43 0.25 11.45 -12.48
N GLU H 44 -0.69 12.17 -13.10
CA GLU H 44 -0.42 13.32 -13.96
C GLU H 44 -1.13 14.52 -13.34
N VAL H 45 -0.62 15.72 -13.62
CA VAL H 45 -1.23 16.97 -13.13
C VAL H 45 -1.20 18.00 -14.26
N ASN H 46 -2.33 18.62 -14.57
CA ASN H 46 -2.41 19.58 -15.66
C ASN H 46 -2.59 20.99 -15.09
N PHE H 47 -1.69 21.90 -15.46
CA PHE H 47 -1.76 23.29 -15.02
C PHE H 47 -2.19 24.12 -16.24
N ARG H 48 -3.50 24.34 -16.37
CA ARG H 48 -3.96 25.12 -17.51
C ARG H 48 -3.65 26.61 -17.36
N GLU H 49 -3.03 27.01 -16.25
CA GLU H 49 -2.74 28.42 -16.03
C GLU H 49 -1.25 28.73 -15.92
N ILE H 50 -0.37 27.74 -16.09
CA ILE H 50 1.07 27.91 -15.96
C ILE H 50 1.75 27.56 -17.29
N PRO H 51 2.38 28.50 -17.97
CA PRO H 51 3.04 28.15 -19.24
C PRO H 51 4.27 27.31 -18.99
N SER H 52 4.84 26.78 -20.10
CA SER H 52 6.00 25.88 -20.00
C SER H 52 7.24 26.61 -19.51
N HIS H 53 7.41 27.87 -19.92
CA HIS H 53 8.56 28.64 -19.45
C HIS H 53 8.49 29.00 -17.96
N VAL H 54 7.36 28.78 -17.28
CA VAL H 54 7.31 28.88 -15.84
C VAL H 54 7.41 27.50 -15.19
N LEU H 55 6.70 26.51 -15.74
CA LEU H 55 6.68 25.22 -15.08
C LEU H 55 8.05 24.55 -15.12
N SER H 56 8.83 24.81 -16.16
CA SER H 56 10.19 24.29 -16.19
C SER H 56 11.02 24.88 -15.06
N LYS H 57 10.94 26.19 -14.87
CA LYS H 57 11.69 26.79 -13.78
C LYS H 57 11.29 26.17 -12.45
N VAL H 58 9.98 25.97 -12.25
CA VAL H 58 9.47 25.32 -11.05
C VAL H 58 10.12 23.95 -10.84
N CYS H 59 10.23 23.15 -11.91
CA CYS H 59 10.88 21.85 -11.77
C CYS H 59 12.35 22.02 -11.41
N MET H 60 13.00 23.04 -12.00
CA MET H 60 14.37 23.34 -11.61
C MET H 60 14.44 23.68 -10.13
N TYR H 61 13.48 24.48 -9.63
CA TYR H 61 13.45 24.79 -8.20
C TYR H 61 13.31 23.53 -7.37
N PHE H 62 12.47 22.60 -7.79
CA PHE H 62 12.36 21.33 -7.07
C PHE H 62 13.73 20.69 -6.96
N THR H 63 14.46 20.60 -8.06
CA THR H 63 15.74 19.93 -8.02
C THR H 63 16.71 20.67 -7.11
N TYR H 64 16.64 22.00 -7.13
CA TYR H 64 17.49 22.87 -6.31
C TYR H 64 17.14 22.74 -4.83
N LYS H 65 15.85 22.66 -4.48
CA LYS H 65 15.46 22.53 -3.08
C LYS H 65 15.95 21.22 -2.48
N VAL H 66 15.77 20.11 -3.19
CA VAL H 66 16.08 18.79 -2.62
C VAL H 66 17.56 18.63 -2.40
N ARG H 67 18.40 19.15 -3.31
CA ARG H 67 19.83 18.96 -3.11
C ARG H 67 20.35 19.80 -1.96
N TYR H 68 19.87 21.04 -1.83
CA TYR H 68 20.50 22.00 -0.96
C TYR H 68 19.79 22.22 0.38
N THR H 69 18.59 21.67 0.62
CA THR H 69 18.06 21.71 1.98
C THR H 69 18.85 20.72 2.84
N ASN H 70 19.35 21.21 3.98
CA ASN H 70 20.13 20.37 4.90
C ASN H 70 21.31 19.73 4.17
N SER H 71 22.08 20.58 3.50
CA SER H 71 23.24 20.14 2.75
C SER H 71 24.50 20.89 3.13
N SER H 72 24.37 22.19 3.46
CA SER H 72 25.48 23.01 3.96
C SER H 72 26.78 22.76 3.19
N THR H 73 26.64 22.65 1.87
CA THR H 73 27.66 23.16 0.99
C THR H 73 27.39 24.65 0.82
N GLU H 74 28.27 25.36 0.14
CA GLU H 74 27.94 26.74 -0.14
C GLU H 74 26.76 26.68 -1.09
N ILE H 75 25.68 27.36 -0.74
CA ILE H 75 24.43 27.24 -1.47
C ILE H 75 24.48 28.36 -2.50
N PRO H 76 24.16 28.09 -3.77
CA PRO H 76 24.14 29.15 -4.78
C PRO H 76 22.77 29.81 -4.89
N GLU H 77 22.80 31.01 -5.46
CA GLU H 77 21.58 31.71 -5.83
C GLU H 77 20.73 30.85 -6.76
N PHE H 78 19.40 30.93 -6.54
CA PHE H 78 18.46 30.42 -7.53
C PHE H 78 18.22 31.50 -8.57
N PRO H 79 18.58 31.29 -9.84
CA PRO H 79 18.44 32.35 -10.85
C PRO H 79 17.00 32.43 -11.37
N ILE H 80 16.52 33.66 -11.53
CA ILE H 80 15.19 33.92 -12.09
C ILE H 80 15.31 35.12 -13.02
N ALA H 81 15.11 34.89 -14.31
CA ALA H 81 15.21 35.96 -15.28
C ALA H 81 14.05 36.96 -15.15
N PRO H 82 14.34 38.26 -15.31
CA PRO H 82 13.29 39.30 -15.20
C PRO H 82 12.03 39.05 -16.02
N GLU H 83 12.19 38.49 -17.21
CA GLU H 83 11.08 38.33 -18.13
C GLU H 83 10.07 37.33 -17.61
N ILE H 84 10.46 36.48 -16.68
CA ILE H 84 9.58 35.43 -16.16
C ILE H 84 9.17 35.68 -14.72
N ALA H 85 9.69 36.71 -14.08
CA ALA H 85 9.55 36.81 -12.62
C ALA H 85 8.08 36.89 -12.22
N LEU H 86 7.31 37.76 -12.90
CA LEU H 86 5.91 37.95 -12.53
C LEU H 86 5.13 36.64 -12.57
N GLU H 87 5.21 35.92 -13.70
CA GLU H 87 4.45 34.68 -13.83
C GLU H 87 5.01 33.60 -12.92
N LEU H 88 6.32 33.58 -12.71
CA LEU H 88 6.89 32.63 -11.75
C LEU H 88 6.37 32.91 -10.35
N LEU H 89 6.28 34.19 -9.96
CA LEU H 89 5.68 34.54 -8.68
C LEU H 89 4.25 34.02 -8.56
N MET H 90 3.42 34.26 -9.59
CA MET H 90 2.02 33.80 -9.56
C MET H 90 1.93 32.27 -9.44
N ALA H 91 2.76 31.57 -10.20
CA ALA H 91 2.77 30.11 -10.11
C ALA H 91 3.22 29.66 -8.73
N ALA H 92 4.31 30.26 -8.23
CA ALA H 92 4.88 29.86 -6.94
C ALA H 92 3.86 29.99 -5.82
N ASN H 93 3.06 31.08 -5.83
CA ASN H 93 2.02 31.22 -4.82
C ASN H 93 0.95 30.13 -4.92
N PHE H 94 0.52 29.77 -6.15
CA PHE H 94 -0.54 28.78 -6.29
C PHE H 94 -0.11 27.42 -5.78
N LEU H 95 1.19 27.20 -5.74
CA LEU H 95 1.92 26.08 -5.18
C LEU H 95 2.34 26.47 -3.75
N ASP H 96 2.79 25.52 -2.94
CA ASP H 96 3.29 26.00 -1.64
C ASP H 96 4.73 26.41 -1.77
N CYS H 97 5.46 25.72 -2.64
CA CYS H 97 6.71 26.16 -3.30
C CYS H 97 7.61 27.15 -2.51
N VAL I 11 14.17 39.73 25.58
CA VAL I 11 14.60 38.32 25.76
C VAL I 11 15.66 37.93 24.75
N LEU I 12 15.56 38.49 23.56
CA LEU I 12 16.59 38.35 22.54
C LEU I 12 17.59 39.51 22.63
N ARG I 13 18.57 39.36 23.52
CA ARG I 13 19.56 40.40 23.71
C ARG I 13 20.91 39.76 24.02
N SER I 14 21.97 40.54 23.86
CA SER I 14 23.31 40.06 24.25
C SER I 14 23.44 40.04 25.77
N VAL I 15 23.98 38.94 26.29
CA VAL I 15 24.44 38.92 27.67
C VAL I 15 25.67 39.82 27.81
N ASN I 16 25.74 40.57 28.89
CA ASN I 16 26.92 41.41 29.11
C ASN I 16 28.01 40.68 29.87
N SER I 17 28.56 39.63 29.26
CA SER I 17 29.55 38.83 29.98
C SER I 17 30.88 39.57 30.15
N ARG I 18 31.22 40.45 29.21
CA ARG I 18 32.55 41.05 29.13
C ARG I 18 33.67 39.99 29.07
N GLU I 19 33.34 38.76 28.66
CA GLU I 19 34.27 37.67 28.45
C GLU I 19 34.63 37.69 26.98
N PRO I 20 35.79 38.21 26.57
CA PRO I 20 36.07 38.32 25.14
C PRO I 20 36.09 36.96 24.45
N SER I 21 35.71 36.98 23.18
CA SER I 21 35.60 35.82 22.32
C SER I 21 35.90 36.30 20.92
N GLN I 22 36.83 35.63 20.25
CA GLN I 22 37.32 36.02 18.94
C GLN I 22 36.55 35.24 17.89
N VAL I 23 36.03 35.95 16.90
CA VAL I 23 35.12 35.37 15.93
C VAL I 23 35.59 35.78 14.55
N ILE I 24 35.37 34.91 13.56
CA ILE I 24 35.60 35.20 12.14
C ILE I 24 34.27 35.08 11.42
N PHE I 25 33.85 36.19 10.78
CA PHE I 25 32.67 36.26 9.92
C PHE I 25 33.13 35.74 8.57
N CAS I 26 32.46 34.72 8.05
CA CAS I 26 32.88 34.11 6.83
CB CAS I 26 33.44 32.74 7.19
C CAS I 26 31.71 34.03 5.89
O CAS I 26 30.84 33.15 6.09
SG CAS I 26 34.14 31.79 5.86
AS CAS I 26 35.78 32.96 4.84
CE1 CAS I 26 37.66 32.81 5.47
CE2 CAS I 26 35.36 34.08 3.30
N ASN I 27 31.66 34.91 4.89
CA ASN I 27 30.52 35.00 3.96
C ASN I 27 30.54 34.05 2.79
N ARG I 28 29.97 32.88 2.99
CA ARG I 28 29.84 31.87 1.96
C ARG I 28 28.59 32.11 1.11
N SER I 29 28.37 33.33 0.65
CA SER I 29 27.10 33.69 0.03
C SER I 29 27.36 34.73 -1.05
N PRO I 30 26.46 34.87 -2.03
CA PRO I 30 26.65 35.88 -3.08
C PRO I 30 26.15 37.28 -2.73
N ARG I 31 25.66 37.51 -1.51
CA ARG I 31 25.14 38.82 -1.15
C ARG I 31 26.18 39.62 -0.39
N VAL I 32 26.08 40.94 -0.49
CA VAL I 32 26.79 41.81 0.46
C VAL I 32 26.07 41.62 1.79
N VAL I 33 26.77 41.08 2.78
CA VAL I 33 26.17 40.69 4.05
C VAL I 33 26.28 41.83 5.06
N LEU I 34 25.19 42.11 5.75
CA LEU I 34 25.19 43.09 6.83
C LEU I 34 25.11 42.35 8.16
N PRO I 35 26.22 42.27 8.91
CA PRO I 35 26.16 41.67 10.24
C PRO I 35 25.47 42.61 11.22
N VAL I 36 24.69 42.05 12.12
CA VAL I 36 23.86 42.86 13.02
C VAL I 36 24.03 42.32 14.42
N TRP I 37 24.50 43.18 15.33
CA TRP I 37 24.66 42.85 16.74
C TRP I 37 23.44 43.34 17.52
N LEU I 38 22.92 42.48 18.40
CA LEU I 38 21.83 42.83 19.30
C LEU I 38 22.44 43.33 20.62
N ASN I 39 22.25 44.62 20.90
CA ASN I 39 22.83 45.20 22.10
C ASN I 39 22.15 44.64 23.35
N PHE I 40 22.54 45.19 24.50
CA PHE I 40 22.12 44.66 25.80
C PHE I 40 20.66 44.93 26.11
N ASP I 41 20.03 45.84 25.37
CA ASP I 41 18.60 46.10 25.45
C ASP I 41 17.80 45.43 24.36
N GLY I 42 18.43 44.58 23.53
CA GLY I 42 17.75 43.89 22.46
C GLY I 42 17.66 44.63 21.14
N GLU I 43 18.19 45.89 21.05
CA GLU I 43 18.14 46.69 19.84
C GLU I 43 19.19 46.24 18.82
N PRO I 44 18.83 46.16 17.54
CA PRO I 44 19.81 45.79 16.51
C PRO I 44 20.75 46.95 16.23
N GLN I 45 22.04 46.65 16.14
CA GLN I 45 23.08 47.62 15.76
C GLN I 45 23.78 47.15 14.49
N PRO I 46 23.74 47.87 13.38
CA PRO I 46 24.44 47.40 12.18
C PRO I 46 25.94 47.59 12.29
N TYR I 47 26.69 46.58 11.90
CA TYR I 47 28.16 46.60 11.83
C TYR I 47 28.57 46.63 10.36
N PRO I 48 29.83 46.97 10.03
CA PRO I 48 30.19 47.15 8.61
C PRO I 48 30.05 45.88 7.79
N THR I 49 29.71 46.07 6.52
CA THR I 49 29.23 44.99 5.65
C THR I 49 30.42 44.22 5.10
N LEU I 50 30.18 42.97 4.71
CA LEU I 50 31.35 42.30 4.17
C LEU I 50 31.01 41.93 2.72
N PRO I 51 31.88 42.15 1.75
CA PRO I 51 31.57 41.74 0.35
C PRO I 51 31.38 40.23 0.21
N PRO I 52 30.74 39.79 -0.89
CA PRO I 52 30.50 38.36 -1.06
C PRO I 52 31.81 37.59 -1.06
N GLY I 53 31.77 36.40 -0.46
CA GLY I 53 32.93 35.53 -0.34
C GLY I 53 34.05 36.01 0.53
N THR I 54 33.95 37.15 1.20
CA THR I 54 35.06 37.64 1.98
C THR I 54 34.93 37.18 3.43
N GLY I 55 36.01 37.34 4.19
CA GLY I 55 36.05 36.96 5.58
C GLY I 55 36.44 38.17 6.40
N ARG I 56 36.35 38.03 7.72
CA ARG I 56 36.76 39.11 8.61
C ARG I 56 36.85 38.66 10.07
N ARG I 57 37.92 39.07 10.75
CA ARG I 57 38.06 38.79 12.17
C ARG I 57 37.40 39.91 12.98
N ILE I 58 36.54 39.51 13.91
CA ILE I 58 35.73 40.39 14.74
C ILE I 58 36.03 40.07 16.19
N HIS I 59 36.05 41.08 17.05
CA HIS I 59 36.21 40.90 18.49
C HIS I 59 34.84 40.95 19.16
N SER I 60 34.42 39.84 19.73
CA SER I 60 33.15 39.80 20.44
C SER I 60 33.37 39.20 21.83
N TYR I 61 32.27 38.72 22.43
CA TYR I 61 32.20 38.28 23.81
C TYR I 61 31.31 37.06 23.92
N ARG I 62 31.56 36.24 24.93
CA ARG I 62 30.68 35.10 25.16
C ARG I 62 29.27 35.61 25.44
N GLY I 63 28.28 34.92 24.86
CA GLY I 63 26.90 35.26 25.12
C GLY I 63 26.32 36.42 24.34
N HIS I 64 27.10 37.07 23.48
CA HIS I 64 26.54 38.09 22.59
C HIS I 64 25.75 37.45 21.45
N LEU I 65 24.92 38.25 20.79
CA LEU I 65 23.99 37.74 19.81
C LEU I 65 24.18 38.43 18.47
N TRP I 66 24.26 37.65 17.41
CA TRP I 66 24.49 38.16 16.07
C TRP I 66 23.50 37.56 15.09
N LEU I 67 23.06 38.37 14.15
CA LEU I 67 22.29 37.86 13.03
C LEU I 67 22.78 38.57 11.78
N PHE I 68 22.40 38.04 10.61
CA PHE I 68 23.00 38.53 9.38
C PHE I 68 21.98 38.66 8.28
N ARG I 69 22.05 39.77 7.55
CA ARG I 69 21.07 40.08 6.52
C ARG I 69 21.78 40.51 5.24
N ASP I 70 21.07 40.37 4.11
CA ASP I 70 21.49 41.02 2.89
C ASP I 70 21.57 42.53 3.15
N ALA I 71 22.74 43.12 2.90
CA ALA I 71 22.94 44.50 3.31
C ALA I 71 22.12 45.49 2.51
N GLY I 72 21.63 45.09 1.33
CA GLY I 72 20.90 45.98 0.46
C GLY I 72 19.38 45.87 0.53
N THR I 73 18.87 44.67 0.80
CA THR I 73 17.45 44.40 0.80
C THR I 73 16.93 43.82 2.10
N HIS I 74 17.80 43.43 3.02
CA HIS I 74 17.49 42.83 4.31
C HIS I 74 16.99 41.40 4.24
N ASP I 75 17.04 40.75 3.08
CA ASP I 75 16.73 39.33 3.01
C ASP I 75 17.50 38.59 4.11
N GLY I 76 16.85 37.60 4.71
CA GLY I 76 17.44 36.91 5.83
C GLY I 76 18.50 35.93 5.37
N LEU I 77 19.57 35.85 6.15
CA LEU I 77 20.62 34.90 5.85
C LEU I 77 20.77 34.00 7.05
N LEU I 78 21.37 32.84 6.84
CA LEU I 78 21.65 31.94 7.94
C LEU I 78 23.09 32.12 8.39
N VAL I 79 23.36 31.71 9.63
CA VAL I 79 24.71 31.70 10.17
C VAL I 79 24.87 30.42 10.98
N ASN I 80 25.82 29.59 10.57
CA ASN I 80 25.94 28.21 11.02
C ASN I 80 24.57 27.54 11.07
N GLN I 81 23.84 27.71 9.97
CA GLN I 81 22.56 27.07 9.69
C GLN I 81 21.45 27.42 10.68
N THR I 82 21.55 28.52 11.41
CA THR I 82 20.45 29.05 12.22
C THR I 82 20.41 30.56 12.02
N GLU I 83 19.46 31.20 12.69
CA GLU I 83 19.28 32.63 12.48
C GLU I 83 20.14 33.46 13.40
N LEU I 84 20.61 32.90 14.51
CA LEU I 84 21.35 33.66 15.50
C LEU I 84 22.69 33.00 15.80
N PHE I 85 23.69 33.84 16.07
CA PHE I 85 25.05 33.39 16.33
C PHE I 85 25.44 33.84 17.73
N VAL I 86 25.90 32.91 18.55
CA VAL I 86 26.28 33.24 19.92
C VAL I 86 27.75 32.91 20.12
N PRO I 87 28.61 33.91 20.22
CA PRO I 87 30.03 33.62 20.45
C PRO I 87 30.20 32.81 21.71
N SER I 88 30.94 31.71 21.61
CA SER I 88 31.15 30.85 22.76
C SER I 88 32.57 31.05 23.29
N LEU I 89 32.97 30.22 24.23
CA LEU I 89 34.30 30.36 24.81
C LEU I 89 35.35 29.96 23.78
N ASN I 90 36.40 30.78 23.67
CA ASN I 90 37.51 30.47 22.78
C ASN I 90 38.33 29.35 23.40
N VAL I 91 38.49 28.26 22.67
CA VAL I 91 39.18 27.07 23.16
C VAL I 91 40.51 26.95 22.43
N ASP I 92 41.59 26.92 23.22
CA ASP I 92 42.95 27.17 22.73
C ASP I 92 42.99 28.61 22.20
N GLY I 93 43.58 28.78 21.04
CA GLY I 93 43.66 30.11 20.45
C GLY I 93 42.77 30.20 19.22
N GLN I 94 41.84 29.25 19.12
CA GLN I 94 41.03 29.11 17.91
C GLN I 94 39.87 30.10 17.92
N PRO I 95 39.72 30.92 16.88
CA PRO I 95 38.53 31.76 16.76
C PRO I 95 37.30 30.96 16.36
N ILE I 96 36.11 31.49 16.69
CA ILE I 96 34.87 30.83 16.31
C ILE I 96 34.48 31.24 14.90
N PHE I 97 34.19 30.26 14.07
CA PHE I 97 33.78 30.54 12.71
C PHE I 97 32.28 30.77 12.68
N ALA I 98 31.88 31.90 12.13
CA ALA I 98 30.49 32.21 11.86
C ALA I 98 30.27 32.12 10.35
N ASN I 99 29.69 31.01 9.89
CA ASN I 99 29.53 30.74 8.46
C ASN I 99 28.19 31.29 7.95
N ILE I 100 28.24 32.40 7.20
CA ILE I 100 27.08 33.06 6.60
C ILE I 100 26.78 32.40 5.26
N THR I 101 25.64 31.72 5.14
CA THR I 101 25.23 31.10 3.88
C THR I 101 23.87 31.65 3.44
N LEU I 102 23.56 31.47 2.15
CA LEU I 102 22.17 31.62 1.71
C LEU I 102 21.35 30.47 2.31
N PRO I 103 20.12 30.75 2.73
CA PRO I 103 19.19 29.66 3.02
C PRO I 103 18.61 29.11 1.73
N VAL I 104 18.00 27.92 1.85
CA VAL I 104 17.10 27.55 0.76
C VAL I 104 15.81 28.35 0.90
N TYR I 105 15.76 29.53 0.29
CA TYR I 105 14.51 30.27 0.23
C TYR I 105 13.40 29.45 -0.41
N THR I 106 12.17 29.68 0.05
CA THR I 106 11.03 29.25 -0.73
C THR I 106 11.03 29.95 -2.09
N LEU I 107 10.51 29.24 -3.11
CA LEU I 107 10.43 29.80 -4.44
C LEU I 107 9.61 31.09 -4.45
N LYS I 108 8.51 31.13 -3.66
CA LYS I 108 7.71 32.33 -3.58
C LYS I 108 8.57 33.49 -3.12
N GLU I 109 9.30 33.31 -2.02
CA GLU I 109 10.14 34.41 -1.52
C GLU I 109 11.22 34.75 -2.53
N ARG I 110 11.78 33.73 -3.20
CA ARG I 110 12.77 34.04 -4.20
C ARG I 110 12.18 34.90 -5.31
N CYS I 111 10.94 34.63 -5.73
CA CYS I 111 10.35 35.49 -6.75
C CYS I 111 10.11 36.89 -6.22
N LEU I 112 9.62 37.01 -4.98
CA LEU I 112 9.39 38.34 -4.41
C LEU I 112 10.70 39.12 -4.37
N GLN I 113 11.81 38.45 -4.07
CA GLN I 113 13.09 39.16 -4.07
C GLN I 113 13.42 39.66 -5.46
N VAL I 114 13.24 38.83 -6.48
CA VAL I 114 13.61 39.24 -7.84
C VAL I 114 12.69 40.35 -8.33
N VAL I 115 11.39 40.24 -8.09
CA VAL I 115 10.52 41.31 -8.57
C VAL I 115 10.79 42.60 -7.80
N ARG I 116 10.96 42.51 -6.47
CA ARG I 116 11.32 43.71 -5.68
C ARG I 116 12.55 44.39 -6.24
N SER I 117 13.54 43.59 -6.67
CA SER I 117 14.77 44.11 -7.26
C SER I 117 14.55 44.76 -8.62
N LEU I 118 13.41 44.55 -9.26
CA LEU I 118 13.20 45.02 -10.64
C LEU I 118 12.20 46.15 -10.76
N VAL I 119 11.29 46.27 -9.81
CA VAL I 119 10.24 47.28 -9.81
C VAL I 119 10.30 48.15 -8.57
N LYS I 120 10.04 49.43 -8.80
CA LYS I 120 10.14 50.49 -7.82
C LYS I 120 8.95 50.44 -6.86
N PRO I 121 9.15 50.77 -5.59
CA PRO I 121 8.05 50.65 -4.61
C PRO I 121 6.82 51.47 -4.97
N GLU I 122 6.97 52.58 -5.71
CA GLU I 122 5.83 53.34 -6.23
C GLU I 122 4.89 52.45 -7.03
N ASN I 123 5.45 51.57 -7.86
CA ASN I 123 4.73 50.93 -8.95
C ASN I 123 4.33 49.49 -8.67
N TYR I 124 4.60 48.97 -7.46
CA TYR I 124 4.10 47.65 -7.10
C TYR I 124 2.63 47.51 -7.50
N ARG I 125 1.82 48.53 -7.18
CA ARG I 125 0.39 48.47 -7.45
C ARG I 125 0.05 48.59 -8.94
N ARG I 126 0.97 49.07 -9.77
CA ARG I 126 0.76 49.13 -11.22
C ARG I 126 1.09 47.81 -11.94
N LEU I 127 1.47 46.76 -11.21
CA LEU I 127 1.76 45.46 -11.81
C LEU I 127 0.45 44.75 -12.09
N ASP I 128 0.54 43.63 -12.80
CA ASP I 128 -0.65 42.89 -13.19
C ASP I 128 -0.77 41.62 -12.34
N ILE I 129 -1.03 41.79 -11.05
CA ILE I 129 -1.09 40.65 -10.14
C ILE I 129 -2.24 40.79 -9.14
N VAL I 130 -2.45 39.73 -8.35
CA VAL I 130 -3.46 39.68 -7.31
C VAL I 130 -3.23 40.74 -6.21
N ARG I 131 -4.30 41.01 -5.47
CA ARG I 131 -4.21 41.73 -4.19
C ARG I 131 -3.29 41.02 -3.20
N SER I 132 -3.50 39.71 -2.99
CA SER I 132 -2.70 38.98 -2.01
C SER I 132 -1.21 39.26 -2.17
N LEU I 133 -0.77 39.42 -3.41
CA LEU I 133 0.63 39.69 -3.73
C LEU I 133 1.01 41.14 -3.51
N TYR I 134 0.05 42.07 -3.53
CA TYR I 134 0.42 43.46 -3.32
C TYR I 134 0.86 43.67 -1.89
N GLU I 135 0.19 43.01 -0.95
CA GLU I 135 0.66 43.03 0.43
C GLU I 135 1.93 42.22 0.59
N ASP I 136 2.04 41.12 -0.16
CA ASP I 136 3.26 40.31 -0.11
C ASP I 136 4.48 41.07 -0.64
N LEU I 137 4.29 41.90 -1.68
CA LEU I 137 5.41 42.63 -2.27
C LEU I 137 5.92 43.75 -1.38
N GLU I 138 5.00 44.41 -0.64
CA GLU I 138 5.33 45.56 0.18
C GLU I 138 5.89 45.17 1.54
N ASP I 139 5.62 43.94 1.98
CA ASP I 139 6.12 43.44 3.26
C ASP I 139 7.58 43.01 3.07
N HIS I 140 8.43 44.03 2.92
CA HIS I 140 9.87 43.81 2.75
C HIS I 140 10.43 43.08 3.98
N PRO I 141 11.42 42.20 3.80
CA PRO I 141 12.03 41.56 4.96
C PRO I 141 12.44 42.64 5.94
N ASN I 142 12.19 42.38 7.22
CA ASN I 142 12.24 43.42 8.25
C ASN I 142 12.89 42.79 9.47
N VAL I 143 13.97 43.41 9.96
CA VAL I 143 14.73 42.77 11.03
C VAL I 143 13.91 42.72 12.32
N GLN I 144 13.28 43.85 12.68
CA GLN I 144 12.51 43.90 13.92
C GLN I 144 11.43 42.82 13.94
N LYS I 145 10.69 42.68 12.84
CA LYS I 145 9.60 41.71 12.79
C LYS I 145 10.11 40.29 12.98
N ASP I 146 11.14 39.89 12.22
CA ASP I 146 11.68 38.54 12.36
C ASP I 146 12.14 38.32 13.80
N LEU I 147 12.70 39.35 14.44
CA LEU I 147 13.06 39.22 15.85
C LEU I 147 11.81 39.00 16.69
N GLU I 148 10.74 39.76 16.40
CA GLU I 148 9.45 39.50 17.05
C GLU I 148 8.99 38.08 16.77
N ARG I 149 9.02 37.67 15.51
CA ARG I 149 8.58 36.33 15.15
C ARG I 149 9.32 35.27 15.95
N LEU I 150 10.63 35.42 16.10
CA LEU I 150 11.43 34.37 16.72
C LEU I 150 11.29 34.36 18.24
N THR I 151 11.03 35.52 18.85
CA THR I 151 10.68 35.54 20.28
C THR I 151 9.41 34.74 20.53
N GLN I 152 8.39 34.91 19.66
CA GLN I 152 7.11 34.23 19.85
C GLN I 152 7.28 32.72 19.71
N GLU I 153 8.00 32.31 18.67
CA GLU I 153 8.20 30.87 18.41
C GLU I 153 8.80 30.22 19.66
N ARG I 154 8.84 30.95 20.77
CA ARG I 154 9.39 30.40 22.03
C ARG I 154 8.38 30.61 23.16
N MET J 1 39.03 -27.00 15.92
CA MET J 1 38.12 -25.88 16.06
C MET J 1 36.81 -26.10 15.29
N ASP J 2 35.77 -25.41 15.75
CA ASP J 2 34.48 -25.46 15.09
C ASP J 2 34.43 -24.50 13.89
N VAL J 3 33.80 -24.94 12.82
CA VAL J 3 33.46 -24.08 11.69
C VAL J 3 31.94 -24.11 11.59
N PHE J 4 31.36 -22.97 11.20
CA PHE J 4 29.91 -22.80 11.18
C PHE J 4 29.48 -22.52 9.75
N LEU J 5 28.45 -23.25 9.31
CA LEU J 5 28.11 -23.41 7.90
C LEU J 5 26.62 -23.21 7.66
N MET J 6 26.33 -22.78 6.45
CA MET J 6 24.99 -22.85 5.86
C MET J 6 25.12 -23.73 4.64
N ILE J 7 24.50 -24.89 4.68
CA ILE J 7 24.43 -25.75 3.51
C ILE J 7 23.17 -25.38 2.73
N ARG J 8 23.35 -24.98 1.47
CA ARG J 8 22.26 -24.35 0.74
C ARG J 8 22.08 -25.01 -0.62
N ARG J 9 20.82 -25.35 -0.93
CA ARG J 9 20.41 -25.79 -2.25
C ARG J 9 19.01 -25.23 -2.46
N HIS J 10 18.81 -24.58 -3.60
CA HIS J 10 17.50 -24.09 -4.01
C HIS J 10 16.93 -23.12 -2.97
N LYS J 11 15.84 -23.48 -2.29
CA LYS J 11 15.33 -22.65 -1.21
C LYS J 11 15.49 -23.32 0.17
N THR J 12 16.36 -24.33 0.26
CA THR J 12 16.71 -24.98 1.51
C THR J 12 18.01 -24.41 2.06
N THR J 13 18.04 -24.19 3.38
CA THR J 13 19.26 -23.78 4.07
C THR J 13 19.37 -24.51 5.40
N ILE J 14 20.42 -25.31 5.53
CA ILE J 14 20.72 -26.06 6.74
C ILE J 14 21.82 -25.30 7.50
N PHE J 15 21.54 -24.91 8.74
CA PHE J 15 22.54 -24.32 9.62
C PHE J 15 23.16 -25.44 10.45
N THR J 16 24.46 -25.69 10.27
CA THR J 16 25.14 -26.72 11.05
C THR J 16 26.57 -26.30 11.34
N ASP J 17 27.25 -27.11 12.15
CA ASP J 17 28.66 -26.94 12.46
C ASP J 17 29.36 -28.27 12.32
N ALA J 18 30.68 -28.22 12.26
CA ALA J 18 31.54 -29.37 12.10
C ALA J 18 32.95 -28.95 12.52
N LYS J 19 33.89 -29.89 12.50
CA LYS J 19 35.27 -29.54 12.80
C LYS J 19 36.03 -29.21 11.52
N GLU J 20 36.99 -28.31 11.65
CA GLU J 20 37.87 -28.01 10.53
C GLU J 20 38.50 -29.28 9.98
N SER J 21 38.78 -30.25 10.86
CA SER J 21 39.42 -31.49 10.44
C SER J 21 38.44 -32.49 9.86
N SER J 22 37.15 -32.30 10.15
CA SER J 22 36.08 -33.13 9.63
C SER J 22 36.11 -33.10 8.10
N THR J 23 35.54 -34.12 7.46
CA THR J 23 35.66 -34.20 6.01
C THR J 23 34.37 -33.88 5.30
N VAL J 24 34.53 -33.55 4.01
CA VAL J 24 33.39 -33.32 3.12
C VAL J 24 32.43 -34.48 3.19
N PHE J 25 32.95 -35.71 3.21
CA PHE J 25 32.07 -36.88 3.28
C PHE J 25 31.23 -36.86 4.54
N GLU J 26 31.85 -36.58 5.69
CA GLU J 26 31.09 -36.51 6.94
C GLU J 26 30.02 -35.42 6.89
N LEU J 27 30.24 -34.35 6.11
CA LEU J 27 29.18 -33.37 5.91
C LEU J 27 28.05 -33.96 5.10
N LYS J 28 28.37 -34.74 4.07
CA LYS J 28 27.31 -35.37 3.30
C LYS J 28 26.49 -36.28 4.18
N ARG J 29 27.10 -36.85 5.22
CA ARG J 29 26.31 -37.67 6.14
C ARG J 29 25.28 -36.82 6.87
N ILE J 30 25.66 -35.60 7.29
CA ILE J 30 24.73 -34.68 7.92
C ILE J 30 23.60 -34.28 6.99
N VAL J 31 23.92 -33.98 5.73
CA VAL J 31 22.83 -33.67 4.81
C VAL J 31 21.91 -34.87 4.68
N GLU J 32 22.50 -36.08 4.71
CA GLU J 32 21.67 -37.28 4.55
C GLU J 32 20.65 -37.40 5.67
N GLY J 33 21.11 -37.25 6.92
CA GLY J 33 20.18 -37.33 8.02
C GLY J 33 19.09 -36.31 7.97
N ILE J 34 19.26 -35.23 7.22
CA ILE J 34 18.23 -34.20 7.24
C ILE J 34 17.37 -34.31 6.00
N LEU J 35 17.98 -34.23 4.82
CA LEU J 35 17.22 -34.23 3.58
C LEU J 35 16.97 -35.64 3.05
N LYS J 36 17.45 -36.66 3.77
CA LYS J 36 17.19 -38.06 3.43
C LYS J 36 17.63 -38.40 2.01
N ARG J 37 18.91 -38.14 1.73
CA ARG J 37 19.51 -38.44 0.40
C ARG J 37 20.95 -38.88 0.68
N PRO J 38 21.38 -40.00 0.11
CA PRO J 38 22.69 -40.58 0.52
C PRO J 38 23.86 -39.78 -0.04
N PRO J 39 25.02 -39.87 0.60
CA PRO J 39 26.18 -39.10 0.10
C PRO J 39 26.45 -39.20 -1.38
N ASP J 40 26.29 -40.38 -1.99
CA ASP J 40 26.63 -40.52 -3.41
C ASP J 40 25.62 -39.84 -4.33
N GLU J 41 24.52 -39.31 -3.79
CA GLU J 41 23.56 -38.55 -4.58
C GLU J 41 23.66 -37.05 -4.28
N GLN J 42 24.81 -36.62 -3.74
CA GLN J 42 25.09 -35.26 -3.35
C GLN J 42 26.38 -34.76 -3.98
N ARG J 43 26.34 -33.51 -4.40
CA ARG J 43 27.52 -32.74 -4.74
C ARG J 43 27.51 -31.51 -3.83
N LEU J 44 28.64 -31.27 -3.17
CA LEU J 44 28.85 -30.13 -2.30
C LEU J 44 29.86 -29.21 -2.96
N TYR J 45 29.60 -27.90 -2.92
CA TYR J 45 30.45 -26.89 -3.55
C TYR J 45 30.88 -25.79 -2.56
N LYS J 46 32.13 -25.32 -2.68
CA LYS J 46 32.55 -24.02 -2.14
C LYS J 46 32.67 -23.11 -3.36
N ASP J 47 31.74 -22.17 -3.49
CA ASP J 47 31.53 -21.38 -4.70
C ASP J 47 31.20 -22.33 -5.84
N ASP J 48 31.84 -22.20 -7.01
CA ASP J 48 31.55 -23.09 -8.13
C ASP J 48 32.38 -24.36 -8.09
N GLN J 49 33.23 -24.49 -7.08
CA GLN J 49 34.20 -25.56 -7.02
C GLN J 49 33.64 -26.82 -6.36
N LEU J 50 33.72 -27.94 -7.07
CA LEU J 50 33.24 -29.21 -6.53
C LEU J 50 34.15 -29.71 -5.41
N LEU J 51 33.55 -30.15 -4.31
CA LEU J 51 34.30 -30.54 -3.12
C LEU J 51 34.47 -32.06 -3.07
N ASP J 52 35.72 -32.52 -2.94
CA ASP J 52 36.03 -33.96 -2.90
C ASP J 52 35.79 -34.57 -1.52
N ASP J 53 35.23 -35.79 -1.53
CA ASP J 53 34.86 -36.45 -0.27
C ASP J 53 36.03 -36.47 0.73
N GLY J 54 37.23 -36.79 0.28
CA GLY J 54 38.28 -37.02 1.25
C GLY J 54 38.91 -35.79 1.84
N LYS J 55 38.56 -34.60 1.33
CA LYS J 55 39.19 -33.38 1.79
C LYS J 55 38.60 -32.95 3.12
N THR J 56 39.44 -32.32 3.94
CA THR J 56 38.95 -31.77 5.18
C THR J 56 38.35 -30.39 4.92
N LEU J 57 37.36 -30.02 5.73
CA LEU J 57 36.78 -28.69 5.63
C LEU J 57 37.87 -27.63 5.70
N GLY J 58 38.89 -27.88 6.53
CA GLY J 58 39.99 -26.96 6.62
C GLY J 58 40.70 -26.79 5.29
N GLU J 59 40.94 -27.89 4.59
CA GLU J 59 41.63 -27.77 3.32
C GLU J 59 40.80 -26.99 2.30
N CAS J 60 39.47 -27.09 2.37
CA CAS J 60 38.62 -26.37 1.45
CB CAS J 60 37.28 -27.12 1.30
C CAS J 60 38.41 -24.92 1.87
O CAS J 60 37.51 -24.22 1.36
SG CAS J 60 37.56 -28.78 0.71
AS CAS J 60 38.69 -28.51 -1.26
CE1 CAS J 60 40.59 -29.05 -1.22
CE2 CAS J 60 37.93 -27.80 -2.94
N GLY J 61 39.21 -24.47 2.79
CA GLY J 61 39.20 -23.07 3.19
C GLY J 61 38.04 -22.59 4.04
N PHE J 62 37.40 -23.55 4.73
CA PHE J 62 36.45 -23.25 5.80
C PHE J 62 37.24 -23.28 7.09
N THR J 63 37.50 -22.11 7.65
CA THR J 63 38.32 -21.96 8.86
C THR J 63 37.53 -21.22 9.92
N SER J 64 37.96 -21.40 11.17
CA SER J 64 37.27 -20.78 12.30
C SER J 64 37.06 -19.29 12.12
N GLN J 65 37.99 -18.65 11.46
CA GLN J 65 37.94 -17.22 11.36
C GLN J 65 37.18 -16.79 10.12
N THR J 66 36.96 -17.72 9.22
CA THR J 66 36.21 -17.47 7.99
C THR J 66 34.79 -18.00 8.06
N ALA J 67 34.51 -18.98 8.92
CA ALA J 67 33.19 -19.55 9.06
C ALA J 67 32.71 -19.37 10.49
N ARG J 68 32.37 -18.15 10.87
CA ARG J 68 32.13 -17.98 12.30
C ARG J 68 30.63 -18.13 12.63
N PRO J 69 30.26 -18.30 13.91
CA PRO J 69 28.84 -18.65 14.20
C PRO J 69 27.87 -17.54 13.85
N GLN J 70 28.21 -16.29 14.15
CA GLN J 70 27.38 -15.14 13.81
C GLN J 70 27.46 -14.78 12.33
N ALA J 71 28.34 -15.44 11.57
CA ALA J 71 28.52 -15.15 10.15
C ALA J 71 29.01 -16.43 9.48
N PRO J 72 28.11 -17.41 9.28
CA PRO J 72 28.54 -18.74 8.78
C PRO J 72 28.96 -18.75 7.32
N ALA J 73 29.79 -19.72 6.96
CA ALA J 73 30.24 -19.89 5.58
C ALA J 73 29.29 -20.80 4.80
N THR J 74 29.13 -20.50 3.51
CA THR J 74 28.19 -21.21 2.64
C THR J 74 28.83 -22.42 1.99
N VAL J 75 28.10 -23.53 1.99
CA VAL J 75 28.41 -24.72 1.20
C VAL J 75 27.25 -24.97 0.26
N GLY J 76 27.53 -25.01 -1.04
CA GLY J 76 26.49 -25.30 -2.03
C GLY J 76 26.14 -26.78 -2.10
N LEU J 77 24.88 -27.06 -2.47
CA LEU J 77 24.37 -28.42 -2.52
C LEU J 77 23.52 -28.67 -3.77
N ALA J 78 23.76 -29.82 -4.43
CA ALA J 78 22.97 -30.24 -5.59
C ALA J 78 22.76 -31.74 -5.46
N PHE J 79 21.50 -32.18 -5.51
CA PHE J 79 21.22 -33.60 -5.52
C PHE J 79 21.34 -34.17 -6.93
N ARG J 80 21.49 -35.49 -6.98
CA ARG J 80 21.26 -36.21 -8.23
C ARG J 80 19.76 -36.31 -8.47
N ALA J 81 19.37 -36.19 -9.74
CA ALA J 81 17.95 -36.30 -10.13
C ALA J 81 17.89 -37.16 -11.37
N ASP J 82 17.58 -38.45 -11.17
CA ASP J 82 17.58 -39.49 -12.21
C ASP J 82 19.01 -39.79 -12.69
N ASP J 83 19.28 -39.60 -13.97
CA ASP J 83 20.61 -39.87 -14.49
C ASP J 83 21.58 -38.83 -13.96
N THR J 84 21.41 -37.57 -14.40
CA THR J 84 22.39 -36.53 -14.17
C THR J 84 22.18 -35.85 -12.82
N PHE J 85 23.25 -35.23 -12.31
CA PHE J 85 23.10 -34.27 -11.23
C PHE J 85 22.46 -32.99 -11.76
N GLU J 86 21.57 -32.42 -10.95
CA GLU J 86 21.06 -31.10 -11.25
C GLU J 86 22.19 -30.07 -11.17
N ALA J 87 21.99 -28.93 -11.83
CA ALA J 87 22.94 -27.84 -11.70
C ALA J 87 22.91 -27.32 -10.28
N LEU J 88 23.99 -26.63 -9.88
CA LEU J 88 24.03 -26.05 -8.56
C LEU J 88 23.16 -24.82 -8.64
N CAS J 89 22.15 -24.70 -7.78
CA CAS J 89 21.36 -23.49 -7.83
CB CAS J 89 20.12 -23.69 -8.73
C CAS J 89 21.00 -23.04 -6.41
O CAS J 89 20.50 -23.87 -5.64
SG CAS J 89 18.65 -22.89 -8.10
AS CAS J 89 18.92 -21.01 -9.34
CE1 CAS J 89 20.65 -20.68 -10.27
CE2 CAS J 89 17.36 -19.76 -9.39
N ILE J 90 21.28 -21.78 -6.06
CA ILE J 90 20.93 -21.23 -4.76
C ILE J 90 20.06 -19.99 -4.86
N GLU J 91 18.83 -20.10 -4.39
CA GLU J 91 17.93 -18.97 -4.46
C GLU J 91 18.38 -17.92 -3.45
N PRO J 92 18.51 -16.66 -3.86
CA PRO J 92 18.92 -15.63 -2.93
C PRO J 92 17.87 -15.41 -1.85
N PHE J 93 18.31 -14.84 -0.75
CA PHE J 93 17.35 -14.43 0.28
C PHE J 93 16.63 -13.18 -0.21
N SER J 94 15.50 -12.88 0.42
CA SER J 94 14.71 -11.71 0.03
C SER J 94 15.54 -10.43 0.13
N SER J 95 15.07 -9.38 -0.57
CA SER J 95 15.91 -8.21 -0.45
C SER J 95 15.33 -7.21 0.55
N PRO J 96 16.18 -6.54 1.32
CA PRO J 96 15.71 -5.61 2.34
C PRO J 96 15.09 -4.38 1.72
N PRO J 97 14.18 -3.70 2.40
CA PRO J 97 13.63 -2.44 1.89
C PRO J 97 14.78 -1.44 1.79
N GLU J 98 14.59 -0.30 1.12
CA GLU J 98 15.83 0.45 1.26
C GLU J 98 15.75 1.34 2.47
N LEU J 99 16.94 1.69 2.95
CA LEU J 99 17.15 2.42 4.16
C LEU J 99 16.16 3.57 4.29
N PRO J 100 15.32 3.57 5.31
CA PRO J 100 14.49 4.76 5.57
C PRO J 100 15.39 5.98 5.71
N ASP J 101 14.87 7.13 5.29
CA ASP J 101 15.67 8.35 5.27
C ASP J 101 16.25 8.66 6.64
N VAL J 102 15.58 8.17 7.70
CA VAL J 102 15.98 8.41 9.07
C VAL J 102 17.24 7.65 9.49
N MET J 103 17.66 6.62 8.73
CA MET J 103 18.91 5.92 9.04
C MET J 103 19.95 6.17 7.96
N MET K 1 21.27 -36.19 16.47
CA MET K 1 20.96 -34.77 16.34
C MET K 1 19.57 -34.56 15.74
N MET K 2 18.76 -33.72 16.39
CA MET K 2 17.39 -33.45 15.95
C MET K 2 17.28 -32.03 15.40
N TYR K 3 16.56 -31.88 14.29
CA TYR K 3 16.40 -30.59 13.64
C TYR K 3 14.92 -30.21 13.56
N VAL K 4 14.68 -28.93 13.28
CA VAL K 4 13.34 -28.37 13.06
C VAL K 4 13.45 -27.46 11.83
N LYS K 5 12.30 -27.13 11.26
CA LYS K 5 12.24 -26.36 10.03
C LYS K 5 11.51 -25.05 10.28
N LEU K 6 12.18 -23.92 10.06
CA LEU K 6 11.58 -22.60 10.14
C LEU K 6 11.40 -22.07 8.73
N ILE K 7 10.17 -21.70 8.36
CA ILE K 7 9.88 -21.31 6.98
C ILE K 7 9.61 -19.81 6.93
N SER K 8 10.29 -19.14 6.00
CA SER K 8 10.13 -17.70 5.92
C SER K 8 8.85 -17.35 5.17
N SER K 9 8.53 -16.05 5.15
CA SER K 9 7.35 -15.58 4.44
C SER K 9 7.51 -15.72 2.93
N ASP K 10 8.74 -15.68 2.42
CA ASP K 10 8.96 -15.89 0.99
C ASP K 10 9.34 -17.31 0.67
N GLY K 11 9.07 -18.23 1.60
CA GLY K 11 9.10 -19.65 1.32
C GLY K 11 10.44 -20.33 1.52
N HIS K 12 11.46 -19.59 1.96
CA HIS K 12 12.75 -20.21 2.25
C HIS K 12 12.62 -21.11 3.47
N GLU K 13 13.15 -22.32 3.37
CA GLU K 13 13.05 -23.30 4.44
C GLU K 13 14.41 -23.37 5.16
N PHE K 14 14.45 -22.89 6.40
CA PHE K 14 15.67 -22.94 7.22
C PHE K 14 15.58 -24.11 8.17
N ILE K 15 16.61 -24.96 8.15
CA ILE K 15 16.66 -26.14 9.02
C ILE K 15 17.80 -25.95 10.01
N VAL K 16 17.45 -25.88 11.28
CA VAL K 16 18.40 -25.61 12.35
C VAL K 16 18.25 -26.75 13.34
N LYS K 17 19.28 -27.00 14.13
CA LYS K 17 19.11 -28.03 15.14
C LYS K 17 18.17 -27.55 16.24
N ARG K 18 17.43 -28.50 16.79
CA ARG K 18 16.33 -28.21 17.71
C ARG K 18 16.83 -27.43 18.92
N GLU K 19 17.96 -27.87 19.53
CA GLU K 19 18.52 -27.18 20.69
C GLU K 19 18.63 -25.68 20.44
N HIS K 20 19.09 -25.29 19.25
CA HIS K 20 19.18 -23.88 18.90
C HIS K 20 17.80 -23.23 18.82
N ALA K 21 16.84 -23.91 18.21
CA ALA K 21 15.52 -23.29 18.03
C ALA K 21 14.87 -23.00 19.37
N LEU K 22 15.18 -23.80 20.40
CA LEU K 22 14.62 -23.58 21.73
C LEU K 22 15.25 -22.37 22.42
N THR K 23 16.22 -21.73 21.79
CA THR K 23 16.69 -20.45 22.28
C THR K 23 15.57 -19.40 22.26
N SER K 24 14.66 -19.47 21.31
CA SER K 24 13.48 -18.63 21.36
C SER K 24 12.45 -19.32 22.22
N GLY K 25 12.06 -18.66 23.31
CA GLY K 25 10.95 -19.16 24.11
C GLY K 25 9.68 -19.36 23.31
N THR K 26 9.39 -18.43 22.40
CA THR K 26 8.21 -18.54 21.55
C THR K 26 8.24 -19.83 20.73
N ILE K 27 9.38 -20.12 20.10
CA ILE K 27 9.49 -21.32 19.28
C ILE K 27 9.40 -22.57 20.15
N LYS K 28 9.93 -22.53 21.40
CA LYS K 28 9.83 -23.65 22.33
C LYS K 28 8.37 -24.05 22.57
N ALA K 29 7.46 -23.07 22.56
CA ALA K 29 6.03 -23.36 22.70
C ALA K 29 5.42 -23.91 21.42
N MET K 30 5.79 -23.34 20.26
CA MET K 30 5.18 -23.75 19.01
C MET K 30 5.42 -25.22 18.71
N LEU K 31 6.50 -25.80 19.25
CA LEU K 31 6.80 -27.21 19.05
C LEU K 31 6.17 -28.05 20.17
N ASN K 43 9.65 -31.49 13.15
CA ASN K 43 8.62 -30.46 13.36
C ASN K 43 8.95 -29.16 12.62
N GLU K 44 7.93 -28.52 12.06
CA GLU K 44 8.05 -27.30 11.27
C GLU K 44 7.28 -26.16 11.91
N VAL K 45 7.74 -24.92 11.63
CA VAL K 45 7.08 -23.69 12.06
C VAL K 45 7.09 -22.70 10.89
N ASN K 46 5.94 -22.08 10.61
CA ASN K 46 5.75 -21.16 9.49
C ASN K 46 5.61 -19.71 9.95
N PHE K 47 6.46 -18.83 9.43
CA PHE K 47 6.44 -17.40 9.75
C PHE K 47 5.95 -16.59 8.55
N ARG K 48 4.65 -16.28 8.50
CA ARG K 48 4.12 -15.54 7.36
C ARG K 48 4.49 -14.06 7.38
N GLU K 49 5.13 -13.59 8.44
CA GLU K 49 5.44 -12.19 8.56
C GLU K 49 6.93 -11.91 8.62
N ILE K 50 7.77 -12.93 8.53
CA ILE K 50 9.22 -12.75 8.61
C ILE K 50 9.87 -13.12 7.28
N PRO K 51 10.43 -12.15 6.55
CA PRO K 51 11.11 -12.46 5.30
C PRO K 51 12.41 -13.23 5.55
N SER K 52 12.99 -13.76 4.47
CA SER K 52 14.16 -14.63 4.61
C SER K 52 15.40 -13.86 5.05
N HIS K 53 15.59 -12.63 4.57
CA HIS K 53 16.76 -11.83 4.97
C HIS K 53 16.74 -11.48 6.47
N VAL K 54 15.62 -11.66 7.15
CA VAL K 54 15.57 -11.59 8.61
C VAL K 54 15.65 -12.97 9.24
N LEU K 55 14.93 -13.96 8.70
CA LEU K 55 14.89 -15.25 9.37
C LEU K 55 16.25 -15.93 9.37
N SER K 56 17.03 -15.74 8.31
CA SER K 56 18.38 -16.23 8.31
C SER K 56 19.22 -15.58 9.40
N LYS K 57 19.10 -14.26 9.58
CA LYS K 57 19.82 -13.59 10.67
C LYS K 57 19.42 -14.15 12.03
N VAL K 58 18.12 -14.40 12.21
CA VAL K 58 17.64 -15.05 13.43
C VAL K 58 18.38 -16.35 13.66
N CYS K 59 18.54 -17.14 12.59
CA CYS K 59 19.24 -18.41 12.71
C CYS K 59 20.70 -18.21 13.07
N MET K 60 21.38 -17.28 12.41
CA MET K 60 22.74 -16.95 12.80
C MET K 60 22.82 -16.56 14.27
N TYR K 61 21.85 -15.78 14.75
CA TYR K 61 21.83 -15.41 16.15
C TYR K 61 21.69 -16.64 17.04
N PHE K 62 20.87 -17.60 16.64
CA PHE K 62 20.76 -18.84 17.41
C PHE K 62 22.12 -19.49 17.58
N THR K 63 22.84 -19.73 16.49
CA THR K 63 24.07 -20.45 16.66
C THR K 63 25.05 -19.60 17.47
N TYR K 64 24.98 -18.27 17.33
CA TYR K 64 25.83 -17.39 18.13
C TYR K 64 25.50 -17.47 19.62
N LYS K 65 24.22 -17.48 19.97
CA LYS K 65 23.83 -17.53 21.38
C LYS K 65 24.26 -18.85 22.02
N VAL K 66 24.06 -19.95 21.32
CA VAL K 66 24.40 -21.26 21.88
C VAL K 66 25.91 -21.36 22.09
N ARG K 67 26.67 -20.78 21.17
CA ARG K 67 28.11 -20.94 21.21
C ARG K 67 28.74 -20.16 22.36
N TYR K 68 28.27 -18.93 22.62
CA TYR K 68 28.97 -18.01 23.51
C TYR K 68 28.30 -17.77 24.87
N THR K 69 27.12 -18.31 25.12
CA THR K 69 26.61 -18.32 26.49
C THR K 69 27.37 -19.36 27.29
N ASN K 70 27.80 -18.97 28.49
CA ASN K 70 28.62 -19.82 29.36
C ASN K 70 29.95 -20.14 28.69
N SER K 71 30.63 -19.10 28.21
CA SER K 71 31.98 -19.22 27.63
C SER K 71 32.88 -18.13 28.19
N THR K 73 35.90 -18.06 26.78
CA THR K 73 36.25 -17.56 25.45
C THR K 73 35.67 -16.15 25.27
N GLU K 74 36.45 -15.27 24.61
CA GLU K 74 36.06 -13.88 24.39
C GLU K 74 34.97 -13.77 23.33
N ILE K 75 33.92 -13.03 23.66
CA ILE K 75 32.69 -12.94 22.87
C ILE K 75 32.80 -11.80 21.87
N PRO K 76 32.51 -12.04 20.60
CA PRO K 76 32.51 -10.95 19.61
C PRO K 76 31.14 -10.32 19.46
N GLU K 77 31.14 -9.14 18.87
CA GLU K 77 29.91 -8.47 18.52
C GLU K 77 29.05 -9.32 17.59
N PHE K 78 27.73 -9.30 17.82
CA PHE K 78 26.78 -9.79 16.85
C PHE K 78 26.51 -8.70 15.80
N PRO K 79 26.83 -8.93 14.52
CA PRO K 79 26.63 -7.89 13.49
C PRO K 79 25.18 -7.77 13.04
N ILE K 80 24.72 -6.53 12.90
CA ILE K 80 23.39 -6.28 12.34
C ILE K 80 23.52 -5.11 11.38
N ALA K 81 23.37 -5.38 10.09
CA ALA K 81 23.46 -4.35 9.07
C ALA K 81 22.28 -3.40 9.17
N PRO K 82 22.48 -2.10 8.92
CA PRO K 82 21.38 -1.12 8.99
C PRO K 82 20.10 -1.49 8.23
N GLU K 83 20.23 -2.13 7.07
CA GLU K 83 19.06 -2.42 6.23
C GLU K 83 18.15 -3.45 6.85
N ILE K 84 18.65 -4.19 7.83
CA ILE K 84 17.95 -5.32 8.41
C ILE K 84 17.45 -4.99 9.82
N ALA K 85 17.95 -3.92 10.42
CA ALA K 85 17.75 -3.71 11.86
C ALA K 85 16.28 -3.59 12.18
N LEU K 86 15.54 -2.81 11.40
CA LEU K 86 14.13 -2.57 11.67
C LEU K 86 13.32 -3.88 11.71
N GLU K 87 13.41 -4.71 10.67
CA GLU K 87 12.62 -5.95 10.70
C GLU K 87 13.21 -6.96 11.68
N LEU K 88 14.54 -6.98 11.84
CA LEU K 88 15.11 -7.84 12.88
C LEU K 88 14.55 -7.44 14.24
N LEU K 89 14.49 -6.13 14.49
CA LEU K 89 13.88 -5.66 15.72
C LEU K 89 12.46 -6.17 15.84
N MET K 90 11.68 -6.03 14.76
CA MET K 90 10.30 -6.49 14.78
C MET K 90 10.24 -8.00 14.99
N ALA K 91 11.10 -8.74 14.30
CA ALA K 91 11.10 -10.19 14.47
C ALA K 91 11.49 -10.55 15.89
N ALA K 92 12.59 -9.99 16.38
CA ALA K 92 13.10 -10.37 17.69
C ALA K 92 12.04 -10.15 18.75
N ASN K 93 11.28 -9.04 18.64
CA ASN K 93 10.21 -8.77 19.60
C ASN K 93 9.14 -9.87 19.58
N PHE K 94 8.78 -10.37 18.39
CA PHE K 94 7.75 -11.40 18.36
C PHE K 94 8.25 -12.74 18.89
N LEU K 95 9.53 -13.09 18.71
CA LEU K 95 10.02 -14.39 19.16
C LEU K 95 10.62 -14.39 20.56
N ASP K 96 10.66 -13.24 21.26
CA ASP K 96 11.24 -13.19 22.60
C ASP K 96 12.74 -13.51 22.53
N CYS K 97 13.34 -13.20 21.39
CA CYS K 97 14.74 -13.50 21.08
C CYS K 97 15.75 -12.61 21.81
N VAL L 11 22.68 0.39 50.42
CA VAL L 11 22.98 -0.96 49.95
C VAL L 11 23.37 -0.93 48.47
N LEU L 12 24.48 -1.65 48.16
CA LEU L 12 25.25 -1.47 46.93
C LEU L 12 26.04 -0.18 47.02
N ARG L 13 27.13 -0.23 47.79
CA ARG L 13 28.01 0.89 48.08
C ARG L 13 29.40 0.29 48.15
N SER L 14 30.42 1.11 48.02
CA SER L 14 31.75 0.69 48.40
C SER L 14 31.81 0.67 49.92
N VAL L 15 32.35 -0.41 50.48
CA VAL L 15 32.79 -0.40 51.86
C VAL L 15 34.07 0.42 52.02
N ASN L 16 34.16 1.21 53.10
CA ASN L 16 35.34 2.07 53.31
C ASN L 16 36.43 1.34 54.10
N SER L 17 37.04 0.33 53.48
CA SER L 17 38.05 -0.51 54.14
C SER L 17 39.38 0.19 54.32
N ARG L 18 39.71 1.12 53.45
CA ARG L 18 41.05 1.68 53.37
C ARG L 18 42.14 0.59 53.26
N GLU L 19 41.76 -0.65 52.91
CA GLU L 19 42.68 -1.77 52.68
C GLU L 19 43.00 -1.89 51.19
N PRO L 20 44.19 -1.46 50.73
CA PRO L 20 44.47 -1.42 49.29
C PRO L 20 44.41 -2.76 48.58
N SER L 21 44.11 -2.67 47.29
CA SER L 21 43.99 -3.80 46.37
C SER L 21 44.35 -3.32 44.97
N GLN L 22 45.24 -4.02 44.33
CA GLN L 22 45.70 -3.61 43.01
C GLN L 22 44.94 -4.43 41.98
N VAL L 23 44.49 -3.74 40.93
CA VAL L 23 43.53 -4.30 39.98
C VAL L 23 44.04 -4.02 38.58
N ILE L 24 43.64 -4.87 37.63
CA ILE L 24 43.82 -4.58 36.22
C ILE L 24 42.44 -4.55 35.58
N PHE L 25 42.09 -3.41 35.01
CA PHE L 25 40.91 -3.33 34.18
C PHE L 25 41.40 -3.81 32.84
N CAS L 26 40.79 -4.85 32.32
CA CAS L 26 41.17 -5.45 31.05
CB CAS L 26 41.72 -6.85 31.36
C CAS L 26 39.98 -5.50 30.14
O CAS L 26 39.01 -6.27 30.40
SG CAS L 26 42.26 -7.79 30.00
AS CAS L 26 43.90 -6.67 28.95
CE1 CAS L 26 43.73 -6.58 26.96
CE2 CAS L 26 45.41 -5.88 29.93
N ASN L 27 40.03 -4.73 29.05
CA ASN L 27 38.89 -4.63 28.16
C ASN L 27 38.93 -5.66 27.04
N ARG L 28 38.34 -6.82 27.29
CA ARG L 28 38.21 -7.88 26.29
C ARG L 28 36.92 -7.75 25.53
N SER L 29 36.67 -6.58 24.96
CA SER L 29 35.39 -6.30 24.34
C SER L 29 35.64 -5.29 23.23
N PRO L 30 34.77 -5.22 22.22
CA PRO L 30 34.95 -4.25 21.15
C PRO L 30 34.40 -2.87 21.45
N ARG L 31 33.97 -2.60 22.68
CA ARG L 31 33.40 -1.31 23.05
C ARG L 31 34.43 -0.45 23.78
N VAL L 32 34.29 0.87 23.63
CA VAL L 32 34.96 1.81 24.53
C VAL L 32 34.33 1.67 25.91
N VAL L 33 35.13 1.24 26.90
CA VAL L 33 34.61 0.86 28.22
C VAL L 33 34.70 2.04 29.18
N LEU L 34 33.61 2.26 29.93
CA LEU L 34 33.47 3.24 31.00
C LEU L 34 33.47 2.53 32.33
N PRO L 35 34.57 2.51 33.07
CA PRO L 35 34.54 2.00 34.44
C PRO L 35 33.83 3.01 35.33
N VAL L 36 33.12 2.48 36.31
CA VAL L 36 32.22 3.24 37.17
C VAL L 36 32.43 2.74 38.59
N TRP L 37 32.86 3.62 39.48
CA TRP L 37 33.09 3.25 40.87
C TRP L 37 31.84 3.63 41.64
N LEU L 38 31.39 2.77 42.52
CA LEU L 38 30.26 3.11 43.37
C LEU L 38 30.82 3.69 44.65
N ASN L 39 30.62 4.99 44.86
CA ASN L 39 31.21 5.67 46.01
C ASN L 39 30.56 5.15 47.31
N PHE L 40 30.93 5.77 48.43
CA PHE L 40 30.46 5.28 49.73
C PHE L 40 28.97 5.57 49.99
N ASP L 41 28.32 6.43 49.19
CA ASP L 41 26.88 6.67 49.30
C ASP L 41 26.08 5.88 48.29
N GLY L 42 26.73 5.05 47.46
CA GLY L 42 26.05 4.36 46.38
C GLY L 42 25.98 5.12 45.05
N GLU L 43 26.53 6.36 44.97
CA GLU L 43 26.51 7.14 43.73
C GLU L 43 27.56 6.66 42.73
N PRO L 44 27.20 6.52 41.46
CA PRO L 44 28.19 6.10 40.46
C PRO L 44 29.16 7.22 40.15
N GLN L 45 30.44 6.89 40.14
CA GLN L 45 31.50 7.83 39.76
C GLN L 45 32.20 7.33 38.51
N PRO L 46 32.16 8.08 37.42
CA PRO L 46 32.87 7.66 36.21
C PRO L 46 34.37 7.88 36.28
N TYR L 47 35.11 6.91 35.81
CA TYR L 47 36.56 6.93 35.68
C TYR L 47 36.95 6.94 34.19
N PRO L 48 38.21 7.20 33.89
CA PRO L 48 38.59 7.33 32.47
C PRO L 48 38.35 6.05 31.68
N THR L 49 38.13 6.23 30.38
CA THR L 49 37.62 5.18 29.50
C THR L 49 38.73 4.23 29.07
N LEU L 50 38.34 3.04 28.64
CA LEU L 50 39.30 2.05 28.15
C LEU L 50 39.06 1.79 26.67
N PRO L 51 40.00 2.07 25.78
CA PRO L 51 39.80 1.73 24.38
C PRO L 51 39.68 0.24 24.22
N PRO L 52 39.02 -0.22 23.15
CA PRO L 52 38.82 -1.67 23.00
C PRO L 52 40.15 -2.39 22.98
N GLY L 53 40.19 -3.55 23.64
CA GLY L 53 41.40 -4.36 23.73
C GLY L 53 42.50 -3.87 24.65
N THR L 54 42.32 -2.78 25.39
CA THR L 54 43.40 -2.25 26.22
C THR L 54 43.23 -2.67 27.68
N GLY L 55 44.27 -2.44 28.47
CA GLY L 55 44.25 -2.73 29.89
C GLY L 55 44.71 -1.52 30.70
N ARG L 56 44.58 -1.65 32.01
CA ARG L 56 45.03 -0.57 32.90
C ARG L 56 45.16 -1.08 34.32
N ARG L 57 46.28 -0.73 34.97
CA ARG L 57 46.49 -1.03 36.38
C ARG L 57 45.79 0.05 37.18
N ILE L 58 45.00 -0.37 38.17
CA ILE L 58 44.15 0.50 38.95
C ILE L 58 44.49 0.29 40.41
N HIS L 59 44.50 1.35 41.20
CA HIS L 59 44.67 1.25 42.63
C HIS L 59 43.30 1.35 43.30
N SER L 60 42.85 0.24 43.89
CA SER L 60 41.56 0.23 44.57
C SER L 60 41.75 -0.29 45.99
N TYR L 61 40.65 -0.72 46.59
CA TYR L 61 40.57 -1.05 47.99
C TYR L 61 39.66 -2.26 48.15
N ARG L 62 39.96 -3.09 49.14
CA ARG L 62 39.12 -4.27 49.32
C ARG L 62 37.70 -3.85 49.67
N GLY L 63 36.72 -4.52 49.07
CA GLY L 63 35.34 -4.17 49.34
C GLY L 63 34.75 -3.00 48.56
N HIS L 64 35.51 -2.37 47.66
CA HIS L 64 34.94 -1.37 46.77
C HIS L 64 34.15 -2.03 45.64
N LEU L 65 33.30 -1.23 44.99
CA LEU L 65 32.38 -1.78 44.01
C LEU L 65 32.64 -1.10 42.67
N TRP L 66 32.68 -1.90 41.62
CA TRP L 66 32.92 -1.40 40.29
C TRP L 66 31.94 -2.02 39.32
N LEU L 67 31.50 -1.25 38.35
CA LEU L 67 30.76 -1.81 37.25
C LEU L 67 31.27 -1.14 35.98
N PHE L 68 30.92 -1.70 34.81
CA PHE L 68 31.52 -1.23 33.57
C PHE L 68 30.47 -1.16 32.48
N ARG L 69 30.49 -0.09 31.69
CA ARG L 69 29.48 0.16 30.66
C ARG L 69 30.17 0.68 29.39
N ASP L 70 29.51 0.50 28.26
CA ASP L 70 29.88 1.17 27.01
C ASP L 70 29.89 2.69 27.21
N ALA L 71 31.02 3.32 26.93
CA ALA L 71 31.21 4.73 27.29
C ALA L 71 30.36 5.67 26.43
N GLY L 72 29.85 5.22 25.28
CA GLY L 72 29.01 6.07 24.45
C GLY L 72 27.52 5.82 24.62
N THR L 73 27.15 4.59 24.94
CA THR L 73 25.76 4.21 24.96
C THR L 73 25.27 3.70 26.28
N HIS L 74 26.16 3.41 27.23
CA HIS L 74 25.82 2.89 28.55
C HIS L 74 25.26 1.47 28.49
N ASP L 75 25.35 0.80 27.34
CA ASP L 75 25.06 -0.64 27.30
C ASP L 75 25.80 -1.30 28.43
N GLY L 76 25.15 -2.28 29.04
CA GLY L 76 25.76 -2.99 30.16
C GLY L 76 26.81 -3.96 29.65
N LEU L 77 27.90 -4.06 30.42
CA LEU L 77 28.98 -4.99 30.14
C LEU L 77 29.19 -5.86 31.36
N LEU L 78 29.80 -7.03 31.17
CA LEU L 78 30.10 -7.92 32.28
C LEU L 78 31.53 -7.73 32.73
N VAL L 79 31.78 -8.08 34.00
CA VAL L 79 33.14 -8.09 34.54
C VAL L 79 33.33 -9.38 35.31
N ASN L 80 34.26 -10.21 34.85
CA ASN L 80 34.38 -11.59 35.28
C ASN L 80 33.02 -12.24 35.35
N GLN L 81 32.28 -12.09 34.25
CA GLN L 81 31.01 -12.75 33.94
C GLN L 81 29.83 -12.36 34.83
N THR L 82 29.94 -11.30 35.62
CA THR L 82 28.80 -10.79 36.37
C THR L 82 28.80 -9.25 36.30
N GLU L 83 27.84 -8.62 36.98
CA GLU L 83 27.68 -7.18 36.79
C GLU L 83 28.57 -6.32 37.70
N LEU L 84 29.04 -6.86 38.82
CA LEU L 84 29.78 -6.06 39.78
C LEU L 84 31.13 -6.71 40.10
N PHE L 85 32.15 -5.90 40.27
CA PHE L 85 33.49 -6.40 40.54
C PHE L 85 33.97 -5.84 41.86
N VAL L 86 34.37 -6.72 42.78
CA VAL L 86 34.75 -6.29 44.12
C VAL L 86 36.22 -6.64 44.35
N PRO L 87 37.11 -5.65 44.37
CA PRO L 87 38.53 -5.94 44.62
C PRO L 87 38.72 -6.66 45.93
N SER L 88 39.47 -7.78 45.89
CA SER L 88 39.77 -8.58 47.07
C SER L 88 41.24 -8.41 47.49
N LEU L 89 41.68 -9.22 48.44
CA LEU L 89 43.06 -9.14 48.90
C LEU L 89 44.03 -9.69 47.85
N ASN L 90 45.13 -8.96 47.63
CA ASN L 90 46.17 -9.40 46.71
C ASN L 90 47.03 -10.49 47.35
N VAL L 91 47.36 -11.51 46.58
CA VAL L 91 48.04 -12.70 47.11
C VAL L 91 49.23 -13.04 46.21
N ASP L 92 50.42 -13.15 46.82
CA ASP L 92 51.66 -13.39 46.08
C ASP L 92 51.94 -12.23 45.12
N GLY L 93 51.58 -11.02 45.55
CA GLY L 93 51.85 -9.83 44.76
C GLY L 93 51.15 -9.80 43.42
N GLN L 94 50.12 -10.64 43.22
CA GLN L 94 49.41 -10.65 41.95
C GLN L 94 48.25 -9.64 41.97
N PRO L 95 48.14 -8.79 40.97
CA PRO L 95 46.95 -7.93 40.88
C PRO L 95 45.74 -8.75 40.53
N ILE L 96 44.56 -8.26 40.91
CA ILE L 96 43.31 -8.93 40.55
C ILE L 96 42.91 -8.49 39.14
N PHE L 97 42.60 -9.45 38.28
CA PHE L 97 42.13 -9.18 36.93
C PHE L 97 40.63 -8.97 36.93
N ALA L 98 40.20 -7.84 36.38
CA ALA L 98 38.80 -7.54 36.11
C ALA L 98 38.61 -7.69 34.60
N ASN L 99 38.04 -8.81 34.18
CA ASN L 99 37.89 -9.13 32.77
C ASN L 99 36.57 -8.60 32.26
N ILE L 100 36.64 -7.51 31.49
CA ILE L 100 35.48 -6.83 30.92
C ILE L 100 35.17 -7.43 29.55
N THR L 101 34.02 -8.09 29.43
CA THR L 101 33.58 -8.69 28.18
C THR L 101 32.21 -8.14 27.76
N LEU L 102 31.90 -8.29 26.47
CA LEU L 102 30.53 -8.17 25.99
C LEU L 102 29.68 -9.31 26.53
N PRO L 103 28.44 -9.04 26.91
CA PRO L 103 27.48 -10.12 27.15
C PRO L 103 26.93 -10.65 25.84
N VAL L 104 26.36 -11.84 25.93
CA VAL L 104 25.45 -12.25 24.90
C VAL L 104 24.14 -11.50 25.09
N TYR L 105 24.00 -10.36 24.44
CA TYR L 105 22.73 -9.66 24.42
C TYR L 105 21.62 -10.51 23.81
N THR L 106 20.40 -10.30 24.27
CA THR L 106 19.27 -10.81 23.52
C THR L 106 19.27 -10.19 22.11
N LEU L 107 18.73 -10.92 21.15
CA LEU L 107 18.66 -10.38 19.80
C LEU L 107 17.86 -9.07 19.78
N LYS L 108 16.76 -9.01 20.54
CA LYS L 108 15.97 -7.77 20.60
C LYS L 108 16.81 -6.59 21.07
N GLU L 109 17.52 -6.76 22.19
CA GLU L 109 18.34 -5.70 22.75
C GLU L 109 19.46 -5.32 21.79
N ARG L 110 20.03 -6.32 21.11
CA ARG L 110 21.04 -5.99 20.12
C ARG L 110 20.45 -5.13 19.01
N CYS L 111 19.22 -5.42 18.60
CA CYS L 111 18.62 -4.60 17.57
C CYS L 111 18.37 -3.19 18.06
N LEU L 112 17.86 -3.05 19.28
CA LEU L 112 17.67 -1.70 19.82
C LEU L 112 18.98 -0.94 19.83
N GLN L 113 20.11 -1.61 20.15
CA GLN L 113 21.39 -0.88 20.18
C GLN L 113 21.73 -0.35 18.81
N VAL L 114 21.51 -1.19 17.79
CA VAL L 114 21.86 -0.86 16.41
C VAL L 114 20.93 0.22 15.87
N VAL L 115 19.65 0.13 16.18
CA VAL L 115 18.74 1.16 15.71
C VAL L 115 19.03 2.49 16.40
N ARG L 116 19.24 2.47 17.72
CA ARG L 116 19.62 3.68 18.47
C ARG L 116 20.89 4.29 17.89
N SER L 117 21.83 3.44 17.48
CA SER L 117 23.06 3.93 16.86
C SER L 117 22.82 4.57 15.50
N LEU L 118 21.65 4.39 14.90
CA LEU L 118 21.44 4.85 13.54
C LEU L 118 20.44 5.99 13.41
N VAL L 119 19.52 6.14 14.36
CA VAL L 119 18.47 7.15 14.29
C VAL L 119 18.61 8.11 15.46
N LYS L 120 18.47 9.44 15.18
CA LYS L 120 18.63 10.40 16.25
C LYS L 120 17.34 10.46 17.06
N PRO L 121 17.43 10.70 18.37
CA PRO L 121 16.28 10.47 19.28
C PRO L 121 14.98 11.24 18.99
N GLU L 122 15.02 12.41 18.37
CA GLU L 122 13.80 13.06 17.88
C GLU L 122 13.02 12.15 16.93
N ASN L 123 13.73 11.32 16.16
CA ASN L 123 13.21 10.64 14.98
C ASN L 123 12.72 9.22 15.28
N TYR L 124 12.83 8.76 16.52
CA TYR L 124 12.32 7.44 16.88
C TYR L 124 10.87 7.24 16.44
N ARG L 125 10.01 8.22 16.73
CA ARG L 125 8.58 8.10 16.42
C ARG L 125 8.27 8.19 14.94
N ARG L 126 9.26 8.49 14.09
CA ARG L 126 9.21 8.47 12.62
C ARG L 126 9.48 7.10 11.98
N LEU L 127 9.68 6.02 12.75
CA LEU L 127 10.27 4.82 12.17
C LEU L 127 9.29 3.97 11.36
N ASP L 128 8.17 3.61 11.97
CA ASP L 128 7.11 2.71 11.47
C ASP L 128 7.30 1.35 12.12
N ILE L 129 7.04 1.33 13.43
CA ILE L 129 7.11 0.14 14.26
C ILE L 129 5.95 0.27 15.23
N VAL L 130 5.70 -0.77 16.04
CA VAL L 130 4.62 -0.67 17.04
C VAL L 130 4.90 0.43 18.07
N ARG L 131 3.85 0.85 18.77
CA ARG L 131 4.03 1.74 19.91
C ARG L 131 5.01 1.14 20.91
N SER L 132 4.74 -0.10 21.37
CA SER L 132 5.59 -0.70 22.40
C SER L 132 7.07 -0.66 22.05
N LEU L 133 7.40 -0.77 20.78
CA LEU L 133 8.80 -0.73 20.39
C LEU L 133 9.35 0.68 20.45
N TYR L 134 8.48 1.70 20.43
CA TYR L 134 8.95 3.08 20.57
C TYR L 134 9.43 3.35 21.99
N GLU L 135 8.65 2.87 22.98
CA GLU L 135 9.05 3.01 24.36
C GLU L 135 10.27 2.14 24.65
N ASP L 136 10.34 0.96 24.01
CA ASP L 136 11.54 0.14 24.12
C ASP L 136 12.73 0.85 23.53
N LEU L 137 12.50 1.63 22.47
CA LEU L 137 13.60 2.36 21.84
C LEU L 137 14.11 3.50 22.70
N GLU L 138 13.20 4.22 23.37
CA GLU L 138 13.55 5.43 24.12
C GLU L 138 14.12 5.11 25.49
N ASP L 139 13.88 3.91 25.99
CA ASP L 139 14.37 3.47 27.30
C ASP L 139 15.85 3.09 27.13
N HIS L 140 16.68 4.14 27.04
CA HIS L 140 18.12 3.97 26.92
C HIS L 140 18.67 3.24 28.14
N PRO L 141 19.69 2.40 27.98
CA PRO L 141 20.32 1.75 29.13
C PRO L 141 20.77 2.80 30.12
N ASN L 142 20.51 2.53 31.40
CA ASN L 142 20.61 3.56 32.41
C ASN L 142 21.17 2.94 33.68
N VAL L 143 22.32 3.46 34.13
CA VAL L 143 23.03 2.85 35.24
C VAL L 143 22.21 2.94 36.52
N GLN L 144 21.64 4.11 36.80
CA GLN L 144 20.84 4.25 38.01
C GLN L 144 19.69 3.24 38.03
N LYS L 145 18.99 3.07 36.89
CA LYS L 145 17.89 2.10 36.85
C LYS L 145 18.40 0.67 37.07
N ASP L 146 19.43 0.27 36.31
CA ASP L 146 20.01 -1.07 36.50
C ASP L 146 20.46 -1.27 37.94
N LEU L 147 21.01 -0.23 38.57
CA LEU L 147 21.34 -0.31 39.99
C LEU L 147 20.10 -0.49 40.83
N GLU L 148 19.01 0.23 40.51
CA GLU L 148 17.75 -0.01 41.21
C GLU L 148 17.35 -1.47 41.08
N ARG L 149 17.37 -1.98 39.83
CA ARG L 149 16.94 -3.35 39.57
C ARG L 149 17.77 -4.35 40.37
N LEU L 150 19.10 -4.20 40.36
CA LEU L 150 19.95 -5.16 41.05
C LEU L 150 19.72 -5.11 42.55
N THR L 151 19.38 -3.92 43.08
CA THR L 151 19.12 -3.81 44.50
C THR L 151 17.82 -4.52 44.89
N GLN L 152 16.81 -4.49 44.02
CA GLN L 152 15.58 -5.22 44.30
C GLN L 152 15.85 -6.71 44.41
N GLU L 153 16.55 -7.28 43.42
CA GLU L 153 16.80 -8.71 43.37
C GLU L 153 17.58 -9.21 44.61
N ARG L 154 18.51 -8.39 45.15
CA ARG L 154 19.28 -8.75 46.37
C ARG L 154 18.54 -8.51 47.68
C ACT M . -23.68 24.61 -20.58
O ACT M . -24.95 24.91 -20.56
OXT ACT M . -23.07 23.80 -21.34
CH3 ACT M . -22.75 25.35 -19.50
C ACT N . 19.33 39.12 -6.48
O ACT N . 18.16 39.52 -6.07
OXT ACT N . 19.63 38.27 -7.43
CH3 ACT N . 20.57 39.76 -5.69
C10 F4K O . 16.10 35.54 11.22
C13 F4K O . 17.93 36.00 10.10
C02 F4K O . 14.49 33.15 5.50
C03 F4K O . 15.12 33.68 6.70
C04 F4K O . 16.28 33.12 7.25
C05 F4K O . 16.84 33.71 8.39
C06 F4K O . 16.22 34.83 8.96
C07 F4K O . 15.07 35.40 8.40
C08 F4K O . 14.53 34.82 7.27
C11 F4K O . 16.97 36.23 12.06
C12 F4K O . 18.12 36.52 11.36
N09 F4K O . 16.73 35.41 10.05
O01 F4K O . 14.03 34.18 4.72
C1 IPA P . 31.14 44.14 21.31
C2 IPA P . 30.03 43.50 20.46
C3 IPA P . 29.87 44.41 19.27
O2 IPA P . 30.28 42.16 20.02
C10 F4K Q . 26.15 -3.73 34.28
C13 F4K Q . 24.17 -3.76 35.25
C02 F4K Q . 22.85 -6.88 29.73
C03 F4K Q . 23.37 -6.13 30.92
C04 F4K Q . 22.54 -5.28 31.65
C05 F4K Q . 23.04 -4.59 32.74
C06 F4K Q . 24.36 -4.78 33.10
C07 F4K Q . 25.20 -5.61 32.37
C08 F4K Q . 24.70 -6.28 31.27
C11 F4K Q . 26.26 -3.08 35.50
C12 F4K Q . 25.02 -3.09 36.11
N09 F4K Q . 24.87 -4.12 34.16
O01 F4K Q . 22.13 -6.12 28.83
C ACT R . 27.08 -0.93 17.80
O ACT R . 26.16 -1.15 18.63
OXT ACT R . 28.07 -1.66 17.46
CH3 ACT R . 26.96 0.44 17.04
C1 IPA S . 39.16 5.23 45.09
C2 IPA S . 38.88 4.28 43.92
C3 IPA S . 40.13 4.08 43.04
O2 IPA S . 38.38 3.04 44.41
#